data_2BM3
# 
_entry.id   2BM3 
# 
_audit_conform.dict_name       mmcif_pdbx.dic 
_audit_conform.dict_version    5.391 
_audit_conform.dict_location   http://mmcif.pdb.org/dictionaries/ascii/mmcif_pdbx.dic 
# 
loop_
_database_2.database_id 
_database_2.database_code 
_database_2.pdbx_database_accession 
_database_2.pdbx_DOI 
PDB   2BM3         pdb_00002bm3 10.2210/pdb2bm3/pdb 
PDBE  EBI-23204    ?            ?                   
WWPDB D_1290023204 ?            ?                   
# 
loop_
_pdbx_audit_revision_history.ordinal 
_pdbx_audit_revision_history.data_content_type 
_pdbx_audit_revision_history.major_revision 
_pdbx_audit_revision_history.minor_revision 
_pdbx_audit_revision_history.revision_date 
1 'Structure model' 1 0 2005-03-10 
2 'Structure model' 1 1 2013-03-06 
3 'Structure model' 1 2 2024-05-08 
# 
_pdbx_audit_revision_details.ordinal             1 
_pdbx_audit_revision_details.revision_ordinal    1 
_pdbx_audit_revision_details.data_content_type   'Structure model' 
_pdbx_audit_revision_details.provider            repository 
_pdbx_audit_revision_details.type                'Initial release' 
_pdbx_audit_revision_details.description         ? 
_pdbx_audit_revision_details.details             ? 
# 
loop_
_pdbx_audit_revision_group.ordinal 
_pdbx_audit_revision_group.revision_ordinal 
_pdbx_audit_revision_group.data_content_type 
_pdbx_audit_revision_group.group 
1  2 'Structure model' 'Data collection'           
2  2 'Structure model' 'Database references'       
3  2 'Structure model' 'Derived calculations'      
4  2 'Structure model' 'Non-polymer description'   
5  2 'Structure model' Other                       
6  2 'Structure model' 'Structure summary'         
7  2 'Structure model' 'Version format compliance' 
8  3 'Structure model' 'Data collection'           
9  3 'Structure model' 'Database references'       
10 3 'Structure model' 'Derived calculations'      
11 3 'Structure model' Other                       
# 
loop_
_pdbx_audit_revision_category.ordinal 
_pdbx_audit_revision_category.revision_ordinal 
_pdbx_audit_revision_category.data_content_type 
_pdbx_audit_revision_category.category 
1 3 'Structure model' chem_comp_atom       
2 3 'Structure model' chem_comp_bond       
3 3 'Structure model' database_2           
4 3 'Structure model' pdbx_database_status 
5 3 'Structure model' struct_site          
# 
loop_
_pdbx_audit_revision_item.ordinal 
_pdbx_audit_revision_item.revision_ordinal 
_pdbx_audit_revision_item.data_content_type 
_pdbx_audit_revision_item.item 
1 3 'Structure model' '_database_2.pdbx_DOI'                 
2 3 'Structure model' '_database_2.pdbx_database_accession'  
3 3 'Structure model' '_pdbx_database_status.status_code_sf' 
4 3 'Structure model' '_struct_site.pdbx_auth_asym_id'       
5 3 'Structure model' '_struct_site.pdbx_auth_comp_id'       
6 3 'Structure model' '_struct_site.pdbx_auth_seq_id'        
# 
_pdbx_database_status.status_code                     REL 
_pdbx_database_status.entry_id                        2BM3 
_pdbx_database_status.deposit_site                    PDBE 
_pdbx_database_status.process_site                    PDBE 
_pdbx_database_status.SG_entry                        . 
_pdbx_database_status.recvd_initial_deposition_date   2005-03-09 
_pdbx_database_status.pdb_format_compatible           Y 
_pdbx_database_status.status_code_sf                  REL 
_pdbx_database_status.status_code_mr                  ? 
_pdbx_database_status.status_code_cs                  ? 
_pdbx_database_status.methods_development_category    ? 
_pdbx_database_status.status_code_nmr_data            ? 
# 
loop_
_audit_author.name 
_audit_author.pdbx_ordinal 
'Carvalho, A.L.'   1  
'Gloster, T.M.'    2  
'Pires, V.M.R.'    3  
'Proctor, M.R.'    4  
'Prates, J.A.M.'   5  
'Ferreira, L.M.A.' 6  
'Turkenburg, J.P.' 7  
'Romao, M.J.'      8  
'Davies, G.J.'     9  
'Gilbert, H.J.'    10 
'Fontes, C.M.G.A.' 11 
# 
_citation.id                        primary 
_citation.title                     
;Insights Into the Structural Determinants of Cohesin-Dockerin Specificity Revealed by the Crystal Structure of the Type II Cohesin from Clostridium Thermocellum Sdba.
;
_citation.journal_abbrev            J.Mol.Biol. 
_citation.journal_volume            349 
_citation.page_first                909 
_citation.page_last                 ? 
_citation.year                      2005 
_citation.journal_id_ASTM           JMOBAK 
_citation.country                   UK 
_citation.journal_id_ISSN           0022-2836 
_citation.journal_id_CSD            0070 
_citation.book_publisher            ? 
_citation.pdbx_database_id_PubMed   15913653 
_citation.pdbx_database_id_DOI      10.1016/J.JMB.2005.04.037 
# 
loop_
_citation_author.citation_id 
_citation_author.name 
_citation_author.ordinal 
_citation_author.identifier_ORCID 
primary 'Carvalho, A.L.'   1  ? 
primary 'Pires, V.M.R.'    2  ? 
primary 'Gloster, T.M.'    3  ? 
primary 'Turkenburg, J.P.' 4  ? 
primary 'Prates, J.A.M.'   5  ? 
primary 'Ferreira, L.M.A.' 6  ? 
primary 'Romao, M.J.'      7  ? 
primary 'Davies, G.J.'     8  ? 
primary 'Fontes, C.M.G.A.' 9  ? 
primary 'Gilbert, H.J.'    10 ? 
# 
loop_
_entity.id 
_entity.type 
_entity.src_method 
_entity.pdbx_description 
_entity.formula_weight 
_entity.pdbx_number_of_molecules 
_entity.pdbx_ec 
_entity.pdbx_mutation 
_entity.pdbx_fragment 
_entity.details 
1 polymer     man 'SCAFFOLDING DOCKERIN BINDING PROTEIN A' 18062.449 1   ? ? 'RESIDUES 29-191' ? 
2 non-polymer syn 'ISOPROPYL ALCOHOL'                      60.095    4   ? ? ?                 ? 
3 water       nat water                                    18.015    194 ? ? ?                 ? 
# 
_entity_name_com.entity_id   1 
_entity_name_com.name        'TYPE 2 COHESIN' 
# 
_entity_poly.entity_id                      1 
_entity_poly.type                           'polypeptide(L)' 
_entity_poly.nstd_linkage                   no 
_entity_poly.nstd_monomer                   no 
_entity_poly.pdbx_seq_one_letter_code       
;MASDKASSIELKFDRNKGEVGDILIGTVRINNIKNFAGFQVNIVYDPKVLMAVDPETGKEFTSSTFPPGRTVLKNNAYGP
IQIADNDPEKGILNFALAYSYIAGYKETGVAEESGIIAKIGFKILQKKSTAVKFQDTLSMPGAISGTQLFDWDGEVITGY
EVIQPD
;
_entity_poly.pdbx_seq_one_letter_code_can   
;MASDKASSIELKFDRNKGEVGDILIGTVRINNIKNFAGFQVNIVYDPKVLMAVDPETGKEFTSSTFPPGRTVLKNNAYGP
IQIADNDPEKGILNFALAYSYIAGYKETGVAEESGIIAKIGFKILQKKSTAVKFQDTLSMPGAISGTQLFDWDGEVITGY
EVIQPD
;
_entity_poly.pdbx_strand_id                 A 
_entity_poly.pdbx_target_identifier         ? 
# 
loop_
_pdbx_entity_nonpoly.entity_id 
_pdbx_entity_nonpoly.name 
_pdbx_entity_nonpoly.comp_id 
2 'ISOPROPYL ALCOHOL' IPA 
3 water               HOH 
# 
loop_
_entity_poly_seq.entity_id 
_entity_poly_seq.num 
_entity_poly_seq.mon_id 
_entity_poly_seq.hetero 
1 1   MET n 
1 2   ALA n 
1 3   SER n 
1 4   ASP n 
1 5   LYS n 
1 6   ALA n 
1 7   SER n 
1 8   SER n 
1 9   ILE n 
1 10  GLU n 
1 11  LEU n 
1 12  LYS n 
1 13  PHE n 
1 14  ASP n 
1 15  ARG n 
1 16  ASN n 
1 17  LYS n 
1 18  GLY n 
1 19  GLU n 
1 20  VAL n 
1 21  GLY n 
1 22  ASP n 
1 23  ILE n 
1 24  LEU n 
1 25  ILE n 
1 26  GLY n 
1 27  THR n 
1 28  VAL n 
1 29  ARG n 
1 30  ILE n 
1 31  ASN n 
1 32  ASN n 
1 33  ILE n 
1 34  LYS n 
1 35  ASN n 
1 36  PHE n 
1 37  ALA n 
1 38  GLY n 
1 39  PHE n 
1 40  GLN n 
1 41  VAL n 
1 42  ASN n 
1 43  ILE n 
1 44  VAL n 
1 45  TYR n 
1 46  ASP n 
1 47  PRO n 
1 48  LYS n 
1 49  VAL n 
1 50  LEU n 
1 51  MET n 
1 52  ALA n 
1 53  VAL n 
1 54  ASP n 
1 55  PRO n 
1 56  GLU n 
1 57  THR n 
1 58  GLY n 
1 59  LYS n 
1 60  GLU n 
1 61  PHE n 
1 62  THR n 
1 63  SER n 
1 64  SER n 
1 65  THR n 
1 66  PHE n 
1 67  PRO n 
1 68  PRO n 
1 69  GLY n 
1 70  ARG n 
1 71  THR n 
1 72  VAL n 
1 73  LEU n 
1 74  LYS n 
1 75  ASN n 
1 76  ASN n 
1 77  ALA n 
1 78  TYR n 
1 79  GLY n 
1 80  PRO n 
1 81  ILE n 
1 82  GLN n 
1 83  ILE n 
1 84  ALA n 
1 85  ASP n 
1 86  ASN n 
1 87  ASP n 
1 88  PRO n 
1 89  GLU n 
1 90  LYS n 
1 91  GLY n 
1 92  ILE n 
1 93  LEU n 
1 94  ASN n 
1 95  PHE n 
1 96  ALA n 
1 97  LEU n 
1 98  ALA n 
1 99  TYR n 
1 100 SER n 
1 101 TYR n 
1 102 ILE n 
1 103 ALA n 
1 104 GLY n 
1 105 TYR n 
1 106 LYS n 
1 107 GLU n 
1 108 THR n 
1 109 GLY n 
1 110 VAL n 
1 111 ALA n 
1 112 GLU n 
1 113 GLU n 
1 114 SER n 
1 115 GLY n 
1 116 ILE n 
1 117 ILE n 
1 118 ALA n 
1 119 LYS n 
1 120 ILE n 
1 121 GLY n 
1 122 PHE n 
1 123 LYS n 
1 124 ILE n 
1 125 LEU n 
1 126 GLN n 
1 127 LYS n 
1 128 LYS n 
1 129 SER n 
1 130 THR n 
1 131 ALA n 
1 132 VAL n 
1 133 LYS n 
1 134 PHE n 
1 135 GLN n 
1 136 ASP n 
1 137 THR n 
1 138 LEU n 
1 139 SER n 
1 140 MET n 
1 141 PRO n 
1 142 GLY n 
1 143 ALA n 
1 144 ILE n 
1 145 SER n 
1 146 GLY n 
1 147 THR n 
1 148 GLN n 
1 149 LEU n 
1 150 PHE n 
1 151 ASP n 
1 152 TRP n 
1 153 ASP n 
1 154 GLY n 
1 155 GLU n 
1 156 VAL n 
1 157 ILE n 
1 158 THR n 
1 159 GLY n 
1 160 TYR n 
1 161 GLU n 
1 162 VAL n 
1 163 ILE n 
1 164 GLN n 
1 165 PRO n 
1 166 ASP n 
# 
_entity_src_gen.entity_id                          1 
_entity_src_gen.pdbx_src_id                        1 
_entity_src_gen.pdbx_alt_source_flag               sample 
_entity_src_gen.pdbx_seq_type                      ? 
_entity_src_gen.pdbx_beg_seq_num                   ? 
_entity_src_gen.pdbx_end_seq_num                   ? 
_entity_src_gen.gene_src_common_name               ? 
_entity_src_gen.gene_src_genus                     ? 
_entity_src_gen.pdbx_gene_src_gene                 ? 
_entity_src_gen.gene_src_species                   ? 
_entity_src_gen.gene_src_strain                    ? 
_entity_src_gen.gene_src_tissue                    ? 
_entity_src_gen.gene_src_tissue_fraction           ? 
_entity_src_gen.gene_src_details                   ? 
_entity_src_gen.pdbx_gene_src_fragment             ? 
_entity_src_gen.pdbx_gene_src_scientific_name      'CLOSTRIDIUM THERMOCELLUM' 
_entity_src_gen.pdbx_gene_src_ncbi_taxonomy_id     1515 
_entity_src_gen.pdbx_gene_src_variant              ? 
_entity_src_gen.pdbx_gene_src_cell_line            ? 
_entity_src_gen.pdbx_gene_src_atcc                 ? 
_entity_src_gen.pdbx_gene_src_organ                ? 
_entity_src_gen.pdbx_gene_src_organelle            ? 
_entity_src_gen.pdbx_gene_src_cell                 ? 
_entity_src_gen.pdbx_gene_src_cellular_location    ? 
_entity_src_gen.host_org_common_name               ? 
_entity_src_gen.pdbx_host_org_scientific_name      'ESCHERICHIA COLI' 
_entity_src_gen.pdbx_host_org_ncbi_taxonomy_id     511693 
_entity_src_gen.host_org_genus                     ? 
_entity_src_gen.pdbx_host_org_gene                 ? 
_entity_src_gen.pdbx_host_org_organ                ? 
_entity_src_gen.host_org_species                   ? 
_entity_src_gen.pdbx_host_org_tissue               ? 
_entity_src_gen.pdbx_host_org_tissue_fraction      ? 
_entity_src_gen.pdbx_host_org_strain               BL21 
_entity_src_gen.pdbx_host_org_variant              ? 
_entity_src_gen.pdbx_host_org_cell_line            ? 
_entity_src_gen.pdbx_host_org_atcc                 ? 
_entity_src_gen.pdbx_host_org_culture_collection   ? 
_entity_src_gen.pdbx_host_org_cell                 ? 
_entity_src_gen.pdbx_host_org_organelle            ? 
_entity_src_gen.pdbx_host_org_cellular_location    ? 
_entity_src_gen.pdbx_host_org_vector_type          ? 
_entity_src_gen.pdbx_host_org_vector               ? 
_entity_src_gen.host_org_details                   ? 
_entity_src_gen.expression_system_id               ? 
_entity_src_gen.plasmid_name                       ? 
_entity_src_gen.plasmid_details                    ? 
_entity_src_gen.pdbx_description                   ? 
# 
loop_
_chem_comp.id 
_chem_comp.type 
_chem_comp.mon_nstd_flag 
_chem_comp.name 
_chem_comp.pdbx_synonyms 
_chem_comp.formula 
_chem_comp.formula_weight 
ALA 'L-peptide linking' y ALANINE             ?          'C3 H7 N O2'     89.093  
ARG 'L-peptide linking' y ARGININE            ?          'C6 H15 N4 O2 1' 175.209 
ASN 'L-peptide linking' y ASPARAGINE          ?          'C4 H8 N2 O3'    132.118 
ASP 'L-peptide linking' y 'ASPARTIC ACID'     ?          'C4 H7 N O4'     133.103 
GLN 'L-peptide linking' y GLUTAMINE           ?          'C5 H10 N2 O3'   146.144 
GLU 'L-peptide linking' y 'GLUTAMIC ACID'     ?          'C5 H9 N O4'     147.129 
GLY 'peptide linking'   y GLYCINE             ?          'C2 H5 N O2'     75.067  
HOH non-polymer         . WATER               ?          'H2 O'           18.015  
ILE 'L-peptide linking' y ISOLEUCINE          ?          'C6 H13 N O2'    131.173 
IPA non-polymer         . 'ISOPROPYL ALCOHOL' 2-PROPANOL 'C3 H8 O'        60.095  
LEU 'L-peptide linking' y LEUCINE             ?          'C6 H13 N O2'    131.173 
LYS 'L-peptide linking' y LYSINE              ?          'C6 H15 N2 O2 1' 147.195 
MET 'L-peptide linking' y METHIONINE          ?          'C5 H11 N O2 S'  149.211 
PHE 'L-peptide linking' y PHENYLALANINE       ?          'C9 H11 N O2'    165.189 
PRO 'L-peptide linking' y PROLINE             ?          'C5 H9 N O2'     115.130 
SER 'L-peptide linking' y SERINE              ?          'C3 H7 N O3'     105.093 
THR 'L-peptide linking' y THREONINE           ?          'C4 H9 N O3'     119.119 
TRP 'L-peptide linking' y TRYPTOPHAN          ?          'C11 H12 N2 O2'  204.225 
TYR 'L-peptide linking' y TYROSINE            ?          'C9 H11 N O3'    181.189 
VAL 'L-peptide linking' y VALINE              ?          'C5 H11 N O2'    117.146 
# 
loop_
_pdbx_poly_seq_scheme.asym_id 
_pdbx_poly_seq_scheme.entity_id 
_pdbx_poly_seq_scheme.seq_id 
_pdbx_poly_seq_scheme.mon_id 
_pdbx_poly_seq_scheme.ndb_seq_num 
_pdbx_poly_seq_scheme.pdb_seq_num 
_pdbx_poly_seq_scheme.auth_seq_num 
_pdbx_poly_seq_scheme.pdb_mon_id 
_pdbx_poly_seq_scheme.auth_mon_id 
_pdbx_poly_seq_scheme.pdb_strand_id 
_pdbx_poly_seq_scheme.pdb_ins_code 
_pdbx_poly_seq_scheme.hetero 
A 1 1   MET 1   1   ?   ?   ?   A . n 
A 1 2   ALA 2   2   ?   ?   ?   A . n 
A 1 3   SER 3   3   ?   ?   ?   A . n 
A 1 4   ASP 4   4   ?   ?   ?   A . n 
A 1 5   LYS 5   5   5   LYS LYS A . n 
A 1 6   ALA 6   6   6   ALA ALA A . n 
A 1 7   SER 7   7   7   SER SER A . n 
A 1 8   SER 8   8   8   SER SER A . n 
A 1 9   ILE 9   9   9   ILE ILE A . n 
A 1 10  GLU 10  10  10  GLU GLU A . n 
A 1 11  LEU 11  11  11  LEU LEU A . n 
A 1 12  LYS 12  12  12  LYS LYS A . n 
A 1 13  PHE 13  13  13  PHE PHE A . n 
A 1 14  ASP 14  14  14  ASP ASP A . n 
A 1 15  ARG 15  15  15  ARG ARG A . n 
A 1 16  ASN 16  16  16  ASN ASN A . n 
A 1 17  LYS 17  17  17  LYS LYS A . n 
A 1 18  GLY 18  18  18  GLY GLY A . n 
A 1 19  GLU 19  19  19  GLU GLU A . n 
A 1 20  VAL 20  20  20  VAL VAL A . n 
A 1 21  GLY 21  21  21  GLY GLY A . n 
A 1 22  ASP 22  22  22  ASP ASP A . n 
A 1 23  ILE 23  23  23  ILE ILE A . n 
A 1 24  LEU 24  24  24  LEU LEU A . n 
A 1 25  ILE 25  25  25  ILE ILE A . n 
A 1 26  GLY 26  26  26  GLY GLY A . n 
A 1 27  THR 27  27  27  THR THR A . n 
A 1 28  VAL 28  28  28  VAL VAL A . n 
A 1 29  ARG 29  29  29  ARG ARG A . n 
A 1 30  ILE 30  30  30  ILE ILE A . n 
A 1 31  ASN 31  31  31  ASN ASN A . n 
A 1 32  ASN 32  32  32  ASN ASN A . n 
A 1 33  ILE 33  33  33  ILE ILE A . n 
A 1 34  LYS 34  34  34  LYS LYS A . n 
A 1 35  ASN 35  35  35  ASN ASN A . n 
A 1 36  PHE 36  36  36  PHE PHE A . n 
A 1 37  ALA 37  37  37  ALA ALA A . n 
A 1 38  GLY 38  38  38  GLY GLY A . n 
A 1 39  PHE 39  39  39  PHE PHE A . n 
A 1 40  GLN 40  40  40  GLN GLN A . n 
A 1 41  VAL 41  41  41  VAL VAL A . n 
A 1 42  ASN 42  42  42  ASN ASN A . n 
A 1 43  ILE 43  43  43  ILE ILE A . n 
A 1 44  VAL 44  44  44  VAL VAL A . n 
A 1 45  TYR 45  45  45  TYR TYR A . n 
A 1 46  ASP 46  46  46  ASP ASP A . n 
A 1 47  PRO 47  47  47  PRO PRO A . n 
A 1 48  LYS 48  48  48  LYS LYS A . n 
A 1 49  VAL 49  49  49  VAL VAL A . n 
A 1 50  LEU 50  50  50  LEU LEU A . n 
A 1 51  MET 51  51  51  MET MET A . n 
A 1 52  ALA 52  52  52  ALA ALA A . n 
A 1 53  VAL 53  53  53  VAL VAL A . n 
A 1 54  ASP 54  54  54  ASP ASP A . n 
A 1 55  PRO 55  55  55  PRO PRO A . n 
A 1 56  GLU 56  56  56  GLU GLU A . n 
A 1 57  THR 57  57  57  THR THR A . n 
A 1 58  GLY 58  58  58  GLY GLY A . n 
A 1 59  LYS 59  59  59  LYS LYS A . n 
A 1 60  GLU 60  60  60  GLU GLU A . n 
A 1 61  PHE 61  61  61  PHE PHE A . n 
A 1 62  THR 62  62  62  THR THR A . n 
A 1 63  SER 63  63  63  SER SER A . n 
A 1 64  SER 64  64  64  SER SER A . n 
A 1 65  THR 65  65  65  THR THR A . n 
A 1 66  PHE 66  66  66  PHE PHE A . n 
A 1 67  PRO 67  67  67  PRO PRO A . n 
A 1 68  PRO 68  68  68  PRO PRO A . n 
A 1 69  GLY 69  69  69  GLY GLY A . n 
A 1 70  ARG 70  70  70  ARG ARG A . n 
A 1 71  THR 71  71  71  THR THR A . n 
A 1 72  VAL 72  72  72  VAL VAL A . n 
A 1 73  LEU 73  73  73  LEU LEU A . n 
A 1 74  LYS 74  74  74  LYS LYS A . n 
A 1 75  ASN 75  75  75  ASN ASN A . n 
A 1 76  ASN 76  76  76  ASN ASN A . n 
A 1 77  ALA 77  77  77  ALA ALA A . n 
A 1 78  TYR 78  78  78  TYR TYR A . n 
A 1 79  GLY 79  79  79  GLY GLY A . n 
A 1 80  PRO 80  80  80  PRO PRO A . n 
A 1 81  ILE 81  81  81  ILE ILE A . n 
A 1 82  GLN 82  82  82  GLN GLN A . n 
A 1 83  ILE 83  83  83  ILE ILE A . n 
A 1 84  ALA 84  84  84  ALA ALA A . n 
A 1 85  ASP 85  85  85  ASP ASP A . n 
A 1 86  ASN 86  86  86  ASN ASN A . n 
A 1 87  ASP 87  87  87  ASP ASP A . n 
A 1 88  PRO 88  88  88  PRO PRO A . n 
A 1 89  GLU 89  89  89  GLU GLU A . n 
A 1 90  LYS 90  90  90  LYS LYS A . n 
A 1 91  GLY 91  91  91  GLY GLY A . n 
A 1 92  ILE 92  92  92  ILE ILE A . n 
A 1 93  LEU 93  93  93  LEU LEU A . n 
A 1 94  ASN 94  94  94  ASN ASN A . n 
A 1 95  PHE 95  95  95  PHE PHE A . n 
A 1 96  ALA 96  96  96  ALA ALA A . n 
A 1 97  LEU 97  97  97  LEU LEU A . n 
A 1 98  ALA 98  98  98  ALA ALA A . n 
A 1 99  TYR 99  99  99  TYR TYR A . n 
A 1 100 SER 100 100 100 SER SER A . n 
A 1 101 TYR 101 101 101 TYR TYR A . n 
A 1 102 ILE 102 102 102 ILE ILE A . n 
A 1 103 ALA 103 103 103 ALA ALA A . n 
A 1 104 GLY 104 104 104 GLY GLY A . n 
A 1 105 TYR 105 105 105 TYR TYR A . n 
A 1 106 LYS 106 106 106 LYS LYS A . n 
A 1 107 GLU 107 107 107 GLU GLU A . n 
A 1 108 THR 108 108 108 THR THR A . n 
A 1 109 GLY 109 109 109 GLY GLY A . n 
A 1 110 VAL 110 110 110 VAL VAL A . n 
A 1 111 ALA 111 111 111 ALA ALA A . n 
A 1 112 GLU 112 112 112 GLU GLU A . n 
A 1 113 GLU 113 113 113 GLU GLU A . n 
A 1 114 SER 114 114 114 SER SER A . n 
A 1 115 GLY 115 115 115 GLY GLY A . n 
A 1 116 ILE 116 116 116 ILE ILE A . n 
A 1 117 ILE 117 117 117 ILE ILE A . n 
A 1 118 ALA 118 118 118 ALA ALA A . n 
A 1 119 LYS 119 119 119 LYS LYS A . n 
A 1 120 ILE 120 120 120 ILE ILE A . n 
A 1 121 GLY 121 121 121 GLY GLY A . n 
A 1 122 PHE 122 122 122 PHE PHE A . n 
A 1 123 LYS 123 123 123 LYS LYS A . n 
A 1 124 ILE 124 124 124 ILE ILE A . n 
A 1 125 LEU 125 125 125 LEU LEU A . n 
A 1 126 GLN 126 126 126 GLN GLN A . n 
A 1 127 LYS 127 127 127 LYS LYS A . n 
A 1 128 LYS 128 128 128 LYS LYS A . n 
A 1 129 SER 129 129 129 SER SER A . n 
A 1 130 THR 130 130 130 THR THR A . n 
A 1 131 ALA 131 131 131 ALA ALA A . n 
A 1 132 VAL 132 132 132 VAL VAL A . n 
A 1 133 LYS 133 133 133 LYS LYS A . n 
A 1 134 PHE 134 134 134 PHE PHE A . n 
A 1 135 GLN 135 135 135 GLN GLN A . n 
A 1 136 ASP 136 136 136 ASP ASP A . n 
A 1 137 THR 137 137 137 THR THR A . n 
A 1 138 LEU 138 138 138 LEU LEU A . n 
A 1 139 SER 139 139 139 SER SER A . n 
A 1 140 MET 140 140 140 MET MET A . n 
A 1 141 PRO 141 141 141 PRO PRO A . n 
A 1 142 GLY 142 142 142 GLY GLY A . n 
A 1 143 ALA 143 143 143 ALA ALA A . n 
A 1 144 ILE 144 144 144 ILE ILE A . n 
A 1 145 SER 145 145 145 SER SER A . n 
A 1 146 GLY 146 146 146 GLY GLY A . n 
A 1 147 THR 147 147 147 THR THR A . n 
A 1 148 GLN 148 148 148 GLN GLN A . n 
A 1 149 LEU 149 149 149 LEU LEU A . n 
A 1 150 PHE 150 150 150 PHE PHE A . n 
A 1 151 ASP 151 151 151 ASP ASP A . n 
A 1 152 TRP 152 152 152 TRP TRP A . n 
A 1 153 ASP 153 153 153 ASP ASP A . n 
A 1 154 GLY 154 154 154 GLY GLY A . n 
A 1 155 GLU 155 155 155 GLU GLU A . n 
A 1 156 VAL 156 156 156 VAL VAL A . n 
A 1 157 ILE 157 157 157 ILE ILE A . n 
A 1 158 THR 158 158 158 THR THR A . n 
A 1 159 GLY 159 159 159 GLY GLY A . n 
A 1 160 TYR 160 160 160 TYR TYR A . n 
A 1 161 GLU 161 161 161 GLU GLU A . n 
A 1 162 VAL 162 162 162 VAL VAL A . n 
A 1 163 ILE 163 163 163 ILE ILE A . n 
A 1 164 GLN 164 164 164 GLN GLN A . n 
A 1 165 PRO 165 165 165 PRO PRO A . n 
A 1 166 ASP 166 166 166 ASP ASP A . n 
# 
loop_
_pdbx_nonpoly_scheme.asym_id 
_pdbx_nonpoly_scheme.entity_id 
_pdbx_nonpoly_scheme.mon_id 
_pdbx_nonpoly_scheme.ndb_seq_num 
_pdbx_nonpoly_scheme.pdb_seq_num 
_pdbx_nonpoly_scheme.auth_seq_num 
_pdbx_nonpoly_scheme.pdb_mon_id 
_pdbx_nonpoly_scheme.auth_mon_id 
_pdbx_nonpoly_scheme.pdb_strand_id 
_pdbx_nonpoly_scheme.pdb_ins_code 
B 2 IPA 1   1167 1167 IPA IPA A . 
C 2 IPA 1   1168 1168 IPA IPA A . 
D 2 IPA 1   1169 1169 IPA IPA A . 
E 2 IPA 1   1170 1170 IPA IPA A . 
F 3 HOH 1   2001 2001 HOH HOH A . 
F 3 HOH 2   2002 2002 HOH HOH A . 
F 3 HOH 3   2003 2003 HOH HOH A . 
F 3 HOH 4   2004 2004 HOH HOH A . 
F 3 HOH 5   2005 2005 HOH HOH A . 
F 3 HOH 6   2006 2006 HOH HOH A . 
F 3 HOH 7   2007 2007 HOH HOH A . 
F 3 HOH 8   2008 2008 HOH HOH A . 
F 3 HOH 9   2009 2009 HOH HOH A . 
F 3 HOH 10  2010 2010 HOH HOH A . 
F 3 HOH 11  2011 2011 HOH HOH A . 
F 3 HOH 12  2012 2012 HOH HOH A . 
F 3 HOH 13  2013 2013 HOH HOH A . 
F 3 HOH 14  2014 2014 HOH HOH A . 
F 3 HOH 15  2015 2015 HOH HOH A . 
F 3 HOH 16  2016 2016 HOH HOH A . 
F 3 HOH 17  2017 2017 HOH HOH A . 
F 3 HOH 18  2018 2018 HOH HOH A . 
F 3 HOH 19  2019 2019 HOH HOH A . 
F 3 HOH 20  2020 2020 HOH HOH A . 
F 3 HOH 21  2021 2021 HOH HOH A . 
F 3 HOH 22  2022 2022 HOH HOH A . 
F 3 HOH 23  2023 2023 HOH HOH A . 
F 3 HOH 24  2024 2024 HOH HOH A . 
F 3 HOH 25  2025 2025 HOH HOH A . 
F 3 HOH 26  2026 2026 HOH HOH A . 
F 3 HOH 27  2027 2027 HOH HOH A . 
F 3 HOH 28  2028 2028 HOH HOH A . 
F 3 HOH 29  2029 2029 HOH HOH A . 
F 3 HOH 30  2030 2030 HOH HOH A . 
F 3 HOH 31  2031 2031 HOH HOH A . 
F 3 HOH 32  2032 2032 HOH HOH A . 
F 3 HOH 33  2033 2033 HOH HOH A . 
F 3 HOH 34  2034 2034 HOH HOH A . 
F 3 HOH 35  2035 2035 HOH HOH A . 
F 3 HOH 36  2036 2036 HOH HOH A . 
F 3 HOH 37  2037 2037 HOH HOH A . 
F 3 HOH 38  2038 2038 HOH HOH A . 
F 3 HOH 39  2039 2039 HOH HOH A . 
F 3 HOH 40  2040 2040 HOH HOH A . 
F 3 HOH 41  2041 2041 HOH HOH A . 
F 3 HOH 42  2042 2042 HOH HOH A . 
F 3 HOH 43  2043 2043 HOH HOH A . 
F 3 HOH 44  2044 2044 HOH HOH A . 
F 3 HOH 45  2045 2045 HOH HOH A . 
F 3 HOH 46  2046 2046 HOH HOH A . 
F 3 HOH 47  2047 2047 HOH HOH A . 
F 3 HOH 48  2048 2048 HOH HOH A . 
F 3 HOH 49  2049 2049 HOH HOH A . 
F 3 HOH 50  2050 2050 HOH HOH A . 
F 3 HOH 51  2051 2051 HOH HOH A . 
F 3 HOH 52  2052 2052 HOH HOH A . 
F 3 HOH 53  2053 2053 HOH HOH A . 
F 3 HOH 54  2054 2054 HOH HOH A . 
F 3 HOH 55  2055 2055 HOH HOH A . 
F 3 HOH 56  2056 2056 HOH HOH A . 
F 3 HOH 57  2057 2057 HOH HOH A . 
F 3 HOH 58  2058 2058 HOH HOH A . 
F 3 HOH 59  2059 2059 HOH HOH A . 
F 3 HOH 60  2060 2060 HOH HOH A . 
F 3 HOH 61  2061 2061 HOH HOH A . 
F 3 HOH 62  2062 2062 HOH HOH A . 
F 3 HOH 63  2063 2063 HOH HOH A . 
F 3 HOH 64  2064 2064 HOH HOH A . 
F 3 HOH 65  2065 2065 HOH HOH A . 
F 3 HOH 66  2066 2066 HOH HOH A . 
F 3 HOH 67  2067 2067 HOH HOH A . 
F 3 HOH 68  2068 2068 HOH HOH A . 
F 3 HOH 69  2069 2069 HOH HOH A . 
F 3 HOH 70  2070 2070 HOH HOH A . 
F 3 HOH 71  2071 2071 HOH HOH A . 
F 3 HOH 72  2072 2072 HOH HOH A . 
F 3 HOH 73  2073 2073 HOH HOH A . 
F 3 HOH 74  2074 2074 HOH HOH A . 
F 3 HOH 75  2075 2075 HOH HOH A . 
F 3 HOH 76  2076 2076 HOH HOH A . 
F 3 HOH 77  2077 2077 HOH HOH A . 
F 3 HOH 78  2078 2078 HOH HOH A . 
F 3 HOH 79  2079 2079 HOH HOH A . 
F 3 HOH 80  2080 2080 HOH HOH A . 
F 3 HOH 81  2081 2081 HOH HOH A . 
F 3 HOH 82  2082 2082 HOH HOH A . 
F 3 HOH 83  2083 2083 HOH HOH A . 
F 3 HOH 84  2084 2084 HOH HOH A . 
F 3 HOH 85  2085 2085 HOH HOH A . 
F 3 HOH 86  2086 2086 HOH HOH A . 
F 3 HOH 87  2087 2087 HOH HOH A . 
F 3 HOH 88  2088 2088 HOH HOH A . 
F 3 HOH 89  2089 2089 HOH HOH A . 
F 3 HOH 90  2090 2090 HOH HOH A . 
F 3 HOH 91  2091 2091 HOH HOH A . 
F 3 HOH 92  2092 2092 HOH HOH A . 
F 3 HOH 93  2093 2093 HOH HOH A . 
F 3 HOH 94  2094 2094 HOH HOH A . 
F 3 HOH 95  2095 2095 HOH HOH A . 
F 3 HOH 96  2096 2096 HOH HOH A . 
F 3 HOH 97  2097 2097 HOH HOH A . 
F 3 HOH 98  2098 2098 HOH HOH A . 
F 3 HOH 99  2099 2099 HOH HOH A . 
F 3 HOH 100 2100 2100 HOH HOH A . 
F 3 HOH 101 2101 2101 HOH HOH A . 
F 3 HOH 102 2102 2102 HOH HOH A . 
F 3 HOH 103 2103 2103 HOH HOH A . 
F 3 HOH 104 2104 2104 HOH HOH A . 
F 3 HOH 105 2105 2105 HOH HOH A . 
F 3 HOH 106 2106 2106 HOH HOH A . 
F 3 HOH 107 2107 2107 HOH HOH A . 
F 3 HOH 108 2108 2108 HOH HOH A . 
F 3 HOH 109 2109 2109 HOH HOH A . 
F 3 HOH 110 2110 2110 HOH HOH A . 
F 3 HOH 111 2111 2111 HOH HOH A . 
F 3 HOH 112 2112 2112 HOH HOH A . 
F 3 HOH 113 2113 2113 HOH HOH A . 
F 3 HOH 114 2114 2114 HOH HOH A . 
F 3 HOH 115 2115 2115 HOH HOH A . 
F 3 HOH 116 2116 2116 HOH HOH A . 
F 3 HOH 117 2117 2117 HOH HOH A . 
F 3 HOH 118 2118 2118 HOH HOH A . 
F 3 HOH 119 2119 2119 HOH HOH A . 
F 3 HOH 120 2120 2120 HOH HOH A . 
F 3 HOH 121 2121 2121 HOH HOH A . 
F 3 HOH 122 2122 2122 HOH HOH A . 
F 3 HOH 123 2123 2123 HOH HOH A . 
F 3 HOH 124 2124 2124 HOH HOH A . 
F 3 HOH 125 2125 2125 HOH HOH A . 
F 3 HOH 126 2126 2126 HOH HOH A . 
F 3 HOH 127 2127 2127 HOH HOH A . 
F 3 HOH 128 2128 2128 HOH HOH A . 
F 3 HOH 129 2129 2129 HOH HOH A . 
F 3 HOH 130 2130 2130 HOH HOH A . 
F 3 HOH 131 2131 2131 HOH HOH A . 
F 3 HOH 132 2132 2132 HOH HOH A . 
F 3 HOH 133 2133 2133 HOH HOH A . 
F 3 HOH 134 2134 2134 HOH HOH A . 
F 3 HOH 135 2135 2135 HOH HOH A . 
F 3 HOH 136 2136 2136 HOH HOH A . 
F 3 HOH 137 2137 2137 HOH HOH A . 
F 3 HOH 138 2138 2138 HOH HOH A . 
F 3 HOH 139 2139 2139 HOH HOH A . 
F 3 HOH 140 2140 2140 HOH HOH A . 
F 3 HOH 141 2141 2141 HOH HOH A . 
F 3 HOH 142 2142 2142 HOH HOH A . 
F 3 HOH 143 2143 2143 HOH HOH A . 
F 3 HOH 144 2144 2144 HOH HOH A . 
F 3 HOH 145 2145 2145 HOH HOH A . 
F 3 HOH 146 2146 2146 HOH HOH A . 
F 3 HOH 147 2147 2147 HOH HOH A . 
F 3 HOH 148 2148 2148 HOH HOH A . 
F 3 HOH 149 2149 2149 HOH HOH A . 
F 3 HOH 150 2150 2150 HOH HOH A . 
F 3 HOH 151 2151 2151 HOH HOH A . 
F 3 HOH 152 2152 2152 HOH HOH A . 
F 3 HOH 153 2153 2153 HOH HOH A . 
F 3 HOH 154 2154 2154 HOH HOH A . 
F 3 HOH 155 2155 2155 HOH HOH A . 
F 3 HOH 156 2156 2156 HOH HOH A . 
F 3 HOH 157 2157 2157 HOH HOH A . 
F 3 HOH 158 2158 2158 HOH HOH A . 
F 3 HOH 159 2159 2159 HOH HOH A . 
F 3 HOH 160 2160 2160 HOH HOH A . 
F 3 HOH 161 2161 2161 HOH HOH A . 
F 3 HOH 162 2162 2162 HOH HOH A . 
F 3 HOH 163 2163 2163 HOH HOH A . 
F 3 HOH 164 2164 2164 HOH HOH A . 
F 3 HOH 165 2165 2165 HOH HOH A . 
F 3 HOH 166 2166 2166 HOH HOH A . 
F 3 HOH 167 2167 2167 HOH HOH A . 
F 3 HOH 168 2168 2168 HOH HOH A . 
F 3 HOH 169 2169 2169 HOH HOH A . 
F 3 HOH 170 2170 2170 HOH HOH A . 
F 3 HOH 171 2171 2171 HOH HOH A . 
F 3 HOH 172 2172 2172 HOH HOH A . 
F 3 HOH 173 2173 2173 HOH HOH A . 
F 3 HOH 174 2174 2174 HOH HOH A . 
F 3 HOH 175 2175 2175 HOH HOH A . 
F 3 HOH 176 2176 2176 HOH HOH A . 
F 3 HOH 177 2177 2177 HOH HOH A . 
F 3 HOH 178 2178 2178 HOH HOH A . 
F 3 HOH 179 2179 2179 HOH HOH A . 
F 3 HOH 180 2180 2180 HOH HOH A . 
F 3 HOH 181 2181 2181 HOH HOH A . 
F 3 HOH 182 2182 2182 HOH HOH A . 
F 3 HOH 183 2183 2183 HOH HOH A . 
F 3 HOH 184 2184 2184 HOH HOH A . 
F 3 HOH 185 2185 2185 HOH HOH A . 
F 3 HOH 186 2186 2186 HOH HOH A . 
F 3 HOH 187 2187 2187 HOH HOH A . 
F 3 HOH 188 2188 2188 HOH HOH A . 
F 3 HOH 189 2189 2189 HOH HOH A . 
F 3 HOH 190 2190 2190 HOH HOH A . 
F 3 HOH 191 2191 2191 HOH HOH A . 
F 3 HOH 192 2192 2192 HOH HOH A . 
F 3 HOH 193 2193 2193 HOH HOH A . 
F 3 HOH 194 2194 2194 HOH HOH A . 
# 
loop_
_pdbx_unobs_or_zero_occ_atoms.id 
_pdbx_unobs_or_zero_occ_atoms.PDB_model_num 
_pdbx_unobs_or_zero_occ_atoms.polymer_flag 
_pdbx_unobs_or_zero_occ_atoms.occupancy_flag 
_pdbx_unobs_or_zero_occ_atoms.auth_asym_id 
_pdbx_unobs_or_zero_occ_atoms.auth_comp_id 
_pdbx_unobs_or_zero_occ_atoms.auth_seq_id 
_pdbx_unobs_or_zero_occ_atoms.PDB_ins_code 
_pdbx_unobs_or_zero_occ_atoms.auth_atom_id 
_pdbx_unobs_or_zero_occ_atoms.label_alt_id 
_pdbx_unobs_or_zero_occ_atoms.label_asym_id 
_pdbx_unobs_or_zero_occ_atoms.label_comp_id 
_pdbx_unobs_or_zero_occ_atoms.label_seq_id 
_pdbx_unobs_or_zero_occ_atoms.label_atom_id 
1  1 Y 1 A LYS 5   ? CG ? A LYS 5   CG 
2  1 Y 1 A LYS 5   ? CD ? A LYS 5   CD 
3  1 Y 1 A LYS 5   ? CE ? A LYS 5   CE 
4  1 Y 1 A LYS 5   ? NZ ? A LYS 5   NZ 
5  1 Y 1 A LYS 17  ? CD ? A LYS 17  CD 
6  1 Y 1 A LYS 17  ? CE ? A LYS 17  CE 
7  1 Y 1 A LYS 17  ? NZ ? A LYS 17  NZ 
8  1 Y 1 A LYS 34  ? CE ? A LYS 34  CE 
9  1 Y 1 A LYS 34  ? NZ ? A LYS 34  NZ 
10 1 Y 1 A LYS 48  ? CE ? A LYS 48  CE 
11 1 Y 1 A LYS 48  ? NZ ? A LYS 48  NZ 
12 1 Y 1 A LYS 59  ? CG ? A LYS 59  CG 
13 1 Y 1 A LYS 59  ? CD ? A LYS 59  CD 
14 1 Y 1 A LYS 59  ? CE ? A LYS 59  CE 
15 1 Y 1 A LYS 59  ? NZ ? A LYS 59  NZ 
16 1 Y 1 A LYS 127 ? CE ? A LYS 127 CE 
17 1 Y 1 A LYS 127 ? NZ ? A LYS 127 NZ 
# 
loop_
_software.name 
_software.classification 
_software.version 
_software.citation_id 
_software.pdbx_ordinal 
DENZO     'data reduction' .        ? 1 
SCALEPACK 'data scaling'   .        ? 2 
SHARP     phasing          .        ? 3 
DM        phasing          .        ? 4 
REFMAC    refinement       5.2.0005 ? 5 
# 
_cell.entry_id           2BM3 
_cell.length_a           79.677 
_cell.length_b           79.677 
_cell.length_c           101.745 
_cell.angle_alpha        90.00 
_cell.angle_beta         90.00 
_cell.angle_gamma        120.00 
_cell.Z_PDB              12 
_cell.pdbx_unique_axis   ? 
# 
_symmetry.entry_id                         2BM3 
_symmetry.space_group_name_H-M             'P 63 2 2' 
_symmetry.pdbx_full_space_group_name_H-M   ? 
_symmetry.cell_setting                     ? 
_symmetry.Int_Tables_number                182 
# 
_exptl.entry_id          2BM3 
_exptl.method            'X-RAY DIFFRACTION' 
_exptl.crystals_number   1 
# 
_exptl_crystal.id                    1 
_exptl_crystal.density_meas          ? 
_exptl_crystal.density_Matthews      2.17 
_exptl_crystal.density_percent_sol   42.96 
_exptl_crystal.description           ? 
# 
_exptl_crystal_grow.crystal_id      1 
_exptl_crystal_grow.method          ? 
_exptl_crystal_grow.temp            ? 
_exptl_crystal_grow.temp_details    ? 
_exptl_crystal_grow.pH              ? 
_exptl_crystal_grow.pdbx_pH_range   ? 
_exptl_crystal_grow.pdbx_details    '2MM CACL2, 5% ISOPROPANOL AND 2M AMONNIUM SULPHATE. CRYO-PROTECTED WITH 30% GLYCEROL' 
# 
_diffrn.id                     1 
_diffrn.ambient_temp           100.0 
_diffrn.ambient_temp_details   ? 
_diffrn.crystal_id             1 
# 
_diffrn_detector.diffrn_id              1 
_diffrn_detector.detector               CCD 
_diffrn_detector.type                   'ADSC CCD' 
_diffrn_detector.pdbx_collection_date   2005-02-12 
_diffrn_detector.details                'TOROIDAL MIRROR' 
# 
_diffrn_radiation.diffrn_id                        1 
_diffrn_radiation.wavelength_id                    1 
_diffrn_radiation.pdbx_monochromatic_or_laue_m_l   M 
_diffrn_radiation.monochromator                    'DIAMOND (111), GE(220)' 
_diffrn_radiation.pdbx_diffrn_protocol             MAD 
_diffrn_radiation.pdbx_scattering_type             x-ray 
# 
_diffrn_radiation_wavelength.id           1 
_diffrn_radiation_wavelength.wavelength   0.933 
_diffrn_radiation_wavelength.wt           1.0 
# 
_diffrn_source.diffrn_id                   1 
_diffrn_source.source                      SYNCHROTRON 
_diffrn_source.type                        'ESRF BEAMLINE ID14-2' 
_diffrn_source.pdbx_synchrotron_site       ESRF 
_diffrn_source.pdbx_synchrotron_beamline   ID14-2 
_diffrn_source.pdbx_wavelength             0.933 
_diffrn_source.pdbx_wavelength_list        ? 
# 
_reflns.pdbx_diffrn_id               1 
_reflns.pdbx_ordinal                 1 
_reflns.entry_id                     2BM3 
_reflns.observed_criterion_sigma_I   ? 
_reflns.observed_criterion_sigma_F   ? 
_reflns.d_resolution_low             20.000 
_reflns.d_resolution_high            1.800 
_reflns.number_obs                   18256 
_reflns.number_all                   ? 
_reflns.percent_possible_obs         100.0 
_reflns.pdbx_Rmerge_I_obs            0.06000 
_reflns.pdbx_Rsym_value              ? 
_reflns.pdbx_netI_over_sigmaI        73.5000 
_reflns.B_iso_Wilson_estimate        ? 
_reflns.pdbx_redundancy              35.200 
# 
_reflns_shell.pdbx_diffrn_id         1 
_reflns_shell.pdbx_ordinal           1 
_reflns_shell.d_res_high             1.80 
_reflns_shell.d_res_low              1.86 
_reflns_shell.percent_possible_all   100.0 
_reflns_shell.Rmerge_I_obs           0.40000 
_reflns_shell.pdbx_Rsym_value        ? 
_reflns_shell.meanI_over_sigI_obs    15.000 
_reflns_shell.pdbx_redundancy        35.90 
# 
_refine.pdbx_refine_id                           'X-RAY DIFFRACTION' 
_refine.entry_id                                 2BM3 
_refine.pdbx_diffrn_id                           1 
_refine.pdbx_TLS_residual_ADP_flag               ? 
_refine.ls_number_reflns_obs                     17299 
_refine.ls_number_reflns_all                     ? 
_refine.pdbx_ls_sigma_I                          ? 
_refine.pdbx_ls_sigma_F                          ? 
_refine.pdbx_data_cutoff_high_absF               ? 
_refine.pdbx_data_cutoff_low_absF                ? 
_refine.pdbx_data_cutoff_high_rms_absF           ? 
_refine.ls_d_res_low                             69.01 
_refine.ls_d_res_high                            1.80 
_refine.ls_percent_reflns_obs                    99.7 
_refine.ls_R_factor_obs                          0.192 
_refine.ls_R_factor_all                          ? 
_refine.ls_R_factor_R_work                       0.189 
_refine.ls_R_factor_R_free                       0.260 
_refine.ls_R_factor_R_free_error                 ? 
_refine.ls_R_factor_R_free_error_details         ? 
_refine.ls_percent_reflns_R_free                 5.100 
_refine.ls_number_reflns_R_free                  928 
_refine.ls_number_parameters                     ? 
_refine.ls_number_restraints                     ? 
_refine.occupancy_min                            ? 
_refine.occupancy_max                            ? 
_refine.correlation_coeff_Fo_to_Fc               0.959 
_refine.correlation_coeff_Fo_to_Fc_free          0.921 
_refine.B_iso_mean                               22.79 
_refine.aniso_B[1][1]                            0.71000 
_refine.aniso_B[2][2]                            0.71000 
_refine.aniso_B[3][3]                            -1.06000 
_refine.aniso_B[1][2]                            0.35000 
_refine.aniso_B[1][3]                            0.00000 
_refine.aniso_B[2][3]                            0.00000 
_refine.solvent_model_details                    MASK 
_refine.solvent_model_param_ksol                 ? 
_refine.solvent_model_param_bsol                 ? 
_refine.pdbx_solvent_vdw_probe_radii             1.20 
_refine.pdbx_solvent_ion_probe_radii             0.80 
_refine.pdbx_solvent_shrinkage_radii             0.80 
_refine.pdbx_ls_cross_valid_method               THROUGHOUT 
_refine.details                                  'HYDROGENS HAVE BEEN ADDED IN THE RIDING POSITIONS.' 
_refine.pdbx_starting_model                      ? 
_refine.pdbx_method_to_determine_struct          'COMBINED MULTIPLE WAVELENGTH AND MULTIPLE ISOMORPHOUS REPLACEMENT' 
_refine.pdbx_isotropic_thermal_model             ? 
_refine.pdbx_stereochemistry_target_values       'MAXIMUM LIKELIHOOD' 
_refine.pdbx_stereochem_target_val_spec_case     ? 
_refine.pdbx_R_Free_selection_details            RANDOM 
_refine.pdbx_overall_ESU_R                       0.128 
_refine.pdbx_overall_ESU_R_Free                  0.142 
_refine.overall_SU_ML                            0.092 
_refine.pdbx_overall_phase_error                 ? 
_refine.overall_SU_B                             2.907 
_refine.overall_SU_R_Cruickshank_DPI             ? 
_refine.pdbx_overall_SU_R_free_Cruickshank_DPI   ? 
_refine.pdbx_overall_SU_R_Blow_DPI               ? 
_refine.pdbx_overall_SU_R_free_Blow_DPI          ? 
# 
_refine_hist.pdbx_refine_id                   'X-RAY DIFFRACTION' 
_refine_hist.cycle_id                         LAST 
_refine_hist.pdbx_number_atoms_protein        1229 
_refine_hist.pdbx_number_atoms_nucleic_acid   0 
_refine_hist.pdbx_number_atoms_ligand         16 
_refine_hist.number_atoms_solvent             194 
_refine_hist.number_atoms_total               1439 
_refine_hist.d_res_high                       1.80 
_refine_hist.d_res_low                        69.01 
# 
loop_
_refine_ls_restr.type 
_refine_ls_restr.dev_ideal 
_refine_ls_restr.dev_ideal_target 
_refine_ls_restr.weight 
_refine_ls_restr.number 
_refine_ls_restr.pdbx_refine_id 
_refine_ls_restr.pdbx_restraint_function 
r_bond_refined_d             0.015  0.022  ? 1376 'X-RAY DIFFRACTION' ? 
r_bond_other_d               ?      ?      ? ?    'X-RAY DIFFRACTION' ? 
r_angle_refined_deg          1.529  1.979  ? 1891 'X-RAY DIFFRACTION' ? 
r_angle_other_deg            ?      ?      ? ?    'X-RAY DIFFRACTION' ? 
r_dihedral_angle_1_deg       6.097  5.000  ? 196  'X-RAY DIFFRACTION' ? 
r_dihedral_angle_2_deg       42.092 26.562 ? 64   'X-RAY DIFFRACTION' ? 
r_dihedral_angle_3_deg       13.859 15.000 ? 238  'X-RAY DIFFRACTION' ? 
r_dihedral_angle_4_deg       24.534 15.000 ? 3    'X-RAY DIFFRACTION' ? 
r_chiral_restr               0.119  0.200  ? 213  'X-RAY DIFFRACTION' ? 
r_gen_planes_refined         0.006  0.020  ? 1068 'X-RAY DIFFRACTION' ? 
r_gen_planes_other           ?      ?      ? ?    'X-RAY DIFFRACTION' ? 
r_nbd_refined                0.205  0.200  ? 630  'X-RAY DIFFRACTION' ? 
r_nbd_other                  ?      ?      ? ?    'X-RAY DIFFRACTION' ? 
r_nbtor_refined              0.315  0.200  ? 948  'X-RAY DIFFRACTION' ? 
r_nbtor_other                ?      ?      ? ?    'X-RAY DIFFRACTION' ? 
r_xyhbond_nbd_refined        0.153  0.200  ? 129  'X-RAY DIFFRACTION' ? 
r_xyhbond_nbd_other          ?      ?      ? ?    'X-RAY DIFFRACTION' ? 
r_metal_ion_refined          ?      ?      ? ?    'X-RAY DIFFRACTION' ? 
r_metal_ion_other            ?      ?      ? ?    'X-RAY DIFFRACTION' ? 
r_symmetry_vdw_refined       0.211  0.200  ? 54   'X-RAY DIFFRACTION' ? 
r_symmetry_vdw_other         ?      ?      ? ?    'X-RAY DIFFRACTION' ? 
r_symmetry_hbond_refined     0.127  0.200  ? 11   'X-RAY DIFFRACTION' ? 
r_symmetry_hbond_other       ?      ?      ? ?    'X-RAY DIFFRACTION' ? 
r_symmetry_metal_ion_refined ?      ?      ? ?    'X-RAY DIFFRACTION' ? 
r_symmetry_metal_ion_other   ?      ?      ? ?    'X-RAY DIFFRACTION' ? 
r_mcbond_it                  1.033  1.500  ? 887  'X-RAY DIFFRACTION' ? 
r_mcbond_other               ?      ?      ? ?    'X-RAY DIFFRACTION' ? 
r_mcangle_it                 1.640  2.000  ? 1405 'X-RAY DIFFRACTION' ? 
r_mcangle_other              ?      ?      ? ?    'X-RAY DIFFRACTION' ? 
r_scbond_it                  2.447  3.000  ? 555  'X-RAY DIFFRACTION' ? 
r_scbond_other               ?      ?      ? ?    'X-RAY DIFFRACTION' ? 
r_scangle_it                 3.493  4.500  ? 468  'X-RAY DIFFRACTION' ? 
r_scangle_other              ?      ?      ? ?    'X-RAY DIFFRACTION' ? 
r_long_range_B_refined       ?      ?      ? ?    'X-RAY DIFFRACTION' ? 
r_long_range_B_other         ?      ?      ? ?    'X-RAY DIFFRACTION' ? 
r_rigid_bond_restr           ?      ?      ? ?    'X-RAY DIFFRACTION' ? 
r_sphericity_free            ?      ?      ? ?    'X-RAY DIFFRACTION' ? 
r_sphericity_bonded          ?      ?      ? ?    'X-RAY DIFFRACTION' ? 
# 
_refine_ls_shell.pdbx_refine_id                   'X-RAY DIFFRACTION' 
_refine_ls_shell.pdbx_total_number_of_bins_used   20 
_refine_ls_shell.d_res_high                       1.80 
_refine_ls_shell.d_res_low                        1.85 
_refine_ls_shell.number_reflns_R_work             1222 
_refine_ls_shell.R_factor_R_work                  0.2530 
_refine_ls_shell.percent_reflns_obs               ? 
_refine_ls_shell.R_factor_R_free                  0.3700 
_refine_ls_shell.R_factor_R_free_error            ? 
_refine_ls_shell.percent_reflns_R_free            ? 
_refine_ls_shell.number_reflns_R_free             76 
_refine_ls_shell.number_reflns_all                ? 
_refine_ls_shell.R_factor_all                     ? 
# 
_struct.entry_id                  2BM3 
_struct.title                     'Structure of the Type II cohesin from Clostridium thermocellum SdbA' 
_struct.pdbx_model_details        ? 
_struct.pdbx_CASP_flag            ? 
_struct.pdbx_model_type_details   ? 
# 
_struct_keywords.entry_id        2BM3 
_struct_keywords.pdbx_keywords   'NUCLEAR PROTEIN' 
_struct_keywords.text            'COHESIN, TYPE 2, CELLULOSOME, DOCKERIN, NUCLEAR PROTEIN' 
# 
loop_
_struct_asym.id 
_struct_asym.pdbx_blank_PDB_chainid_flag 
_struct_asym.pdbx_modified 
_struct_asym.entity_id 
_struct_asym.details 
A N N 1 ? 
B N N 2 ? 
C N N 2 ? 
D N N 2 ? 
E N N 2 ? 
F N N 3 ? 
# 
_struct_ref.id                         1 
_struct_ref.db_name                    UNP 
_struct_ref.db_code                    P71143_CLOTM 
_struct_ref.entity_id                  1 
_struct_ref.pdbx_seq_one_letter_code   ? 
_struct_ref.pdbx_align_begin           ? 
_struct_ref.pdbx_db_accession          P71143 
_struct_ref.pdbx_db_isoform            ? 
# 
_struct_ref_seq.align_id                      1 
_struct_ref_seq.ref_id                        1 
_struct_ref_seq.pdbx_PDB_id_code              2BM3 
_struct_ref_seq.pdbx_strand_id                A 
_struct_ref_seq.seq_align_beg                 4 
_struct_ref_seq.pdbx_seq_align_beg_ins_code   ? 
_struct_ref_seq.seq_align_end                 166 
_struct_ref_seq.pdbx_seq_align_end_ins_code   ? 
_struct_ref_seq.pdbx_db_accession             P71143 
_struct_ref_seq.db_align_beg                  29 
_struct_ref_seq.pdbx_db_align_beg_ins_code    ? 
_struct_ref_seq.db_align_end                  191 
_struct_ref_seq.pdbx_db_align_end_ins_code    ? 
_struct_ref_seq.pdbx_auth_seq_align_beg       4 
_struct_ref_seq.pdbx_auth_seq_align_end       166 
# 
loop_
_struct_ref_seq_dif.align_id 
_struct_ref_seq_dif.pdbx_pdb_id_code 
_struct_ref_seq_dif.mon_id 
_struct_ref_seq_dif.pdbx_pdb_strand_id 
_struct_ref_seq_dif.seq_num 
_struct_ref_seq_dif.pdbx_pdb_ins_code 
_struct_ref_seq_dif.pdbx_seq_db_name 
_struct_ref_seq_dif.pdbx_seq_db_accession_code 
_struct_ref_seq_dif.db_mon_id 
_struct_ref_seq_dif.pdbx_seq_db_seq_num 
_struct_ref_seq_dif.details 
_struct_ref_seq_dif.pdbx_auth_seq_num 
_struct_ref_seq_dif.pdbx_ordinal 
1 2BM3 MET A 1 ? UNP P71143 ? ? 'expression tag' 1 1 
1 2BM3 ALA A 2 ? UNP P71143 ? ? 'expression tag' 2 2 
1 2BM3 SER A 3 ? UNP P71143 ? ? 'expression tag' 3 3 
# 
_pdbx_struct_assembly.id                   1 
_pdbx_struct_assembly.details              author_and_software_defined_assembly 
_pdbx_struct_assembly.method_details       PQS 
_pdbx_struct_assembly.oligomeric_details   monomeric 
_pdbx_struct_assembly.oligomeric_count     1 
# 
_pdbx_struct_assembly_gen.assembly_id       1 
_pdbx_struct_assembly_gen.oper_expression   1 
_pdbx_struct_assembly_gen.asym_id_list      A,B,C,D,E,F 
# 
_pdbx_struct_oper_list.id                   1 
_pdbx_struct_oper_list.type                 'identity operation' 
_pdbx_struct_oper_list.name                 1_555 
_pdbx_struct_oper_list.symmetry_operation   x,y,z 
_pdbx_struct_oper_list.matrix[1][1]         1.0000000000 
_pdbx_struct_oper_list.matrix[1][2]         0.0000000000 
_pdbx_struct_oper_list.matrix[1][3]         0.0000000000 
_pdbx_struct_oper_list.vector[1]            0.0000000000 
_pdbx_struct_oper_list.matrix[2][1]         0.0000000000 
_pdbx_struct_oper_list.matrix[2][2]         1.0000000000 
_pdbx_struct_oper_list.matrix[2][3]         0.0000000000 
_pdbx_struct_oper_list.vector[2]            0.0000000000 
_pdbx_struct_oper_list.matrix[3][1]         0.0000000000 
_pdbx_struct_oper_list.matrix[3][2]         0.0000000000 
_pdbx_struct_oper_list.matrix[3][3]         1.0000000000 
_pdbx_struct_oper_list.vector[3]            0.0000000000 
# 
_struct_biol.id   1 
# 
loop_
_struct_conf.conf_type_id 
_struct_conf.id 
_struct_conf.pdbx_PDB_helix_id 
_struct_conf.beg_label_comp_id 
_struct_conf.beg_label_asym_id 
_struct_conf.beg_label_seq_id 
_struct_conf.pdbx_beg_PDB_ins_code 
_struct_conf.end_label_comp_id 
_struct_conf.end_label_asym_id 
_struct_conf.end_label_seq_id 
_struct_conf.pdbx_end_PDB_ins_code 
_struct_conf.beg_auth_comp_id 
_struct_conf.beg_auth_asym_id 
_struct_conf.beg_auth_seq_id 
_struct_conf.end_auth_comp_id 
_struct_conf.end_auth_asym_id 
_struct_conf.end_auth_seq_id 
_struct_conf.pdbx_PDB_helix_class 
_struct_conf.details 
_struct_conf.pdbx_PDB_helix_length 
HELX_P HELX_P1 1 ASN A 75  ? TYR A 78  ? ASN A 75  TYR A 78  5 ? 4 
HELX_P HELX_P2 2 PRO A 88  ? LYS A 90  ? PRO A 88  LYS A 90  5 ? 3 
HELX_P HELX_P3 3 TYR A 101 ? GLY A 109 ? TYR A 101 GLY A 109 1 ? 9 
# 
_struct_conf_type.id          HELX_P 
_struct_conf_type.criteria    ? 
_struct_conf_type.reference   ? 
# 
loop_
_struct_sheet.id 
_struct_sheet.type 
_struct_sheet.number_strands 
_struct_sheet.details 
AA ? 5 ? 
AB ? 4 ? 
AC ? 5 ? 
AD ? 2 ? 
# 
loop_
_struct_sheet_order.sheet_id 
_struct_sheet_order.range_id_1 
_struct_sheet_order.range_id_2 
_struct_sheet_order.offset 
_struct_sheet_order.sense 
AA 1 2 ? anti-parallel 
AA 2 3 ? anti-parallel 
AA 3 4 ? anti-parallel 
AA 4 5 ? parallel      
AB 1 2 ? anti-parallel 
AB 2 3 ? anti-parallel 
AB 3 4 ? anti-parallel 
AC 1 2 ? anti-parallel 
AC 2 3 ? anti-parallel 
AC 3 4 ? anti-parallel 
AC 4 5 ? anti-parallel 
AD 1 2 ? anti-parallel 
# 
loop_
_struct_sheet_range.sheet_id 
_struct_sheet_range.id 
_struct_sheet_range.beg_label_comp_id 
_struct_sheet_range.beg_label_asym_id 
_struct_sheet_range.beg_label_seq_id 
_struct_sheet_range.pdbx_beg_PDB_ins_code 
_struct_sheet_range.end_label_comp_id 
_struct_sheet_range.end_label_asym_id 
_struct_sheet_range.end_label_seq_id 
_struct_sheet_range.pdbx_end_PDB_ins_code 
_struct_sheet_range.beg_auth_comp_id 
_struct_sheet_range.beg_auth_asym_id 
_struct_sheet_range.beg_auth_seq_id 
_struct_sheet_range.end_auth_comp_id 
_struct_sheet_range.end_auth_asym_id 
_struct_sheet_range.end_auth_seq_id 
AA 1 LEU A 50  ? VAL A 53  ? LEU A 50  VAL A 53  
AA 2 GLY A 115 ? ILE A 124 ? GLY A 115 ILE A 124 
AA 3 ILE A 23  ? ASN A 31  ? ILE A 23  ASN A 31  
AA 4 SER A 8   ? PHE A 13  ? SER A 8   PHE A 13  
AA 5 GLU A 161 ? ILE A 163 ? GLU A 161 ILE A 163 
AB 1 PRO A 80  ? ALA A 84  ? PRO A 80  ALA A 84  
AB 2 ILE A 92  ? TYR A 99  ? ILE A 92  TYR A 99  
AB 3 PHE A 36  ? VAL A 44  ? PHE A 36  VAL A 44  
AB 4 LYS A 133 ? PHE A 134 ? LYS A 133 PHE A 134 
AC 1 PRO A 80  ? ALA A 84  ? PRO A 80  ALA A 84  
AC 2 ILE A 92  ? TYR A 99  ? ILE A 92  TYR A 99  
AC 3 PHE A 36  ? VAL A 44  ? PHE A 36  VAL A 44  
AC 4 THR A 147 ? ASP A 151 ? THR A 147 ASP A 151 
AC 5 VAL A 156 ? ILE A 157 ? VAL A 156 ILE A 157 
AD 1 LYS A 133 ? PHE A 134 ? LYS A 133 PHE A 134 
AD 2 PHE A 36  ? VAL A 44  ? PHE A 36  VAL A 44  
# 
loop_
_pdbx_struct_sheet_hbond.sheet_id 
_pdbx_struct_sheet_hbond.range_id_1 
_pdbx_struct_sheet_hbond.range_id_2 
_pdbx_struct_sheet_hbond.range_1_label_atom_id 
_pdbx_struct_sheet_hbond.range_1_label_comp_id 
_pdbx_struct_sheet_hbond.range_1_label_asym_id 
_pdbx_struct_sheet_hbond.range_1_label_seq_id 
_pdbx_struct_sheet_hbond.range_1_PDB_ins_code 
_pdbx_struct_sheet_hbond.range_1_auth_atom_id 
_pdbx_struct_sheet_hbond.range_1_auth_comp_id 
_pdbx_struct_sheet_hbond.range_1_auth_asym_id 
_pdbx_struct_sheet_hbond.range_1_auth_seq_id 
_pdbx_struct_sheet_hbond.range_2_label_atom_id 
_pdbx_struct_sheet_hbond.range_2_label_comp_id 
_pdbx_struct_sheet_hbond.range_2_label_asym_id 
_pdbx_struct_sheet_hbond.range_2_label_seq_id 
_pdbx_struct_sheet_hbond.range_2_PDB_ins_code 
_pdbx_struct_sheet_hbond.range_2_auth_atom_id 
_pdbx_struct_sheet_hbond.range_2_auth_comp_id 
_pdbx_struct_sheet_hbond.range_2_auth_asym_id 
_pdbx_struct_sheet_hbond.range_2_auth_seq_id 
AA 1 2 N VAL A 53  ? N VAL A 53  O GLY A 121 ? O GLY A 121 
AA 2 3 N PHE A 122 ? N PHE A 122 O LEU A 24  ? O LEU A 24  
AA 3 4 N ASN A 31  ? N ASN A 31  O SER A 8   ? O SER A 8   
AA 4 5 N ILE A 9   ? N ILE A 9   O GLU A 161 ? O GLU A 161 
AB 1 2 N ILE A 83  ? N ILE A 83  O ALA A 96  ? O ALA A 96  
AB 2 3 N TYR A 99  ? N TYR A 99  O ALA A 37  ? O ALA A 37  
AB 3 4 N VAL A 44  ? N VAL A 44  O LYS A 133 ? O LYS A 133 
AC 1 2 N ILE A 83  ? N ILE A 83  O ALA A 96  ? O ALA A 96  
AC 2 3 N TYR A 99  ? N TYR A 99  O ALA A 37  ? O ALA A 37  
AC 3 4 N GLN A 40  ? N GLN A 40  O GLN A 148 ? O GLN A 148 
AC 4 5 N LEU A 149 ? N LEU A 149 O ILE A 157 ? O ILE A 157 
AD 1 2 N LYS A 133 ? N LYS A 133 O VAL A 44  ? O VAL A 44  
# 
loop_
_struct_site.id 
_struct_site.pdbx_evidence_code 
_struct_site.pdbx_auth_asym_id 
_struct_site.pdbx_auth_comp_id 
_struct_site.pdbx_auth_seq_id 
_struct_site.pdbx_auth_ins_code 
_struct_site.pdbx_num_residues 
_struct_site.details 
AC1 Software A IPA 1167 ? 4 'BINDING SITE FOR RESIDUE IPA A 1167' 
AC2 Software A IPA 1168 ? 2 'BINDING SITE FOR RESIDUE IPA A 1168' 
AC3 Software A IPA 1169 ? 5 'BINDING SITE FOR RESIDUE IPA A 1169' 
AC4 Software A IPA 1170 ? 4 'BINDING SITE FOR RESIDUE IPA A 1170' 
# 
loop_
_struct_site_gen.id 
_struct_site_gen.site_id 
_struct_site_gen.pdbx_num_res 
_struct_site_gen.label_comp_id 
_struct_site_gen.label_asym_id 
_struct_site_gen.label_seq_id 
_struct_site_gen.pdbx_auth_ins_code 
_struct_site_gen.auth_comp_id 
_struct_site_gen.auth_asym_id 
_struct_site_gen.auth_seq_id 
_struct_site_gen.label_atom_id 
_struct_site_gen.label_alt_id 
_struct_site_gen.symmetry 
_struct_site_gen.details 
1  AC1 4 ALA A 98  ? ALA A 98   . ? 1_555  ? 
2  AC1 4 GLY A 154 ? GLY A 154  . ? 1_555  ? 
3  AC1 4 HOH F .   ? HOH A 2121 . ? 1_555  ? 
4  AC1 4 HOH F .   ? HOH A 2193 . ? 1_555  ? 
5  AC2 2 THR A 27  ? THR A 27   . ? 1_555  ? 
6  AC2 2 ARG A 29  ? ARG A 29   . ? 1_555  ? 
7  AC3 5 VAL A 20  ? VAL A 20   . ? 3_565  ? 
8  AC3 5 VAL A 20  ? VAL A 20   . ? 8_565  ? 
9  AC3 5 GLY A 21  ? GLY A 21   . ? 3_565  ? 
10 AC3 5 ASP A 22  ? ASP A 22   . ? 3_565  ? 
11 AC3 5 HOH F .   ? HOH A 2021 . ? 8_565  ? 
12 AC4 4 ALA A 96  ? ALA A 96   . ? 11_555 ? 
13 AC4 4 LEU A 138 ? LEU A 138  . ? 1_555  ? 
14 AC4 4 PRO A 141 ? PRO A 141  . ? 1_555  ? 
15 AC4 4 HOH F .   ? HOH A 2194 . ? 1_555  ? 
# 
_pdbx_database_remark.id     700 
_pdbx_database_remark.text   
;
SHEET
THE SHEET STRUCTURE OF THIS MOLECULE IS BIFURCATED. IN
ORDER TO REPRESENT THIS FEATURE IN THE SHEET RECORDS BELOW,
TWO SHEETS ARE DEFINED.
;
# 
_pdbx_entry_details.entry_id                 2BM3 
_pdbx_entry_details.compound_details         ? 
_pdbx_entry_details.source_details           ? 
_pdbx_entry_details.nonpolymer_details       ? 
_pdbx_entry_details.sequence_details         
;GENE SEQUENCE CORRESPONDING TO RESIDUES 29-191 WAS CLONED.
THE FIRST 3 RESIDUES ARE ADDITIONAL TO GENE SEQUENCE FROM
THE CLONING INTO EXPRESSION VECTOR.
;
_pdbx_entry_details.has_ligand_of_interest   ? 
# 
loop_
_pdbx_unobs_or_zero_occ_residues.id 
_pdbx_unobs_or_zero_occ_residues.PDB_model_num 
_pdbx_unobs_or_zero_occ_residues.polymer_flag 
_pdbx_unobs_or_zero_occ_residues.occupancy_flag 
_pdbx_unobs_or_zero_occ_residues.auth_asym_id 
_pdbx_unobs_or_zero_occ_residues.auth_comp_id 
_pdbx_unobs_or_zero_occ_residues.auth_seq_id 
_pdbx_unobs_or_zero_occ_residues.PDB_ins_code 
_pdbx_unobs_or_zero_occ_residues.label_asym_id 
_pdbx_unobs_or_zero_occ_residues.label_comp_id 
_pdbx_unobs_or_zero_occ_residues.label_seq_id 
1 1 Y 1 A MET 1 ? A MET 1 
2 1 Y 1 A ALA 2 ? A ALA 2 
3 1 Y 1 A SER 3 ? A SER 3 
4 1 Y 1 A ASP 4 ? A ASP 4 
# 
loop_
_chem_comp_atom.comp_id 
_chem_comp_atom.atom_id 
_chem_comp_atom.type_symbol 
_chem_comp_atom.pdbx_aromatic_flag 
_chem_comp_atom.pdbx_stereo_config 
_chem_comp_atom.pdbx_ordinal 
ALA N    N N N 1   
ALA CA   C N S 2   
ALA C    C N N 3   
ALA O    O N N 4   
ALA CB   C N N 5   
ALA OXT  O N N 6   
ALA H    H N N 7   
ALA H2   H N N 8   
ALA HA   H N N 9   
ALA HB1  H N N 10  
ALA HB2  H N N 11  
ALA HB3  H N N 12  
ALA HXT  H N N 13  
ARG N    N N N 14  
ARG CA   C N S 15  
ARG C    C N N 16  
ARG O    O N N 17  
ARG CB   C N N 18  
ARG CG   C N N 19  
ARG CD   C N N 20  
ARG NE   N N N 21  
ARG CZ   C N N 22  
ARG NH1  N N N 23  
ARG NH2  N N N 24  
ARG OXT  O N N 25  
ARG H    H N N 26  
ARG H2   H N N 27  
ARG HA   H N N 28  
ARG HB2  H N N 29  
ARG HB3  H N N 30  
ARG HG2  H N N 31  
ARG HG3  H N N 32  
ARG HD2  H N N 33  
ARG HD3  H N N 34  
ARG HE   H N N 35  
ARG HH11 H N N 36  
ARG HH12 H N N 37  
ARG HH21 H N N 38  
ARG HH22 H N N 39  
ARG HXT  H N N 40  
ASN N    N N N 41  
ASN CA   C N S 42  
ASN C    C N N 43  
ASN O    O N N 44  
ASN CB   C N N 45  
ASN CG   C N N 46  
ASN OD1  O N N 47  
ASN ND2  N N N 48  
ASN OXT  O N N 49  
ASN H    H N N 50  
ASN H2   H N N 51  
ASN HA   H N N 52  
ASN HB2  H N N 53  
ASN HB3  H N N 54  
ASN HD21 H N N 55  
ASN HD22 H N N 56  
ASN HXT  H N N 57  
ASP N    N N N 58  
ASP CA   C N S 59  
ASP C    C N N 60  
ASP O    O N N 61  
ASP CB   C N N 62  
ASP CG   C N N 63  
ASP OD1  O N N 64  
ASP OD2  O N N 65  
ASP OXT  O N N 66  
ASP H    H N N 67  
ASP H2   H N N 68  
ASP HA   H N N 69  
ASP HB2  H N N 70  
ASP HB3  H N N 71  
ASP HD2  H N N 72  
ASP HXT  H N N 73  
GLN N    N N N 74  
GLN CA   C N S 75  
GLN C    C N N 76  
GLN O    O N N 77  
GLN CB   C N N 78  
GLN CG   C N N 79  
GLN CD   C N N 80  
GLN OE1  O N N 81  
GLN NE2  N N N 82  
GLN OXT  O N N 83  
GLN H    H N N 84  
GLN H2   H N N 85  
GLN HA   H N N 86  
GLN HB2  H N N 87  
GLN HB3  H N N 88  
GLN HG2  H N N 89  
GLN HG3  H N N 90  
GLN HE21 H N N 91  
GLN HE22 H N N 92  
GLN HXT  H N N 93  
GLU N    N N N 94  
GLU CA   C N S 95  
GLU C    C N N 96  
GLU O    O N N 97  
GLU CB   C N N 98  
GLU CG   C N N 99  
GLU CD   C N N 100 
GLU OE1  O N N 101 
GLU OE2  O N N 102 
GLU OXT  O N N 103 
GLU H    H N N 104 
GLU H2   H N N 105 
GLU HA   H N N 106 
GLU HB2  H N N 107 
GLU HB3  H N N 108 
GLU HG2  H N N 109 
GLU HG3  H N N 110 
GLU HE2  H N N 111 
GLU HXT  H N N 112 
GLY N    N N N 113 
GLY CA   C N N 114 
GLY C    C N N 115 
GLY O    O N N 116 
GLY OXT  O N N 117 
GLY H    H N N 118 
GLY H2   H N N 119 
GLY HA2  H N N 120 
GLY HA3  H N N 121 
GLY HXT  H N N 122 
HOH O    O N N 123 
HOH H1   H N N 124 
HOH H2   H N N 125 
ILE N    N N N 126 
ILE CA   C N S 127 
ILE C    C N N 128 
ILE O    O N N 129 
ILE CB   C N S 130 
ILE CG1  C N N 131 
ILE CG2  C N N 132 
ILE CD1  C N N 133 
ILE OXT  O N N 134 
ILE H    H N N 135 
ILE H2   H N N 136 
ILE HA   H N N 137 
ILE HB   H N N 138 
ILE HG12 H N N 139 
ILE HG13 H N N 140 
ILE HG21 H N N 141 
ILE HG22 H N N 142 
ILE HG23 H N N 143 
ILE HD11 H N N 144 
ILE HD12 H N N 145 
ILE HD13 H N N 146 
ILE HXT  H N N 147 
IPA C1   C N N 148 
IPA C2   C N N 149 
IPA C3   C N N 150 
IPA O2   O N N 151 
IPA H11  H N N 152 
IPA H12  H N N 153 
IPA H13  H N N 154 
IPA H2   H N N 155 
IPA H31  H N N 156 
IPA H32  H N N 157 
IPA H33  H N N 158 
IPA HO2  H N N 159 
LEU N    N N N 160 
LEU CA   C N S 161 
LEU C    C N N 162 
LEU O    O N N 163 
LEU CB   C N N 164 
LEU CG   C N N 165 
LEU CD1  C N N 166 
LEU CD2  C N N 167 
LEU OXT  O N N 168 
LEU H    H N N 169 
LEU H2   H N N 170 
LEU HA   H N N 171 
LEU HB2  H N N 172 
LEU HB3  H N N 173 
LEU HG   H N N 174 
LEU HD11 H N N 175 
LEU HD12 H N N 176 
LEU HD13 H N N 177 
LEU HD21 H N N 178 
LEU HD22 H N N 179 
LEU HD23 H N N 180 
LEU HXT  H N N 181 
LYS N    N N N 182 
LYS CA   C N S 183 
LYS C    C N N 184 
LYS O    O N N 185 
LYS CB   C N N 186 
LYS CG   C N N 187 
LYS CD   C N N 188 
LYS CE   C N N 189 
LYS NZ   N N N 190 
LYS OXT  O N N 191 
LYS H    H N N 192 
LYS H2   H N N 193 
LYS HA   H N N 194 
LYS HB2  H N N 195 
LYS HB3  H N N 196 
LYS HG2  H N N 197 
LYS HG3  H N N 198 
LYS HD2  H N N 199 
LYS HD3  H N N 200 
LYS HE2  H N N 201 
LYS HE3  H N N 202 
LYS HZ1  H N N 203 
LYS HZ2  H N N 204 
LYS HZ3  H N N 205 
LYS HXT  H N N 206 
MET N    N N N 207 
MET CA   C N S 208 
MET C    C N N 209 
MET O    O N N 210 
MET CB   C N N 211 
MET CG   C N N 212 
MET SD   S N N 213 
MET CE   C N N 214 
MET OXT  O N N 215 
MET H    H N N 216 
MET H2   H N N 217 
MET HA   H N N 218 
MET HB2  H N N 219 
MET HB3  H N N 220 
MET HG2  H N N 221 
MET HG3  H N N 222 
MET HE1  H N N 223 
MET HE2  H N N 224 
MET HE3  H N N 225 
MET HXT  H N N 226 
PHE N    N N N 227 
PHE CA   C N S 228 
PHE C    C N N 229 
PHE O    O N N 230 
PHE CB   C N N 231 
PHE CG   C Y N 232 
PHE CD1  C Y N 233 
PHE CD2  C Y N 234 
PHE CE1  C Y N 235 
PHE CE2  C Y N 236 
PHE CZ   C Y N 237 
PHE OXT  O N N 238 
PHE H    H N N 239 
PHE H2   H N N 240 
PHE HA   H N N 241 
PHE HB2  H N N 242 
PHE HB3  H N N 243 
PHE HD1  H N N 244 
PHE HD2  H N N 245 
PHE HE1  H N N 246 
PHE HE2  H N N 247 
PHE HZ   H N N 248 
PHE HXT  H N N 249 
PRO N    N N N 250 
PRO CA   C N S 251 
PRO C    C N N 252 
PRO O    O N N 253 
PRO CB   C N N 254 
PRO CG   C N N 255 
PRO CD   C N N 256 
PRO OXT  O N N 257 
PRO H    H N N 258 
PRO HA   H N N 259 
PRO HB2  H N N 260 
PRO HB3  H N N 261 
PRO HG2  H N N 262 
PRO HG3  H N N 263 
PRO HD2  H N N 264 
PRO HD3  H N N 265 
PRO HXT  H N N 266 
SER N    N N N 267 
SER CA   C N S 268 
SER C    C N N 269 
SER O    O N N 270 
SER CB   C N N 271 
SER OG   O N N 272 
SER OXT  O N N 273 
SER H    H N N 274 
SER H2   H N N 275 
SER HA   H N N 276 
SER HB2  H N N 277 
SER HB3  H N N 278 
SER HG   H N N 279 
SER HXT  H N N 280 
THR N    N N N 281 
THR CA   C N S 282 
THR C    C N N 283 
THR O    O N N 284 
THR CB   C N R 285 
THR OG1  O N N 286 
THR CG2  C N N 287 
THR OXT  O N N 288 
THR H    H N N 289 
THR H2   H N N 290 
THR HA   H N N 291 
THR HB   H N N 292 
THR HG1  H N N 293 
THR HG21 H N N 294 
THR HG22 H N N 295 
THR HG23 H N N 296 
THR HXT  H N N 297 
TRP N    N N N 298 
TRP CA   C N S 299 
TRP C    C N N 300 
TRP O    O N N 301 
TRP CB   C N N 302 
TRP CG   C Y N 303 
TRP CD1  C Y N 304 
TRP CD2  C Y N 305 
TRP NE1  N Y N 306 
TRP CE2  C Y N 307 
TRP CE3  C Y N 308 
TRP CZ2  C Y N 309 
TRP CZ3  C Y N 310 
TRP CH2  C Y N 311 
TRP OXT  O N N 312 
TRP H    H N N 313 
TRP H2   H N N 314 
TRP HA   H N N 315 
TRP HB2  H N N 316 
TRP HB3  H N N 317 
TRP HD1  H N N 318 
TRP HE1  H N N 319 
TRP HE3  H N N 320 
TRP HZ2  H N N 321 
TRP HZ3  H N N 322 
TRP HH2  H N N 323 
TRP HXT  H N N 324 
TYR N    N N N 325 
TYR CA   C N S 326 
TYR C    C N N 327 
TYR O    O N N 328 
TYR CB   C N N 329 
TYR CG   C Y N 330 
TYR CD1  C Y N 331 
TYR CD2  C Y N 332 
TYR CE1  C Y N 333 
TYR CE2  C Y N 334 
TYR CZ   C Y N 335 
TYR OH   O N N 336 
TYR OXT  O N N 337 
TYR H    H N N 338 
TYR H2   H N N 339 
TYR HA   H N N 340 
TYR HB2  H N N 341 
TYR HB3  H N N 342 
TYR HD1  H N N 343 
TYR HD2  H N N 344 
TYR HE1  H N N 345 
TYR HE2  H N N 346 
TYR HH   H N N 347 
TYR HXT  H N N 348 
VAL N    N N N 349 
VAL CA   C N S 350 
VAL C    C N N 351 
VAL O    O N N 352 
VAL CB   C N N 353 
VAL CG1  C N N 354 
VAL CG2  C N N 355 
VAL OXT  O N N 356 
VAL H    H N N 357 
VAL H2   H N N 358 
VAL HA   H N N 359 
VAL HB   H N N 360 
VAL HG11 H N N 361 
VAL HG12 H N N 362 
VAL HG13 H N N 363 
VAL HG21 H N N 364 
VAL HG22 H N N 365 
VAL HG23 H N N 366 
VAL HXT  H N N 367 
# 
loop_
_chem_comp_bond.comp_id 
_chem_comp_bond.atom_id_1 
_chem_comp_bond.atom_id_2 
_chem_comp_bond.value_order 
_chem_comp_bond.pdbx_aromatic_flag 
_chem_comp_bond.pdbx_stereo_config 
_chem_comp_bond.pdbx_ordinal 
ALA N   CA   sing N N 1   
ALA N   H    sing N N 2   
ALA N   H2   sing N N 3   
ALA CA  C    sing N N 4   
ALA CA  CB   sing N N 5   
ALA CA  HA   sing N N 6   
ALA C   O    doub N N 7   
ALA C   OXT  sing N N 8   
ALA CB  HB1  sing N N 9   
ALA CB  HB2  sing N N 10  
ALA CB  HB3  sing N N 11  
ALA OXT HXT  sing N N 12  
ARG N   CA   sing N N 13  
ARG N   H    sing N N 14  
ARG N   H2   sing N N 15  
ARG CA  C    sing N N 16  
ARG CA  CB   sing N N 17  
ARG CA  HA   sing N N 18  
ARG C   O    doub N N 19  
ARG C   OXT  sing N N 20  
ARG CB  CG   sing N N 21  
ARG CB  HB2  sing N N 22  
ARG CB  HB3  sing N N 23  
ARG CG  CD   sing N N 24  
ARG CG  HG2  sing N N 25  
ARG CG  HG3  sing N N 26  
ARG CD  NE   sing N N 27  
ARG CD  HD2  sing N N 28  
ARG CD  HD3  sing N N 29  
ARG NE  CZ   sing N N 30  
ARG NE  HE   sing N N 31  
ARG CZ  NH1  sing N N 32  
ARG CZ  NH2  doub N N 33  
ARG NH1 HH11 sing N N 34  
ARG NH1 HH12 sing N N 35  
ARG NH2 HH21 sing N N 36  
ARG NH2 HH22 sing N N 37  
ARG OXT HXT  sing N N 38  
ASN N   CA   sing N N 39  
ASN N   H    sing N N 40  
ASN N   H2   sing N N 41  
ASN CA  C    sing N N 42  
ASN CA  CB   sing N N 43  
ASN CA  HA   sing N N 44  
ASN C   O    doub N N 45  
ASN C   OXT  sing N N 46  
ASN CB  CG   sing N N 47  
ASN CB  HB2  sing N N 48  
ASN CB  HB3  sing N N 49  
ASN CG  OD1  doub N N 50  
ASN CG  ND2  sing N N 51  
ASN ND2 HD21 sing N N 52  
ASN ND2 HD22 sing N N 53  
ASN OXT HXT  sing N N 54  
ASP N   CA   sing N N 55  
ASP N   H    sing N N 56  
ASP N   H2   sing N N 57  
ASP CA  C    sing N N 58  
ASP CA  CB   sing N N 59  
ASP CA  HA   sing N N 60  
ASP C   O    doub N N 61  
ASP C   OXT  sing N N 62  
ASP CB  CG   sing N N 63  
ASP CB  HB2  sing N N 64  
ASP CB  HB3  sing N N 65  
ASP CG  OD1  doub N N 66  
ASP CG  OD2  sing N N 67  
ASP OD2 HD2  sing N N 68  
ASP OXT HXT  sing N N 69  
GLN N   CA   sing N N 70  
GLN N   H    sing N N 71  
GLN N   H2   sing N N 72  
GLN CA  C    sing N N 73  
GLN CA  CB   sing N N 74  
GLN CA  HA   sing N N 75  
GLN C   O    doub N N 76  
GLN C   OXT  sing N N 77  
GLN CB  CG   sing N N 78  
GLN CB  HB2  sing N N 79  
GLN CB  HB3  sing N N 80  
GLN CG  CD   sing N N 81  
GLN CG  HG2  sing N N 82  
GLN CG  HG3  sing N N 83  
GLN CD  OE1  doub N N 84  
GLN CD  NE2  sing N N 85  
GLN NE2 HE21 sing N N 86  
GLN NE2 HE22 sing N N 87  
GLN OXT HXT  sing N N 88  
GLU N   CA   sing N N 89  
GLU N   H    sing N N 90  
GLU N   H2   sing N N 91  
GLU CA  C    sing N N 92  
GLU CA  CB   sing N N 93  
GLU CA  HA   sing N N 94  
GLU C   O    doub N N 95  
GLU C   OXT  sing N N 96  
GLU CB  CG   sing N N 97  
GLU CB  HB2  sing N N 98  
GLU CB  HB3  sing N N 99  
GLU CG  CD   sing N N 100 
GLU CG  HG2  sing N N 101 
GLU CG  HG3  sing N N 102 
GLU CD  OE1  doub N N 103 
GLU CD  OE2  sing N N 104 
GLU OE2 HE2  sing N N 105 
GLU OXT HXT  sing N N 106 
GLY N   CA   sing N N 107 
GLY N   H    sing N N 108 
GLY N   H2   sing N N 109 
GLY CA  C    sing N N 110 
GLY CA  HA2  sing N N 111 
GLY CA  HA3  sing N N 112 
GLY C   O    doub N N 113 
GLY C   OXT  sing N N 114 
GLY OXT HXT  sing N N 115 
HOH O   H1   sing N N 116 
HOH O   H2   sing N N 117 
ILE N   CA   sing N N 118 
ILE N   H    sing N N 119 
ILE N   H2   sing N N 120 
ILE CA  C    sing N N 121 
ILE CA  CB   sing N N 122 
ILE CA  HA   sing N N 123 
ILE C   O    doub N N 124 
ILE C   OXT  sing N N 125 
ILE CB  CG1  sing N N 126 
ILE CB  CG2  sing N N 127 
ILE CB  HB   sing N N 128 
ILE CG1 CD1  sing N N 129 
ILE CG1 HG12 sing N N 130 
ILE CG1 HG13 sing N N 131 
ILE CG2 HG21 sing N N 132 
ILE CG2 HG22 sing N N 133 
ILE CG2 HG23 sing N N 134 
ILE CD1 HD11 sing N N 135 
ILE CD1 HD12 sing N N 136 
ILE CD1 HD13 sing N N 137 
ILE OXT HXT  sing N N 138 
IPA C1  C2   sing N N 139 
IPA C1  H11  sing N N 140 
IPA C1  H12  sing N N 141 
IPA C1  H13  sing N N 142 
IPA C2  C3   sing N N 143 
IPA C2  O2   sing N N 144 
IPA C2  H2   sing N N 145 
IPA C3  H31  sing N N 146 
IPA C3  H32  sing N N 147 
IPA C3  H33  sing N N 148 
IPA O2  HO2  sing N N 149 
LEU N   CA   sing N N 150 
LEU N   H    sing N N 151 
LEU N   H2   sing N N 152 
LEU CA  C    sing N N 153 
LEU CA  CB   sing N N 154 
LEU CA  HA   sing N N 155 
LEU C   O    doub N N 156 
LEU C   OXT  sing N N 157 
LEU CB  CG   sing N N 158 
LEU CB  HB2  sing N N 159 
LEU CB  HB3  sing N N 160 
LEU CG  CD1  sing N N 161 
LEU CG  CD2  sing N N 162 
LEU CG  HG   sing N N 163 
LEU CD1 HD11 sing N N 164 
LEU CD1 HD12 sing N N 165 
LEU CD1 HD13 sing N N 166 
LEU CD2 HD21 sing N N 167 
LEU CD2 HD22 sing N N 168 
LEU CD2 HD23 sing N N 169 
LEU OXT HXT  sing N N 170 
LYS N   CA   sing N N 171 
LYS N   H    sing N N 172 
LYS N   H2   sing N N 173 
LYS CA  C    sing N N 174 
LYS CA  CB   sing N N 175 
LYS CA  HA   sing N N 176 
LYS C   O    doub N N 177 
LYS C   OXT  sing N N 178 
LYS CB  CG   sing N N 179 
LYS CB  HB2  sing N N 180 
LYS CB  HB3  sing N N 181 
LYS CG  CD   sing N N 182 
LYS CG  HG2  sing N N 183 
LYS CG  HG3  sing N N 184 
LYS CD  CE   sing N N 185 
LYS CD  HD2  sing N N 186 
LYS CD  HD3  sing N N 187 
LYS CE  NZ   sing N N 188 
LYS CE  HE2  sing N N 189 
LYS CE  HE3  sing N N 190 
LYS NZ  HZ1  sing N N 191 
LYS NZ  HZ2  sing N N 192 
LYS NZ  HZ3  sing N N 193 
LYS OXT HXT  sing N N 194 
MET N   CA   sing N N 195 
MET N   H    sing N N 196 
MET N   H2   sing N N 197 
MET CA  C    sing N N 198 
MET CA  CB   sing N N 199 
MET CA  HA   sing N N 200 
MET C   O    doub N N 201 
MET C   OXT  sing N N 202 
MET CB  CG   sing N N 203 
MET CB  HB2  sing N N 204 
MET CB  HB3  sing N N 205 
MET CG  SD   sing N N 206 
MET CG  HG2  sing N N 207 
MET CG  HG3  sing N N 208 
MET SD  CE   sing N N 209 
MET CE  HE1  sing N N 210 
MET CE  HE2  sing N N 211 
MET CE  HE3  sing N N 212 
MET OXT HXT  sing N N 213 
PHE N   CA   sing N N 214 
PHE N   H    sing N N 215 
PHE N   H2   sing N N 216 
PHE CA  C    sing N N 217 
PHE CA  CB   sing N N 218 
PHE CA  HA   sing N N 219 
PHE C   O    doub N N 220 
PHE C   OXT  sing N N 221 
PHE CB  CG   sing N N 222 
PHE CB  HB2  sing N N 223 
PHE CB  HB3  sing N N 224 
PHE CG  CD1  doub Y N 225 
PHE CG  CD2  sing Y N 226 
PHE CD1 CE1  sing Y N 227 
PHE CD1 HD1  sing N N 228 
PHE CD2 CE2  doub Y N 229 
PHE CD2 HD2  sing N N 230 
PHE CE1 CZ   doub Y N 231 
PHE CE1 HE1  sing N N 232 
PHE CE2 CZ   sing Y N 233 
PHE CE2 HE2  sing N N 234 
PHE CZ  HZ   sing N N 235 
PHE OXT HXT  sing N N 236 
PRO N   CA   sing N N 237 
PRO N   CD   sing N N 238 
PRO N   H    sing N N 239 
PRO CA  C    sing N N 240 
PRO CA  CB   sing N N 241 
PRO CA  HA   sing N N 242 
PRO C   O    doub N N 243 
PRO C   OXT  sing N N 244 
PRO CB  CG   sing N N 245 
PRO CB  HB2  sing N N 246 
PRO CB  HB3  sing N N 247 
PRO CG  CD   sing N N 248 
PRO CG  HG2  sing N N 249 
PRO CG  HG3  sing N N 250 
PRO CD  HD2  sing N N 251 
PRO CD  HD3  sing N N 252 
PRO OXT HXT  sing N N 253 
SER N   CA   sing N N 254 
SER N   H    sing N N 255 
SER N   H2   sing N N 256 
SER CA  C    sing N N 257 
SER CA  CB   sing N N 258 
SER CA  HA   sing N N 259 
SER C   O    doub N N 260 
SER C   OXT  sing N N 261 
SER CB  OG   sing N N 262 
SER CB  HB2  sing N N 263 
SER CB  HB3  sing N N 264 
SER OG  HG   sing N N 265 
SER OXT HXT  sing N N 266 
THR N   CA   sing N N 267 
THR N   H    sing N N 268 
THR N   H2   sing N N 269 
THR CA  C    sing N N 270 
THR CA  CB   sing N N 271 
THR CA  HA   sing N N 272 
THR C   O    doub N N 273 
THR C   OXT  sing N N 274 
THR CB  OG1  sing N N 275 
THR CB  CG2  sing N N 276 
THR CB  HB   sing N N 277 
THR OG1 HG1  sing N N 278 
THR CG2 HG21 sing N N 279 
THR CG2 HG22 sing N N 280 
THR CG2 HG23 sing N N 281 
THR OXT HXT  sing N N 282 
TRP N   CA   sing N N 283 
TRP N   H    sing N N 284 
TRP N   H2   sing N N 285 
TRP CA  C    sing N N 286 
TRP CA  CB   sing N N 287 
TRP CA  HA   sing N N 288 
TRP C   O    doub N N 289 
TRP C   OXT  sing N N 290 
TRP CB  CG   sing N N 291 
TRP CB  HB2  sing N N 292 
TRP CB  HB3  sing N N 293 
TRP CG  CD1  doub Y N 294 
TRP CG  CD2  sing Y N 295 
TRP CD1 NE1  sing Y N 296 
TRP CD1 HD1  sing N N 297 
TRP CD2 CE2  doub Y N 298 
TRP CD2 CE3  sing Y N 299 
TRP NE1 CE2  sing Y N 300 
TRP NE1 HE1  sing N N 301 
TRP CE2 CZ2  sing Y N 302 
TRP CE3 CZ3  doub Y N 303 
TRP CE3 HE3  sing N N 304 
TRP CZ2 CH2  doub Y N 305 
TRP CZ2 HZ2  sing N N 306 
TRP CZ3 CH2  sing Y N 307 
TRP CZ3 HZ3  sing N N 308 
TRP CH2 HH2  sing N N 309 
TRP OXT HXT  sing N N 310 
TYR N   CA   sing N N 311 
TYR N   H    sing N N 312 
TYR N   H2   sing N N 313 
TYR CA  C    sing N N 314 
TYR CA  CB   sing N N 315 
TYR CA  HA   sing N N 316 
TYR C   O    doub N N 317 
TYR C   OXT  sing N N 318 
TYR CB  CG   sing N N 319 
TYR CB  HB2  sing N N 320 
TYR CB  HB3  sing N N 321 
TYR CG  CD1  doub Y N 322 
TYR CG  CD2  sing Y N 323 
TYR CD1 CE1  sing Y N 324 
TYR CD1 HD1  sing N N 325 
TYR CD2 CE2  doub Y N 326 
TYR CD2 HD2  sing N N 327 
TYR CE1 CZ   doub Y N 328 
TYR CE1 HE1  sing N N 329 
TYR CE2 CZ   sing Y N 330 
TYR CE2 HE2  sing N N 331 
TYR CZ  OH   sing N N 332 
TYR OH  HH   sing N N 333 
TYR OXT HXT  sing N N 334 
VAL N   CA   sing N N 335 
VAL N   H    sing N N 336 
VAL N   H2   sing N N 337 
VAL CA  C    sing N N 338 
VAL CA  CB   sing N N 339 
VAL CA  HA   sing N N 340 
VAL C   O    doub N N 341 
VAL C   OXT  sing N N 342 
VAL CB  CG1  sing N N 343 
VAL CB  CG2  sing N N 344 
VAL CB  HB   sing N N 345 
VAL CG1 HG11 sing N N 346 
VAL CG1 HG12 sing N N 347 
VAL CG1 HG13 sing N N 348 
VAL CG2 HG21 sing N N 349 
VAL CG2 HG22 sing N N 350 
VAL CG2 HG23 sing N N 351 
VAL OXT HXT  sing N N 352 
# 
_atom_sites.entry_id                    2BM3 
_atom_sites.fract_transf_matrix[1][1]   -0.00092114 
_atom_sites.fract_transf_matrix[1][2]   -0.01359728 
_atom_sites.fract_transf_matrix[1][3]   0.00492927 
_atom_sites.fract_transf_matrix[2][1]   -0.01191155 
_atom_sites.fract_transf_matrix[2][2]   -0.00784567 
_atom_sites.fract_transf_matrix[2][3]   -0.00256486 
_atom_sites.fract_transf_matrix[3][1]   0.00397404 
_atom_sites.fract_transf_matrix[3][2]   -0.00330021 
_atom_sites.fract_transf_matrix[3][3]   -0.00836093 
_atom_sites.fract_transf_vector[1]      0.302449 
_atom_sites.fract_transf_vector[2]      0.401494 
_atom_sites.fract_transf_vector[3]      0.119821 
# 
loop_
_atom_type.symbol 
C 
N 
O 
S 
# 
loop_
_atom_site.group_PDB 
_atom_site.id 
_atom_site.type_symbol 
_atom_site.label_atom_id 
_atom_site.label_alt_id 
_atom_site.label_comp_id 
_atom_site.label_asym_id 
_atom_site.label_entity_id 
_atom_site.label_seq_id 
_atom_site.pdbx_PDB_ins_code 
_atom_site.Cartn_x 
_atom_site.Cartn_y 
_atom_site.Cartn_z 
_atom_site.occupancy 
_atom_site.B_iso_or_equiv 
_atom_site.pdbx_formal_charge 
_atom_site.auth_seq_id 
_atom_site.auth_comp_id 
_atom_site.auth_asym_id 
_atom_site.auth_atom_id 
_atom_site.pdbx_PDB_model_num 
ATOM   1    N N   . LYS A 1 5   ? 15.833  9.327   9.012   1.00 37.98 ? 5    LYS A N   1 
ATOM   2    C CA  . LYS A 1 5   ? 15.934  10.216  7.802   1.00 37.55 ? 5    LYS A CA  1 
ATOM   3    C C   . LYS A 1 5   ? 16.048  9.434   6.473   1.00 36.71 ? 5    LYS A C   1 
ATOM   4    O O   . LYS A 1 5   ? 15.948  10.028  5.381   1.00 37.76 ? 5    LYS A O   1 
ATOM   5    C CB  . LYS A 1 5   ? 17.087  11.217  7.955   1.00 38.02 ? 5    LYS A CB  1 
ATOM   6    N N   . ALA A 1 6   ? 16.253  8.116   6.568   1.00 35.06 ? 6    ALA A N   1 
ATOM   7    C CA  . ALA A 1 6   ? 16.328  7.251   5.383   1.00 32.87 ? 6    ALA A CA  1 
ATOM   8    C C   . ALA A 1 6   ? 14.971  7.211   4.698   1.00 31.05 ? 6    ALA A C   1 
ATOM   9    O O   . ALA A 1 6   ? 13.937  7.089   5.367   1.00 31.24 ? 6    ALA A O   1 
ATOM   10   C CB  . ALA A 1 6   ? 16.747  5.840   5.757   1.00 32.78 ? 6    ALA A CB  1 
ATOM   11   N N   . SER A 1 7   ? 14.997  7.295   3.369   1.00 28.85 ? 7    SER A N   1 
ATOM   12   C CA  . SER A 1 7   ? 13.777  7.270   2.561   1.00 27.05 ? 7    SER A CA  1 
ATOM   13   C C   . SER A 1 7   ? 13.339  5.836   2.345   1.00 24.87 ? 7    SER A C   1 
ATOM   14   O O   . SER A 1 7   ? 14.155  4.969   1.978   1.00 23.12 ? 7    SER A O   1 
ATOM   15   C CB  . SER A 1 7   ? 14.009  7.957   1.217   1.00 27.20 ? 7    SER A CB  1 
ATOM   16   O OG  . SER A 1 7   ? 14.406  9.302   1.437   1.00 30.35 ? 7    SER A OG  1 
ATOM   17   N N   . SER A 1 8   ? 12.049  5.566   2.569   1.00 22.78 ? 8    SER A N   1 
ATOM   18   C CA  . SER A 1 8   ? 11.589  4.197   2.449   1.00 20.37 ? 8    SER A CA  1 
ATOM   19   C C   . SER A 1 8   ? 10.083  4.097   2.249   1.00 19.35 ? 8    SER A C   1 
ATOM   20   O O   . SER A 1 8   ? 9.341   5.020   2.598   1.00 18.51 ? 8    SER A O   1 
ATOM   21   C CB  . SER A 1 8   ? 12.014  3.347   3.649   1.00 21.57 ? 8    SER A CB  1 
ATOM   22   O OG  . SER A 1 8   ? 11.318  3.665   4.859   1.00 20.88 ? 8    SER A OG  1 
ATOM   23   N N   . ILE A 1 9   ? 9.680   2.984   1.647   1.00 18.14 ? 9    ILE A N   1 
ATOM   24   C CA  . ILE A 1 9   ? 8.292   2.497   1.742   1.00 17.21 ? 9    ILE A CA  1 
ATOM   25   C C   . ILE A 1 9   ? 8.350   1.167   2.475   1.00 17.86 ? 9    ILE A C   1 
ATOM   26   O O   . ILE A 1 9   ? 9.235   0.332   2.220   1.00 16.88 ? 9    ILE A O   1 
ATOM   27   C CB  . ILE A 1 9   ? 7.582   2.414   0.353   1.00 17.55 ? 9    ILE A CB  1 
ATOM   28   C CG1 . ILE A 1 9   ? 6.128   1.952   0.526   1.00 16.18 ? 9    ILE A CG1 1 
ATOM   29   C CG2 . ILE A 1 9   ? 8.348   1.501   -0.618  1.00 15.21 ? 9    ILE A CG2 1 
ATOM   30   C CD1 . ILE A 1 9   ? 5.279   2.080   -0.757  1.00 17.45 ? 9    ILE A CD1 1 
ATOM   31   N N   . GLU A 1 10  ? 7.445   0.981   3.423   1.00 17.90 ? 10   GLU A N   1 
ATOM   32   C CA  A GLU A 1 10  ? 7.441   -0.214  4.251   0.50 18.14 ? 10   GLU A CA  1 
ATOM   33   C CA  B GLU A 1 10  ? 7.445   -0.213  4.241   0.50 18.66 ? 10   GLU A CA  1 
ATOM   34   C C   . GLU A 1 10  ? 6.056   -0.838  4.315   1.00 18.96 ? 10   GLU A C   1 
ATOM   35   O O   . GLU A 1 10  ? 5.063   -0.115  4.368   1.00 19.17 ? 10   GLU A O   1 
ATOM   36   C CB  A GLU A 1 10  ? 7.934   0.099   5.678   0.50 18.44 ? 10   GLU A CB  1 
ATOM   37   C CB  B GLU A 1 10  ? 7.976   0.108   5.650   0.50 18.98 ? 10   GLU A CB  1 
ATOM   38   C CG  A GLU A 1 10  ? 7.879   -1.128  6.624   0.50 17.90 ? 10   GLU A CG  1 
ATOM   39   C CG  B GLU A 1 10  ? 7.175   1.135   6.429   0.50 20.72 ? 10   GLU A CG  1 
ATOM   40   C CD  A GLU A 1 10  ? 8.653   -0.958  7.940   0.50 19.48 ? 10   GLU A CD  1 
ATOM   41   C CD  B GLU A 1 10  ? 7.716   1.380   7.836   0.50 20.50 ? 10   GLU A CD  1 
ATOM   42   O OE1 A GLU A 1 10  ? 9.163   0.150   8.223   0.50 17.68 ? 10   GLU A OE1 1 
ATOM   43   O OE1 B GLU A 1 10  ? 8.281   2.460   8.073   0.50 22.28 ? 10   GLU A OE1 1 
ATOM   44   O OE2 A GLU A 1 10  ? 8.743   -1.955  8.688   0.50 20.46 ? 10   GLU A OE2 1 
ATOM   45   O OE2 B GLU A 1 10  ? 7.573   0.489   8.692   0.50 24.99 ? 10   GLU A OE2 1 
ATOM   46   N N   . LEU A 1 11  ? 6.011   -2.168  4.304   1.00 17.99 ? 11   LEU A N   1 
ATOM   47   C CA  . LEU A 1 11  ? 4.809   -2.921  4.670   1.00 18.70 ? 11   LEU A CA  1 
ATOM   48   C C   . LEU A 1 11  ? 5.127   -3.597  6.017   1.00 19.77 ? 11   LEU A C   1 
ATOM   49   O O   . LEU A 1 11  ? 6.045   -4.435  6.099   1.00 19.79 ? 11   LEU A O   1 
ATOM   50   C CB  . LEU A 1 11  ? 4.458   -3.956  3.604   1.00 18.89 ? 11   LEU A CB  1 
ATOM   51   C CG  . LEU A 1 11  ? 3.319   -4.941  3.919   1.00 18.79 ? 11   LEU A CG  1 
ATOM   52   C CD1 . LEU A 1 11  ? 1.966   -4.264  4.270   1.00 19.71 ? 11   LEU A CD1 1 
ATOM   53   C CD2 . LEU A 1 11  ? 3.158   -5.961  2.755   1.00 19.57 ? 11   LEU A CD2 1 
ATOM   54   N N   . LYS A 1 12  ? 4.388   -3.200  7.044   1.00 19.58 ? 12   LYS A N   1 
ATOM   55   C CA  A LYS A 1 12  ? 4.672   -3.687  8.388   0.50 20.28 ? 12   LYS A CA  1 
ATOM   56   C CA  B LYS A 1 12  ? 4.650   -3.578  8.438   0.50 20.26 ? 12   LYS A CA  1 
ATOM   57   C C   . LYS A 1 12  ? 3.428   -4.244  9.041   1.00 20.58 ? 12   LYS A C   1 
ATOM   58   O O   . LYS A 1 12  ? 2.310   -3.709  8.907   1.00 20.38 ? 12   LYS A O   1 
ATOM   59   C CB  A LYS A 1 12  ? 5.304   -2.573  9.234   0.50 20.08 ? 12   LYS A CB  1 
ATOM   60   C CB  B LYS A 1 12  ? 4.958   -2.327  9.297   0.50 20.45 ? 12   LYS A CB  1 
ATOM   61   C CG  A LYS A 1 12  ? 5.538   -2.895  10.719  0.50 20.61 ? 12   LYS A CG  1 
ATOM   62   C CG  B LYS A 1 12  ? 5.532   -1.092  8.590   0.50 22.23 ? 12   LYS A CG  1 
ATOM   63   C CD  A LYS A 1 12  ? 5.938   -1.599  11.439  0.50 21.87 ? 12   LYS A CD  1 
ATOM   64   C CD  B LYS A 1 12  ? 4.505   0.050   8.358   0.50 22.33 ? 12   LYS A CD  1 
ATOM   65   C CE  A LYS A 1 12  ? 6.117   -1.798  12.933  0.50 25.26 ? 12   LYS A CE  1 
ATOM   66   C CE  B LYS A 1 12  ? 4.307   0.943   9.602   0.50 22.63 ? 12   LYS A CE  1 
ATOM   67   N NZ  A LYS A 1 12  ? 6.361   -0.480  13.588  0.50 25.86 ? 12   LYS A NZ  1 
ATOM   68   N NZ  B LYS A 1 12  ? 3.775   0.216   10.806  0.50 21.08 ? 12   LYS A NZ  1 
ATOM   69   N N   . PHE A 1 13  ? 3.626   -5.350  9.745   1.00 20.40 ? 13   PHE A N   1 
ATOM   70   C CA  . PHE A 1 13  ? 2.520   -5.947  10.471  1.00 23.33 ? 13   PHE A CA  1 
ATOM   71   C C   . PHE A 1 13  ? 2.671   -5.731  11.954  1.00 25.63 ? 13   PHE A C   1 
ATOM   72   O O   . PHE A 1 13  ? 3.795   -5.731  12.475  1.00 26.54 ? 13   PHE A O   1 
ATOM   73   C CB  . PHE A 1 13  ? 2.453   -7.429  10.156  1.00 21.66 ? 13   PHE A CB  1 
ATOM   74   C CG  . PHE A 1 13  ? 1.844   -7.720  8.819   1.00 22.26 ? 13   PHE A CG  1 
ATOM   75   C CD1 . PHE A 1 13  ? 0.511   -8.124  8.731   1.00 22.39 ? 13   PHE A CD1 1 
ATOM   76   C CD2 . PHE A 1 13  ? 2.595   -7.573  7.639   1.00 21.03 ? 13   PHE A CD2 1 
ATOM   77   C CE1 . PHE A 1 13  ? -0.075  -8.382  7.498   1.00 20.21 ? 13   PHE A CE1 1 
ATOM   78   C CE2 . PHE A 1 13  ? 1.999   -7.841  6.376   1.00 21.30 ? 13   PHE A CE2 1 
ATOM   79   C CZ  . PHE A 1 13  ? 0.669   -8.262  6.329   1.00 20.73 ? 13   PHE A CZ  1 
ATOM   80   N N   . ASP A 1 14  ? 1.544   -5.560  12.632  1.00 27.85 ? 14   ASP A N   1 
ATOM   81   C CA  A ASP A 1 14  ? 1.484   -5.454  14.079  0.50 28.60 ? 14   ASP A CA  1 
ATOM   82   C CA  B ASP A 1 14  ? 1.653   -5.431  14.074  0.50 28.91 ? 14   ASP A CA  1 
ATOM   83   C C   . ASP A 1 14  ? 1.882   -6.771  14.746  1.00 28.96 ? 14   ASP A C   1 
ATOM   84   O O   . ASP A 1 14  ? 2.436   -6.813  15.838  1.00 30.45 ? 14   ASP A O   1 
ATOM   85   C CB  A ASP A 1 14  ? 0.086   -4.963  14.549  0.50 28.52 ? 14   ASP A CB  1 
ATOM   86   C CB  B ASP A 1 14  ? 0.516   -4.613  14.703  0.50 29.41 ? 14   ASP A CB  1 
ATOM   87   C CG  A ASP A 1 14  ? -1.104  -5.455  13.677  0.50 27.61 ? 14   ASP A CG  1 
ATOM   88   C CG  B ASP A 1 14  ? 1.006   -3.286  15.274  0.50 29.54 ? 14   ASP A CG  1 
ATOM   89   O OD1 A ASP A 1 14  ? -1.050  -6.476  12.948  0.50 23.48 ? 14   ASP A OD1 1 
ATOM   90   O OD1 B ASP A 1 14  ? 0.202   -2.575  15.909  0.50 29.33 ? 14   ASP A OD1 1 
ATOM   91   O OD2 A ASP A 1 14  ? -2.165  -4.801  13.785  0.50 28.17 ? 14   ASP A OD2 1 
ATOM   92   O OD2 B ASP A 1 14  ? 2.197   -2.953  15.080  0.50 29.12 ? 14   ASP A OD2 1 
ATOM   93   N N   . ARG A 1 15  ? 1.540   -7.857  14.065  1.00 27.87 ? 15   ARG A N   1 
ATOM   94   C CA  . ARG A 1 15  ? 1.870   -9.200  14.493  1.00 27.22 ? 15   ARG A CA  1 
ATOM   95   C C   . ARG A 1 15  ? 1.852   -10.070 13.242  1.00 27.55 ? 15   ARG A C   1 
ATOM   96   O O   . ARG A 1 15  ? 1.104   -9.815  12.299  1.00 26.51 ? 15   ARG A O   1 
ATOM   97   C CB  . ARG A 1 15  ? 0.859   -9.736  15.510  1.00 27.82 ? 15   ARG A CB  1 
ATOM   98   C CG  . ARG A 1 15  ? -0.555  -9.517  15.120  1.00 26.84 ? 15   ARG A CG  1 
ATOM   99   C CD  . ARG A 1 15  ? -1.510  -10.240 16.042  1.00 28.54 ? 15   ARG A CD  1 
ATOM   100  N NE  . ARG A 1 15  ? -2.867  -10.065 15.541  1.00 28.77 ? 15   ARG A NE  1 
ATOM   101  C CZ  . ARG A 1 15  ? -3.854  -10.940 15.697  1.00 26.24 ? 15   ARG A CZ  1 
ATOM   102  N NH1 . ARG A 1 15  ? -3.671  -12.074 16.349  1.00 22.73 ? 15   ARG A NH1 1 
ATOM   103  N NH2 . ARG A 1 15  ? -5.027  -10.656 15.187  1.00 25.06 ? 15   ARG A NH2 1 
ATOM   104  N N   . ASN A 1 16  ? 2.666   -11.106 13.230  1.00 27.08 ? 16   ASN A N   1 
ATOM   105  C CA  . ASN A 1 16  ? 2.728   -11.888 12.013  1.00 27.84 ? 16   ASN A CA  1 
ATOM   106  C C   . ASN A 1 16  ? 2.244   -13.309 12.163  1.00 26.57 ? 16   ASN A C   1 
ATOM   107  O O   . ASN A 1 16  ? 2.345   -14.080 11.225  1.00 27.35 ? 16   ASN A O   1 
ATOM   108  C CB  . ASN A 1 16  ? 4.124   -11.849 11.438  1.00 28.67 ? 16   ASN A CB  1 
ATOM   109  C CG  . ASN A 1 16  ? 5.151   -12.197 12.449  1.00 32.47 ? 16   ASN A CG  1 
ATOM   110  O OD1 . ASN A 1 16  ? 4.994   -13.167 13.197  1.00 35.63 ? 16   ASN A OD1 1 
ATOM   111  N ND2 . ASN A 1 16  ? 6.219   -11.383 12.517  1.00 37.63 ? 16   ASN A ND2 1 
ATOM   112  N N   . LYS A 1 17  ? 1.718   -13.654 13.334  1.00 24.74 ? 17   LYS A N   1 
ATOM   113  C CA  . LYS A 1 17  ? 1.134   -14.967 13.538  1.00 24.49 ? 17   LYS A CA  1 
ATOM   114  C C   . LYS A 1 17  ? -0.196  -14.821 14.266  1.00 23.06 ? 17   LYS A C   1 
ATOM   115  O O   . LYS A 1 17  ? -0.389  -13.899 15.055  1.00 22.75 ? 17   LYS A O   1 
ATOM   116  C CB  . LYS A 1 17  ? 2.091   -15.901 14.296  1.00 24.52 ? 17   LYS A CB  1 
ATOM   117  C CG  . LYS A 1 17  ? 3.343   -16.332 13.484  1.00 27.85 ? 17   LYS A CG  1 
ATOM   118  N N   . GLY A 1 18  ? -1.136  -15.692 13.926  1.00 22.58 ? 18   GLY A N   1 
ATOM   119  C CA  . GLY A 1 18  ? -2.412  -15.698 14.613  1.00 21.82 ? 18   GLY A CA  1 
ATOM   120  C C   . GLY A 1 18  ? -3.074  -17.020 14.368  1.00 21.41 ? 18   GLY A C   1 
ATOM   121  O O   . GLY A 1 18  ? -2.533  -17.880 13.673  1.00 22.47 ? 18   GLY A O   1 
ATOM   122  N N   . GLU A 1 19  ? -4.262  -17.188 14.932  1.00 19.87 ? 19   GLU A N   1 
ATOM   123  C CA  A GLU A 1 19  ? -5.024  -18.403 14.712  0.33 19.55 ? 19   GLU A CA  1 
ATOM   124  C CA  B GLU A 1 19  ? -5.009  -18.407 14.702  0.33 19.62 ? 19   GLU A CA  1 
ATOM   125  C CA  C GLU A 1 19  ? -5.024  -18.407 14.714  0.33 19.45 ? 19   GLU A CA  1 
ATOM   126  C C   . GLU A 1 19  ? -5.910  -18.228 13.489  1.00 18.96 ? 19   GLU A C   1 
ATOM   127  O O   . GLU A 1 19  ? -6.272  -17.122 13.139  1.00 18.78 ? 19   GLU A O   1 
ATOM   128  C CB  A GLU A 1 19  ? -5.885  -18.713 15.929  0.33 19.32 ? 19   GLU A CB  1 
ATOM   129  C CB  B GLU A 1 19  ? -5.812  -18.783 15.947  0.33 19.51 ? 19   GLU A CB  1 
ATOM   130  C CB  C GLU A 1 19  ? -5.868  -18.760 15.946  0.33 19.22 ? 19   GLU A CB  1 
ATOM   131  C CG  A GLU A 1 19  ? -5.109  -19.236 17.126  0.33 20.00 ? 19   GLU A CG  1 
ATOM   132  C CG  B GLU A 1 19  ? -4.931  -19.271 17.093  0.33 20.40 ? 19   GLU A CG  1 
ATOM   133  C CG  C GLU A 1 19  ? -6.779  -17.647 16.454  0.33 18.85 ? 19   GLU A CG  1 
ATOM   134  C CD  A GLU A 1 19  ? -6.009  -19.992 18.079  0.33 19.24 ? 19   GLU A CD  1 
ATOM   135  C CD  B GLU A 1 19  ? -4.254  -20.595 16.778  0.33 20.46 ? 19   GLU A CD  1 
ATOM   136  C CD  C GLU A 1 19  ? -7.401  -17.970 17.804  0.33 19.72 ? 19   GLU A CD  1 
ATOM   137  O OE1 A GLU A 1 19  ? -7.146  -19.537 18.296  0.33 17.87 ? 19   GLU A OE1 1 
ATOM   138  O OE1 B GLU A 1 19  ? -4.956  -21.625 16.706  0.33 21.48 ? 19   GLU A OE1 1 
ATOM   139  O OE1 C GLU A 1 19  ? -6.659  -18.384 18.729  0.33 19.69 ? 19   GLU A OE1 1 
ATOM   140  O OE2 A GLU A 1 19  ? -5.589  -21.049 18.596  0.33 21.45 ? 19   GLU A OE2 1 
ATOM   141  O OE2 B GLU A 1 19  ? -3.015  -20.609 16.613  0.33 22.14 ? 19   GLU A OE2 1 
ATOM   142  O OE2 C GLU A 1 19  ? -8.635  -17.812 17.936  0.33 19.68 ? 19   GLU A OE2 1 
ATOM   143  N N   . VAL A 1 20  ? -6.260  -19.332 12.856  1.00 19.32 ? 20   VAL A N   1 
ATOM   144  C CA  . VAL A 1 20  ? -7.168  -19.287 11.692  1.00 18.24 ? 20   VAL A CA  1 
ATOM   145  C C   . VAL A 1 20  ? -8.460  -18.563 12.051  1.00 18.02 ? 20   VAL A C   1 
ATOM   146  O O   . VAL A 1 20  ? -9.094  -18.850 13.071  1.00 17.65 ? 20   VAL A O   1 
ATOM   147  C CB  . VAL A 1 20  ? -7.454  -20.715 11.159  1.00 18.16 ? 20   VAL A CB  1 
ATOM   148  C CG1 . VAL A 1 20  ? -8.388  -20.668 9.952   1.00 15.84 ? 20   VAL A CG1 1 
ATOM   149  C CG2 . VAL A 1 20  ? -6.158  -21.425 10.792  1.00 18.97 ? 20   VAL A CG2 1 
ATOM   150  N N   . GLY A 1 21  ? -8.842  -17.604 11.211  1.00 16.69 ? 21   GLY A N   1 
ATOM   151  C CA  . GLY A 1 21  ? -10.000 -16.764 11.447  1.00 16.30 ? 21   GLY A CA  1 
ATOM   152  C C   . GLY A 1 21  ? -9.641  -15.376 11.954  1.00 15.34 ? 21   GLY A C   1 
ATOM   153  O O   . GLY A 1 21  ? -10.413 -14.452 11.802  1.00 15.61 ? 21   GLY A O   1 
ATOM   154  N N   . ASP A 1 22  ? -8.459  -15.220 12.555  1.00 15.88 ? 22   ASP A N   1 
ATOM   155  C CA  A ASP A 1 22  ? -8.082  -13.875 12.992  0.50 15.90 ? 22   ASP A CA  1 
ATOM   156  C CA  B ASP A 1 22  ? -7.912  -13.937 13.011  0.50 16.12 ? 22   ASP A CA  1 
ATOM   157  C C   . ASP A 1 22  ? -7.537  -13.071 11.814  1.00 16.56 ? 22   ASP A C   1 
ATOM   158  O O   . ASP A 1 22  ? -7.171  -13.620 10.771  1.00 16.45 ? 22   ASP A O   1 
ATOM   159  C CB  A ASP A 1 22  ? -7.063  -13.897 14.124  0.50 16.23 ? 22   ASP A CB  1 
ATOM   160  C CB  B ASP A 1 22  ? -6.606  -14.175 13.784  0.50 16.50 ? 22   ASP A CB  1 
ATOM   161  C CG  A ASP A 1 22  ? -7.161  -12.668 15.052  0.50 15.48 ? 22   ASP A CG  1 
ATOM   162  C CG  B ASP A 1 22  ? -6.819  -14.861 15.128  0.50 16.59 ? 22   ASP A CG  1 
ATOM   163  O OD1 A ASP A 1 22  ? -7.924  -11.701 14.798  0.50 13.33 ? 22   ASP A OD1 1 
ATOM   164  O OD1 B ASP A 1 22  ? -7.978  -15.147 15.493  0.50 16.33 ? 22   ASP A OD1 1 
ATOM   165  O OD2 A ASP A 1 22  ? -6.452  -12.684 16.069  0.50 14.87 ? 22   ASP A OD2 1 
ATOM   166  O OD2 B ASP A 1 22  ? -5.805  -15.097 15.832  0.50 21.37 ? 22   ASP A OD2 1 
ATOM   167  N N   . ILE A 1 23  ? -7.511  -11.765 12.022  1.00 15.54 ? 23   ILE A N   1 
ATOM   168  C CA  . ILE A 1 23  ? -7.088  -10.803 11.026  1.00 16.25 ? 23   ILE A CA  1 
ATOM   169  C C   . ILE A 1 23  ? -5.782  -10.094 11.395  1.00 15.62 ? 23   ILE A C   1 
ATOM   170  O O   . ILE A 1 23  ? -5.697  -9.355  12.385  1.00 16.42 ? 23   ILE A O   1 
ATOM   171  C CB  . ILE A 1 23  ? -8.238  -9.774  10.801  1.00 16.27 ? 23   ILE A CB  1 
ATOM   172  C CG1 . ILE A 1 23  ? -9.488  -10.518 10.264  1.00 16.77 ? 23   ILE A CG1 1 
ATOM   173  C CG2 . ILE A 1 23  ? -7.768  -8.618  9.883   1.00 17.51 ? 23   ILE A CG2 1 
ATOM   174  C CD1 . ILE A 1 23  ? -10.731 -9.634  10.149  1.00 17.69 ? 23   ILE A CD1 1 
ATOM   175  N N   . LEU A 1 24  ? -4.764  -10.323 10.577  1.00 15.71 ? 24   LEU A N   1 
ATOM   176  C CA  . LEU A 1 24  ? -3.496  -9.630  10.716  1.00 17.42 ? 24   LEU A CA  1 
ATOM   177  C C   . LEU A 1 24  ? -3.586  -8.298  9.960   1.00 18.00 ? 24   LEU A C   1 
ATOM   178  O O   . LEU A 1 24  ? -4.026  -8.278  8.815   1.00 19.83 ? 24   LEU A O   1 
ATOM   179  C CB  . LEU A 1 24  ? -2.384  -10.487 10.138  1.00 17.55 ? 24   LEU A CB  1 
ATOM   180  C CG  . LEU A 1 24  ? -2.215  -11.880 10.737  1.00 19.98 ? 24   LEU A CG  1 
ATOM   181  C CD1 . LEU A 1 24  ? -1.028  -12.595 10.093  1.00 20.37 ? 24   LEU A CD1 1 
ATOM   182  C CD2 . LEU A 1 24  ? -2.074  -11.814 12.279  1.00 18.42 ? 24   LEU A CD2 1 
ATOM   183  N N   . ILE A 1 25  ? -3.178  -7.199  10.579  1.00 17.35 ? 25   ILE A N   1 
ATOM   184  C CA  . ILE A 1 25  ? -3.232  -5.903  9.900   1.00 17.67 ? 25   ILE A CA  1 
ATOM   185  C C   . ILE A 1 25  ? -1.868  -5.449  9.383   1.00 18.10 ? 25   ILE A C   1 
ATOM   186  O O   . ILE A 1 25  ? -0.894  -5.259  10.155  1.00 17.71 ? 25   ILE A O   1 
ATOM   187  C CB  . ILE A 1 25  ? -3.908  -4.815  10.789  1.00 18.08 ? 25   ILE A CB  1 
ATOM   188  C CG1 . ILE A 1 25  ? -5.316  -5.265  11.175  1.00 19.49 ? 25   ILE A CG1 1 
ATOM   189  C CG2 . ILE A 1 25  ? -3.925  -3.448  10.088  1.00 17.84 ? 25   ILE A CG2 1 
ATOM   190  C CD1 . ILE A 1 25  ? -5.981  -4.361  12.150  1.00 24.40 ? 25   ILE A CD1 1 
ATOM   191  N N   . GLY A 1 26  ? -1.790  -5.272  8.076   1.00 16.92 ? 26   GLY A N   1 
ATOM   192  C CA  . GLY A 1 26  ? -0.604  -4.747  7.428   1.00 17.98 ? 26   GLY A CA  1 
ATOM   193  C C   . GLY A 1 26  ? -0.766  -3.255  7.163   1.00 19.24 ? 26   GLY A C   1 
ATOM   194  O O   . GLY A 1 26  ? -1.824  -2.802  6.667   1.00 20.27 ? 26   GLY A O   1 
ATOM   195  N N   . THR A 1 27  ? 0.258   -2.483  7.502   1.00 17.02 ? 27   THR A N   1 
ATOM   196  C CA  . THR A 1 27  ? 0.244   -1.038  7.292   1.00 17.47 ? 27   THR A CA  1 
ATOM   197  C C   . THR A 1 27  ? 1.311   -0.724  6.254   1.00 16.94 ? 27   THR A C   1 
ATOM   198  O O   . THR A 1 27  ? 2.475   -1.153  6.390   1.00 17.27 ? 27   THR A O   1 
ATOM   199  C CB  . THR A 1 27  ? 0.534   -0.237  8.639   1.00 16.89 ? 27   THR A CB  1 
ATOM   200  O OG1 . THR A 1 27  ? -0.585  -0.392  9.513   1.00 21.49 ? 27   THR A OG1 1 
ATOM   201  C CG2 . THR A 1 27  ? 0.713   1.262   8.380   1.00 19.29 ? 27   THR A CG2 1 
ATOM   202  N N   . VAL A 1 28  ? 0.925   0.019   5.222   1.00 16.19 ? 28   VAL A N   1 
ATOM   203  C CA  . VAL A 1 28  ? 1.892   0.502   4.240   1.00 16.45 ? 28   VAL A CA  1 
ATOM   204  C C   . VAL A 1 28  ? 2.188   1.952   4.578   1.00 18.18 ? 28   VAL A C   1 
ATOM   205  O O   . VAL A 1 28  ? 1.275   2.787   4.640   1.00 18.11 ? 28   VAL A O   1 
ATOM   206  C CB  . VAL A 1 28  ? 1.336   0.423   2.792   1.00 17.38 ? 28   VAL A CB  1 
ATOM   207  C CG1 . VAL A 1 28  ? 2.446   0.874   1.795   1.00 18.13 ? 28   VAL A CG1 1 
ATOM   208  C CG2 . VAL A 1 28  ? 0.806   -0.985  2.456   1.00 15.37 ? 28   VAL A CG2 1 
ATOM   209  N N   . ARG A 1 29  ? 3.468   2.258   4.767   1.00 19.42 ? 29   ARG A N   1 
ATOM   210  C CA  . ARG A 1 29  ? 3.881   3.554   5.276   1.00 21.65 ? 29   ARG A CA  1 
ATOM   211  C C   . ARG A 1 29  ? 4.987   4.053   4.376   1.00 21.24 ? 29   ARG A C   1 
ATOM   212  O O   . ARG A 1 29  ? 5.780   3.236   3.879   1.00 21.77 ? 29   ARG A O   1 
ATOM   213  C CB  . ARG A 1 29  ? 4.438   3.338   6.687   1.00 23.17 ? 29   ARG A CB  1 
ATOM   214  C CG  . ARG A 1 29  ? 4.750   4.590   7.419   1.00 29.74 ? 29   ARG A CG  1 
ATOM   215  C CD  . ARG A 1 29  ? 4.761   4.367   8.932   1.00 34.68 ? 29   ARG A CD  1 
ATOM   216  N NE  . ARG A 1 29  ? 3.922   5.388   9.561   1.00 40.21 ? 29   ARG A NE  1 
ATOM   217  C CZ  . ARG A 1 29  ? 4.128   6.704   9.478   1.00 41.01 ? 29   ARG A CZ  1 
ATOM   218  N NH1 . ARG A 1 29  ? 5.176   7.205   8.808   1.00 41.49 ? 29   ARG A NH1 1 
ATOM   219  N NH2 . ARG A 1 29  ? 3.278   7.523   10.080  1.00 43.33 ? 29   ARG A NH2 1 
ATOM   220  N N   . ILE A 1 30  ? 5.038   5.362   4.156   1.00 20.80 ? 30   ILE A N   1 
ATOM   221  C CA  . ILE A 1 30  ? 6.192   5.998   3.522   1.00 21.55 ? 30   ILE A CA  1 
ATOM   222  C C   . ILE A 1 30  ? 6.949   6.853   4.536   1.00 22.29 ? 30   ILE A C   1 
ATOM   223  O O   . ILE A 1 30  ? 6.372   7.327   5.515   1.00 22.75 ? 30   ILE A O   1 
ATOM   224  C CB  . ILE A 1 30  ? 5.825   6.854   2.299   1.00 22.13 ? 30   ILE A CB  1 
ATOM   225  C CG1 . ILE A 1 30  ? 4.797   7.938   2.681   1.00 21.34 ? 30   ILE A CG1 1 
ATOM   226  C CG2 . ILE A 1 30  ? 5.323   5.950   1.117   1.00 20.81 ? 30   ILE A CG2 1 
ATOM   227  C CD1 . ILE A 1 30  ? 4.854   9.100   1.814   1.00 24.45 ? 30   ILE A CD1 1 
ATOM   228  N N   . ASN A 1 31  ? 8.241   7.041   4.294   1.00 23.12 ? 31   ASN A N   1 
ATOM   229  C CA  . ASN A 1 31  ? 9.083   7.766   5.246   1.00 24.14 ? 31   ASN A CA  1 
ATOM   230  C C   . ASN A 1 31  ? 10.061  8.612   4.471   1.00 23.69 ? 31   ASN A C   1 
ATOM   231  O O   . ASN A 1 31  ? 10.821  8.067   3.644   1.00 22.43 ? 31   ASN A O   1 
ATOM   232  C CB  . ASN A 1 31  ? 9.860   6.756   6.101   1.00 24.89 ? 31   ASN A CB  1 
ATOM   233  C CG  . ASN A 1 31  ? 8.965   5.734   6.727   1.00 28.40 ? 31   ASN A CG  1 
ATOM   234  O OD1 . ASN A 1 31  ? 8.194   6.063   7.621   1.00 33.35 ? 31   ASN A OD1 1 
ATOM   235  N ND2 . ASN A 1 31  ? 9.020   4.482   6.235   1.00 32.70 ? 31   ASN A ND2 1 
ATOM   236  N N   . ASN A 1 32  ? 10.018  9.931   4.704   1.00 23.95 ? 32   ASN A N   1 
ATOM   237  C CA  . ASN A 1 32  ? 10.994  10.870  4.123   1.00 24.93 ? 32   ASN A CA  1 
ATOM   238  C C   . ASN A 1 32  ? 11.102  10.776  2.616   1.00 24.86 ? 32   ASN A C   1 
ATOM   239  O O   . ASN A 1 32  ? 12.202  10.704  2.052   1.00 24.05 ? 32   ASN A O   1 
ATOM   240  C CB  . ASN A 1 32  ? 12.377  10.673  4.775   1.00 26.12 ? 32   ASN A CB  1 
ATOM   241  C CG  . ASN A 1 32  ? 12.310  10.766  6.277   1.00 28.53 ? 32   ASN A CG  1 
ATOM   242  O OD1 . ASN A 1 32  ? 11.769  11.728  6.817   1.00 32.14 ? 32   ASN A OD1 1 
ATOM   243  N ND2 . ASN A 1 32  ? 12.813  9.747   6.962   1.00 31.41 ? 32   ASN A ND2 1 
ATOM   244  N N   . ILE A 1 33  ? 9.943   10.764  1.955   1.00 23.49 ? 33   ILE A N   1 
ATOM   245  C CA  . ILE A 1 33  ? 9.901   10.733  0.516   1.00 23.48 ? 33   ILE A CA  1 
ATOM   246  C C   . ILE A 1 33  ? 9.750   12.159  0.018   1.00 24.27 ? 33   ILE A C   1 
ATOM   247  O O   . ILE A 1 33  ? 8.711   12.784  0.169   1.00 23.69 ? 33   ILE A O   1 
ATOM   248  C CB  . ILE A 1 33  ? 8.749   9.824   -0.054  1.00 23.33 ? 33   ILE A CB  1 
ATOM   249  C CG1 . ILE A 1 33  ? 8.857   8.391   0.464   1.00 22.50 ? 33   ILE A CG1 1 
ATOM   250  C CG2 . ILE A 1 33  ? 8.770   9.874   -1.580  1.00 23.81 ? 33   ILE A CG2 1 
ATOM   251  C CD1 . ILE A 1 33  ? 10.152  7.639   0.075   1.00 21.83 ? 33   ILE A CD1 1 
ATOM   252  N N   . LYS A 1 34  ? 10.813  12.665  -0.588  1.00 25.09 ? 34   LYS A N   1 
ATOM   253  C CA  . LYS A 1 34  ? 10.903  14.067  -0.947  1.00 25.54 ? 34   LYS A CA  1 
ATOM   254  C C   . LYS A 1 34  ? 9.828   14.498  -1.945  1.00 24.43 ? 34   LYS A C   1 
ATOM   255  O O   . LYS A 1 34  ? 9.728   13.931  -3.049  1.00 25.14 ? 34   LYS A O   1 
ATOM   256  C CB  . LYS A 1 34  ? 12.303  14.338  -1.508  1.00 26.21 ? 34   LYS A CB  1 
ATOM   257  C CG  . LYS A 1 34  ? 12.552  15.787  -1.826  1.00 28.16 ? 34   LYS A CG  1 
ATOM   258  C CD  . LYS A 1 34  ? 13.828  15.917  -2.639  1.00 31.27 ? 34   LYS A CD  1 
ATOM   259  N N   . ASN A 1 35  ? 9.032   15.507  -1.562  1.00 23.50 ? 35   ASN A N   1 
ATOM   260  C CA  . ASN A 1 35  ? 8.031   16.110  -2.448  1.00 21.75 ? 35   ASN A CA  1 
ATOM   261  C C   . ASN A 1 35  ? 6.973   15.091  -2.929  1.00 20.89 ? 35   ASN A C   1 
ATOM   262  O O   . ASN A 1 35  ? 6.371   15.266  -3.981  1.00 21.25 ? 35   ASN A O   1 
ATOM   263  C CB  . ASN A 1 35  ? 8.702   16.810  -3.634  1.00 22.56 ? 35   ASN A CB  1 
ATOM   264  C CG  . ASN A 1 35  ? 9.634   17.949  -3.181  1.00 22.99 ? 35   ASN A CG  1 
ATOM   265  O OD1 . ASN A 1 35  ? 9.532   18.404  -2.043  1.00 22.99 ? 35   ASN A OD1 1 
ATOM   266  N ND2 . ASN A 1 35  ? 10.504  18.404  -4.068  1.00 24.69 ? 35   ASN A ND2 1 
ATOM   267  N N   . PHE A 1 36  ? 6.734   14.088  -2.094  1.00 19.61 ? 36   PHE A N   1 
ATOM   268  C CA  . PHE A 1 36  ? 5.778   12.975  -2.374  1.00 18.59 ? 36   PHE A CA  1 
ATOM   269  C C   . PHE A 1 36  ? 4.406   13.497  -2.824  1.00 18.08 ? 36   PHE A C   1 
ATOM   270  O O   . PHE A 1 36  ? 3.805   14.301  -2.126  1.00 17.90 ? 36   PHE A O   1 
ATOM   271  C CB  . PHE A 1 36  ? 5.627   12.160  -1.093  1.00 17.57 ? 36   PHE A CB  1 
ATOM   272  C CG  . PHE A 1 36  ? 4.713   10.958  -1.205  1.00 19.07 ? 36   PHE A CG  1 
ATOM   273  C CD1 . PHE A 1 36  ? 5.051   9.872   -2.031  1.00 18.80 ? 36   PHE A CD1 1 
ATOM   274  C CD2 . PHE A 1 36  ? 3.515   10.910  -0.475  1.00 17.56 ? 36   PHE A CD2 1 
ATOM   275  C CE1 . PHE A 1 36  ? 4.220   8.735   -2.098  1.00 16.39 ? 36   PHE A CE1 1 
ATOM   276  C CE2 . PHE A 1 36  ? 2.668   9.780   -0.543  1.00 18.56 ? 36   PHE A CE2 1 
ATOM   277  C CZ  . PHE A 1 36  ? 3.012   8.695   -1.376  1.00 17.24 ? 36   PHE A CZ  1 
ATOM   278  N N   . ALA A 1 37  ? 3.899   13.005  -3.952  1.00 16.31 ? 37   ALA A N   1 
ATOM   279  C CA  . ALA A 1 37  ? 2.562   13.390  -4.443  1.00 15.72 ? 37   ALA A CA  1 
ATOM   280  C C   . ALA A 1 37  ? 1.718   12.183  -4.900  1.00 15.99 ? 37   ALA A C   1 
ATOM   281  O O   . ALA A 1 37  ? 0.557   12.364  -5.288  1.00 15.23 ? 37   ALA A O   1 
ATOM   282  C CB  . ALA A 1 37  ? 2.677   14.359  -5.603  1.00 16.79 ? 37   ALA A CB  1 
ATOM   283  N N   . GLY A 1 38  ? 2.289   10.989  -4.899  1.00 14.65 ? 38   GLY A N   1 
ATOM   284  C CA  . GLY A 1 38  ? 1.475   9.821   -5.331  1.00 14.03 ? 38   GLY A CA  1 
ATOM   285  C C   . GLY A 1 38  ? 2.266   8.531   -5.343  1.00 14.28 ? 38   GLY A C   1 
ATOM   286  O O   . GLY A 1 38  ? 3.508   8.552   -5.208  1.00 12.74 ? 38   GLY A O   1 
ATOM   287  N N   . PHE A 1 39  ? 1.560   7.414   -5.583  1.00 13.05 ? 39   PHE A N   1 
ATOM   288  C CA  . PHE A 1 39  ? 2.220   6.114   -5.615  1.00 13.14 ? 39   PHE A CA  1 
ATOM   289  C C   . PHE A 1 39  ? 1.357   5.118   -6.372  1.00 13.66 ? 39   PHE A C   1 
ATOM   290  O O   . PHE A 1 39  ? 0.137   5.340   -6.549  1.00 13.16 ? 39   PHE A O   1 
ATOM   291  C CB  . PHE A 1 39  ? 2.410   5.569   -4.188  1.00 13.12 ? 39   PHE A CB  1 
ATOM   292  C CG  . PHE A 1 39  ? 1.122   5.182   -3.523  1.00 14.65 ? 39   PHE A CG  1 
ATOM   293  C CD1 . PHE A 1 39  ? 0.602   3.903   -3.686  1.00 15.60 ? 39   PHE A CD1 1 
ATOM   294  C CD2 . PHE A 1 39  ? 0.426   6.096   -2.739  1.00 14.48 ? 39   PHE A CD2 1 
ATOM   295  C CE1 . PHE A 1 39  ? -0.629  3.510   -3.069  1.00 15.57 ? 39   PHE A CE1 1 
ATOM   296  C CE2 . PHE A 1 39  ? -0.806  5.727   -2.136  1.00 12.69 ? 39   PHE A CE2 1 
ATOM   297  C CZ  . PHE A 1 39  ? -1.333  4.444   -2.305  1.00 15.62 ? 39   PHE A CZ  1 
ATOM   298  N N   . GLN A 1 40  ? 2.007   4.024   -6.766  1.00 13.90 ? 40   GLN A N   1 
ATOM   299  C CA  . GLN A 1 40  ? 1.337   2.789   -7.164  1.00 14.24 ? 40   GLN A CA  1 
ATOM   300  C C   . GLN A 1 40  ? 2.116   1.651   -6.529  1.00 13.21 ? 40   GLN A C   1 
ATOM   301  O O   . GLN A 1 40  ? 3.354   1.682   -6.528  1.00 12.70 ? 40   GLN A O   1 
ATOM   302  C CB  . GLN A 1 40  ? 1.312   2.661   -8.689  1.00 14.73 ? 40   GLN A CB  1 
ATOM   303  C CG  . GLN A 1 40  ? 0.583   1.349   -9.125  1.00 16.70 ? 40   GLN A CG  1 
ATOM   304  C CD  . GLN A 1 40  ? 0.571   1.106   -10.617 1.00 19.64 ? 40   GLN A CD  1 
ATOM   305  O OE1 . GLN A 1 40  ? 1.196   1.843   -11.391 1.00 25.15 ? 40   GLN A OE1 1 
ATOM   306  N NE2 . GLN A 1 40  ? -0.146  0.050   -11.040 1.00 22.97 ? 40   GLN A NE2 1 
ATOM   307  N N   . VAL A 1 41  ? 1.422   0.665   -5.950  1.00 12.46 ? 41   VAL A N   1 
ATOM   308  C CA  . VAL A 1 41  ? 2.130   -0.517  -5.424  1.00 11.80 ? 41   VAL A CA  1 
ATOM   309  C C   . VAL A 1 41  ? 1.401   -1.795  -5.850  1.00 11.88 ? 41   VAL A C   1 
ATOM   310  O O   . VAL A 1 41  ? 0.198   -1.750  -6.165  1.00 11.94 ? 41   VAL A O   1 
ATOM   311  C CB  . VAL A 1 41  ? 2.261   -0.506  -3.906  1.00 12.03 ? 41   VAL A CB  1 
ATOM   312  C CG1 . VAL A 1 41  ? 3.015   0.771   -3.413  1.00 9.33  ? 41   VAL A CG1 1 
ATOM   313  C CG2 . VAL A 1 41  ? 0.869   -0.626  -3.233  1.00 12.90 ? 41   VAL A CG2 1 
ATOM   314  N N   . ASN A 1 42  ? 2.167   -2.897  -5.876  1.00 11.88 ? 42   ASN A N   1 
ATOM   315  C CA  . ASN A 1 42  ? 1.687   -4.224  -6.219  1.00 12.16 ? 42   ASN A CA  1 
ATOM   316  C C   . ASN A 1 42  ? 2.131   -5.150  -5.079  1.00 12.25 ? 42   ASN A C   1 
ATOM   317  O O   . ASN A 1 42  ? 3.322   -5.266  -4.811  1.00 12.56 ? 42   ASN A O   1 
ATOM   318  C CB  . ASN A 1 42  ? 2.357   -4.678  -7.539  1.00 12.68 ? 42   ASN A CB  1 
ATOM   319  C CG  . ASN A 1 42  ? 1.829   -6.007  -8.017  1.00 12.99 ? 42   ASN A CG  1 
ATOM   320  O OD1 . ASN A 1 42  ? 2.505   -7.045  -7.881  1.00 16.87 ? 42   ASN A OD1 1 
ATOM   321  N ND2 . ASN A 1 42  ? 0.612   -5.999  -8.551  1.00 10.03 ? 42   ASN A ND2 1 
ATOM   322  N N   . ILE A 1 43  ? 1.175   -5.749  -4.373  1.00 11.61 ? 43   ILE A N   1 
ATOM   323  C CA  . ILE A 1 43  ? 1.477   -6.541  -3.191  1.00 12.21 ? 43   ILE A CA  1 
ATOM   324  C C   . ILE A 1 43  ? 0.906   -7.910  -3.486  1.00 13.28 ? 43   ILE A C   1 
ATOM   325  O O   . ILE A 1 43  ? -0.218  -8.016  -3.975  1.00 14.33 ? 43   ILE A O   1 
ATOM   326  C CB  . ILE A 1 43  ? 0.833   -5.922  -1.936  1.00 11.46 ? 43   ILE A CB  1 
ATOM   327  C CG1 . ILE A 1 43  ? 1.545   -4.608  -1.560  1.00 12.21 ? 43   ILE A CG1 1 
ATOM   328  C CG2 . ILE A 1 43  ? 0.835   -6.917  -0.724  1.00 14.50 ? 43   ILE A CG2 1 
ATOM   329  C CD1 . ILE A 1 43  ? 0.749   -3.748  -0.545  1.00 13.88 ? 43   ILE A CD1 1 
ATOM   330  N N   . VAL A 1 44  ? 1.666   -8.957  -3.186  1.00 14.30 ? 44   VAL A N   1 
ATOM   331  C CA  . VAL A 1 44  ? 1.173   -10.326 -3.441  1.00 14.55 ? 44   VAL A CA  1 
ATOM   332  C C   . VAL A 1 44  ? 1.190   -11.166 -2.184  1.00 14.56 ? 44   VAL A C   1 
ATOM   333  O O   . VAL A 1 44  ? 1.951   -10.892 -1.263  1.00 13.51 ? 44   VAL A O   1 
ATOM   334  C CB  . VAL A 1 44  ? 1.985   -11.044 -4.553  1.00 15.70 ? 44   VAL A CB  1 
ATOM   335  C CG1 . VAL A 1 44  ? 1.853   -10.260 -5.866  1.00 14.61 ? 44   VAL A CG1 1 
ATOM   336  C CG2 . VAL A 1 44  ? 3.469   -11.218 -4.165  1.00 14.49 ? 44   VAL A CG2 1 
ATOM   337  N N   . TYR A 1 45  ? 0.331   -12.180 -2.168  1.00 15.04 ? 45   TYR A N   1 
ATOM   338  C CA  . TYR A 1 45  ? 0.099   -13.020 -1.013  1.00 15.05 ? 45   TYR A CA  1 
ATOM   339  C C   . TYR A 1 45  ? -0.522  -14.309 -1.512  1.00 15.69 ? 45   TYR A C   1 
ATOM   340  O O   . TYR A 1 45  ? -0.904  -14.406 -2.695  1.00 15.19 ? 45   TYR A O   1 
ATOM   341  C CB  . TYR A 1 45  ? -0.845  -12.305 -0.019  1.00 15.10 ? 45   TYR A CB  1 
ATOM   342  C CG  . TYR A 1 45  ? -2.229  -11.944 -0.516  1.00 14.30 ? 45   TYR A CG  1 
ATOM   343  C CD1 . TYR A 1 45  ? -3.320  -12.775 -0.281  1.00 14.35 ? 45   TYR A CD1 1 
ATOM   344  C CD2 . TYR A 1 45  ? -2.455  -10.733 -1.199  1.00 14.30 ? 45   TYR A CD2 1 
ATOM   345  C CE1 . TYR A 1 45  ? -4.596  -12.425 -0.715  1.00 13.84 ? 45   TYR A CE1 1 
ATOM   346  C CE2 . TYR A 1 45  ? -3.674  -10.402 -1.652  1.00 14.56 ? 45   TYR A CE2 1 
ATOM   347  C CZ  . TYR A 1 45  ? -4.758  -11.224 -1.408  1.00 15.48 ? 45   TYR A CZ  1 
ATOM   348  O OH  . TYR A 1 45  ? -5.982  -10.831 -1.892  1.00 16.40 ? 45   TYR A OH  1 
ATOM   349  N N   . ASP A 1 46  ? -0.590  -15.317 -0.650  1.00 16.14 ? 46   ASP A N   1 
ATOM   350  C CA  . ASP A 1 46  ? -1.137  -16.594 -1.091  1.00 16.35 ? 46   ASP A CA  1 
ATOM   351  C C   . ASP A 1 46  ? -2.611  -16.596 -0.708  1.00 16.75 ? 46   ASP A C   1 
ATOM   352  O O   . ASP A 1 46  ? -2.937  -16.604 0.500   1.00 15.07 ? 46   ASP A O   1 
ATOM   353  C CB  . ASP A 1 46  ? -0.376  -17.728 -0.412  1.00 17.38 ? 46   ASP A CB  1 
ATOM   354  C CG  . ASP A 1 46  ? -0.885  -19.096 -0.789  1.00 17.89 ? 46   ASP A CG  1 
ATOM   355  O OD1 . ASP A 1 46  ? -2.008  -19.212 -1.343  1.00 17.85 ? 46   ASP A OD1 1 
ATOM   356  O OD2 . ASP A 1 46  ? -0.146  -20.073 -0.507  1.00 21.63 ? 46   ASP A OD2 1 
ATOM   357  N N   . PRO A 1 47  ? -3.521  -16.588 -1.715  1.00 17.74 ? 47   PRO A N   1 
ATOM   358  C CA  . PRO A 1 47  ? -4.934  -16.364 -1.424  1.00 18.19 ? 47   PRO A CA  1 
ATOM   359  C C   . PRO A 1 47  ? -5.642  -17.579 -0.816  1.00 18.59 ? 47   PRO A C   1 
ATOM   360  O O   . PRO A 1 47  ? -6.828  -17.468 -0.422  1.00 19.04 ? 47   PRO A O   1 
ATOM   361  C CB  . PRO A 1 47  ? -5.523  -16.001 -2.789  1.00 18.62 ? 47   PRO A CB  1 
ATOM   362  C CG  . PRO A 1 47  ? -4.634  -16.704 -3.780  1.00 18.94 ? 47   PRO A CG  1 
ATOM   363  C CD  . PRO A 1 47  ? -3.267  -16.800 -3.161  1.00 19.24 ? 47   PRO A CD  1 
ATOM   364  N N   . LYS A 1 48  ? -4.916  -18.693 -0.759  1.00 18.49 ? 48   LYS A N   1 
ATOM   365  C CA  . LYS A 1 48  ? -5.363  -19.908 -0.082  1.00 21.22 ? 48   LYS A CA  1 
ATOM   366  C C   . LYS A 1 48  ? -5.150  -19.757 1.422   1.00 20.07 ? 48   LYS A C   1 
ATOM   367  O O   . LYS A 1 48  ? -5.878  -20.390 2.201   1.00 20.44 ? 48   LYS A O   1 
ATOM   368  C CB  . LYS A 1 48  ? -4.560  -21.137 -0.526  1.00 21.25 ? 48   LYS A CB  1 
ATOM   369  C CG  . LYS A 1 48  ? -4.619  -21.465 -2.010  1.00 23.89 ? 48   LYS A CG  1 
ATOM   370  C CD  . LYS A 1 48  ? -3.616  -22.572 -2.351  1.00 25.32 ? 48   LYS A CD  1 
ATOM   371  N N   . VAL A 1 49  ? -4.164  -18.935 1.816   1.00 18.81 ? 49   VAL A N   1 
ATOM   372  C CA  . VAL A 1 49  ? -3.728  -18.824 3.241   1.00 16.93 ? 49   VAL A CA  1 
ATOM   373  C C   . VAL A 1 49  ? -4.188  -17.525 3.890   1.00 16.42 ? 49   VAL A C   1 
ATOM   374  O O   . VAL A 1 49  ? -4.555  -17.512 5.074   1.00 15.63 ? 49   VAL A O   1 
ATOM   375  C CB  . VAL A 1 49  ? -2.190  -19.002 3.413   1.00 17.21 ? 49   VAL A CB  1 
ATOM   376  C CG1 . VAL A 1 49  ? -1.792  -19.087 4.913   1.00 16.06 ? 49   VAL A CG1 1 
ATOM   377  C CG2 . VAL A 1 49  ? -1.709  -20.261 2.659   1.00 18.89 ? 49   VAL A CG2 1 
ATOM   378  N N   . LEU A 1 50  ? -4.164  -16.430 3.127   1.00 14.58 ? 50   LEU A N   1 
ATOM   379  C CA  . LEU A 1 50  ? -4.626  -15.118 3.628   1.00 15.48 ? 50   LEU A CA  1 
ATOM   380  C C   . LEU A 1 50  ? -5.639  -14.519 2.690   1.00 16.14 ? 50   LEU A C   1 
ATOM   381  O O   . LEU A 1 50  ? -5.529  -14.699 1.473   1.00 16.62 ? 50   LEU A O   1 
ATOM   382  C CB  . LEU A 1 50  ? -3.452  -14.139 3.746   1.00 14.69 ? 50   LEU A CB  1 
ATOM   383  C CG  . LEU A 1 50  ? -2.313  -14.550 4.688   1.00 16.30 ? 50   LEU A CG  1 
ATOM   384  C CD1 . LEU A 1 50  ? -1.247  -13.494 4.669   1.00 16.97 ? 50   LEU A CD1 1 
ATOM   385  C CD2 . LEU A 1 50  ? -2.845  -14.753 6.114   1.00 16.27 ? 50   LEU A CD2 1 
ATOM   386  N N   . MET A 1 51  ? -6.611  -13.828 3.254   1.00 16.27 ? 51   MET A N   1 
ATOM   387  C CA  A MET A 1 51  ? -7.625  -13.133 2.474   0.50 17.00 ? 51   MET A CA  1 
ATOM   388  C CA  B MET A 1 51  ? -7.644  -13.127 2.473   0.50 15.41 ? 51   MET A CA  1 
ATOM   389  C C   . MET A 1 51  ? -7.576  -11.643 2.796   1.00 15.69 ? 51   MET A C   1 
ATOM   390  O O   . MET A 1 51  ? -7.672  -11.243 3.975   1.00 15.37 ? 51   MET A O   1 
ATOM   391  C CB  A MET A 1 51  ? -8.993  -13.708 2.833   0.50 17.37 ? 51   MET A CB  1 
ATOM   392  C CB  B MET A 1 51  ? -9.058  -13.660 2.799   0.50 16.00 ? 51   MET A CB  1 
ATOM   393  C CG  A MET A 1 51  ? -10.107 -13.336 1.888   0.50 19.00 ? 51   MET A CG  1 
ATOM   394  C CG  B MET A 1 51  ? -10.191 -12.758 2.252   0.50 13.43 ? 51   MET A CG  1 
ATOM   395  S SD  A MET A 1 51  ? -11.240 -14.727 1.899   0.50 19.75 ? 51   MET A SD  1 
ATOM   396  S SD  B MET A 1 51  ? -11.887 -13.212 2.665   0.50 14.30 ? 51   MET A SD  1 
ATOM   397  C CE  A MET A 1 51  ? -11.992 -14.483 3.501   0.50 21.13 ? 51   MET A CE  1 
ATOM   398  C CE  B MET A 1 51  ? -12.035 -14.836 1.935   0.50 16.50 ? 51   MET A CE  1 
ATOM   399  N N   . ALA A 1 52  ? -7.455  -10.799 1.757   1.00 14.66 ? 52   ALA A N   1 
ATOM   400  C CA  . ALA A 1 52  ? -7.429  -9.364  1.979   1.00 14.73 ? 52   ALA A CA  1 
ATOM   401  C C   . ALA A 1 52  ? -8.808  -8.885  2.364   1.00 16.50 ? 52   ALA A C   1 
ATOM   402  O O   . ALA A 1 52  ? -9.768  -9.104  1.616   1.00 17.33 ? 52   ALA A O   1 
ATOM   403  C CB  . ALA A 1 52  ? -6.968  -8.595  0.717   1.00 14.51 ? 52   ALA A CB  1 
ATOM   404  N N   . VAL A 1 53  ? -8.907  -8.226  3.520   1.00 16.51 ? 53   VAL A N   1 
ATOM   405  C CA  . VAL A 1 53  ? -10.184 -7.749  4.082   1.00 16.93 ? 53   VAL A CA  1 
ATOM   406  C C   . VAL A 1 53  ? -10.063 -6.349  4.684   1.00 17.61 ? 53   VAL A C   1 
ATOM   407  O O   . VAL A 1 53  ? -8.956  -5.834  4.960   1.00 16.28 ? 53   VAL A O   1 
ATOM   408  C CB  . VAL A 1 53  ? -10.764 -8.743  5.152   1.00 17.09 ? 53   VAL A CB  1 
ATOM   409  C CG1 . VAL A 1 53  ? -11.035 -10.132 4.553   1.00 16.72 ? 53   VAL A CG1 1 
ATOM   410  C CG2 . VAL A 1 53  ? -9.822  -8.822  6.372   1.00 16.78 ? 53   VAL A CG2 1 
ATOM   411  N N   . ASP A 1 54  ? -11.193 -5.681  4.859   1.00 18.36 ? 54   ASP A N   1 
ATOM   412  C CA  . ASP A 1 54  ? -11.172 -4.388  5.509   1.00 20.69 ? 54   ASP A CA  1 
ATOM   413  C C   . ASP A 1 54  ? -10.834 -4.660  6.985   1.00 21.62 ? 54   ASP A C   1 
ATOM   414  O O   . ASP A 1 54  ? -11.403 -5.563  7.571   1.00 21.56 ? 54   ASP A O   1 
ATOM   415  C CB  . ASP A 1 54  ? -12.549 -3.740  5.446   1.00 21.05 ? 54   ASP A CB  1 
ATOM   416  C CG  . ASP A 1 54  ? -12.573 -2.403  6.092   1.00 21.79 ? 54   ASP A CG  1 
ATOM   417  O OD1 . ASP A 1 54  ? -12.292 -1.402  5.413   1.00 25.66 ? 54   ASP A OD1 1 
ATOM   418  O OD2 . ASP A 1 54  ? -12.880 -2.331  7.305   1.00 28.18 ? 54   ASP A OD2 1 
ATOM   419  N N   . PRO A 1 55  ? -9.855  -3.939  7.534   1.00 24.14 ? 55   PRO A N   1 
ATOM   420  C CA  . PRO A 1 55  ? -9.442  -4.193  8.931   1.00 26.27 ? 55   PRO A CA  1 
ATOM   421  C C   . PRO A 1 55  ? -10.564 -4.162  9.998   1.00 28.73 ? 55   PRO A C   1 
ATOM   422  O O   . PRO A 1 55  ? -10.547 -4.985  10.944  1.00 29.07 ? 55   PRO A O   1 
ATOM   423  C CB  . PRO A 1 55  ? -8.411  -3.090  9.183   1.00 26.29 ? 55   PRO A CB  1 
ATOM   424  C CG  . PRO A 1 55  ? -7.849  -2.808  7.866   1.00 26.88 ? 55   PRO A CG  1 
ATOM   425  C CD  . PRO A 1 55  ? -9.006  -2.917  6.895   1.00 23.36 ? 55   PRO A CD  1 
ATOM   426  N N   . GLU A 1 56  ? -11.514 -3.236  9.824   1.00 29.89 ? 56   GLU A N   1 
ATOM   427  C CA  A GLU A 1 56  ? -12.613 -2.972  10.767  0.50 30.97 ? 56   GLU A CA  1 
ATOM   428  C CA  B GLU A 1 56  ? -12.572 -3.028  10.814  0.50 30.78 ? 56   GLU A CA  1 
ATOM   429  C C   . GLU A 1 56  ? -13.763 -3.956  10.602  1.00 31.12 ? 56   GLU A C   1 
ATOM   430  O O   . GLU A 1 56  ? -14.257 -4.552  11.568  1.00 31.49 ? 56   GLU A O   1 
ATOM   431  C CB  A GLU A 1 56  ? -13.164 -1.555  10.535  0.50 31.05 ? 56   GLU A CB  1 
ATOM   432  C CB  B GLU A 1 56  ? -13.025 -1.558  10.844  0.50 30.82 ? 56   GLU A CB  1 
ATOM   433  C CG  A GLU A 1 56  ? -12.959 -0.557  11.677  0.50 33.66 ? 56   GLU A CG  1 
ATOM   434  C CG  B GLU A 1 56  ? -12.965 -0.873  12.241  0.50 32.32 ? 56   GLU A CG  1 
ATOM   435  C CD  A GLU A 1 56  ? -11.845 0.443   11.418  0.50 36.50 ? 56   GLU A CD  1 
ATOM   436  C CD  B GLU A 1 56  ? -13.747 -1.599  13.326  0.50 31.86 ? 56   GLU A CD  1 
ATOM   437  O OE1 A GLU A 1 56  ? -10.665 0.031   11.373  0.50 37.72 ? 56   GLU A OE1 1 
ATOM   438  O OE1 B GLU A 1 56  ? -13.233 -2.599  13.855  0.50 33.01 ? 56   GLU A OE1 1 
ATOM   439  O OE2 A GLU A 1 56  ? -12.155 1.653   11.279  0.50 37.29 ? 56   GLU A OE2 1 
ATOM   440  O OE2 B GLU A 1 56  ? -14.875 -1.169  13.664  0.50 32.89 ? 56   GLU A OE2 1 
ATOM   441  N N   . THR A 1 57  ? -14.221 -4.097  9.357   1.00 30.87 ? 57   THR A N   1 
ATOM   442  C CA  . THR A 1 57  ? -15.408 -4.891  9.068   1.00 30.23 ? 57   THR A CA  1 
ATOM   443  C C   . THR A 1 57  ? -15.139 -6.336  8.697   1.00 29.63 ? 57   THR A C   1 
ATOM   444  O O   . THR A 1 57  ? -16.031 -7.173  8.814   1.00 31.12 ? 57   THR A O   1 
ATOM   445  C CB  . THR A 1 57  ? -16.227 -4.256  7.923   1.00 31.13 ? 57   THR A CB  1 
ATOM   446  O OG1 . THR A 1 57  ? -15.538 -4.456  6.688   1.00 29.56 ? 57   THR A OG1 1 
ATOM   447  C CG2 . THR A 1 57  ? -16.409 -2.757  8.153   1.00 31.32 ? 57   THR A CG2 1 
ATOM   448  N N   . GLY A 1 58  ? -13.942 -6.636  8.195   1.00 27.33 ? 58   GLY A N   1 
ATOM   449  C CA  . GLY A 1 58  ? -13.627 -7.993  7.749   1.00 25.52 ? 58   GLY A CA  1 
ATOM   450  C C   . GLY A 1 58  ? -14.204 -8.324  6.371   1.00 24.47 ? 58   GLY A C   1 
ATOM   451  O O   . GLY A 1 58  ? -14.156 -9.467  5.938   1.00 24.84 ? 58   GLY A O   1 
ATOM   452  N N   . LYS A 1 59  ? -14.766 -7.320  5.709   1.00 25.06 ? 59   LYS A N   1 
ATOM   453  C CA  . LYS A 1 59  ? -15.386 -7.495  4.369   1.00 24.70 ? 59   LYS A CA  1 
ATOM   454  C C   . LYS A 1 59  ? -14.268 -7.697  3.336   1.00 24.23 ? 59   LYS A C   1 
ATOM   455  O O   . LYS A 1 59  ? -13.365 -6.840  3.266   1.00 24.98 ? 59   LYS A O   1 
ATOM   456  C CB  . LYS A 1 59  ? -16.196 -6.254  4.023   1.00 25.09 ? 59   LYS A CB  1 
ATOM   457  N N   . GLU A 1 60  ? -14.361 -8.810  2.582   1.00 23.64 ? 60   GLU A N   1 
ATOM   458  C CA  A GLU A 1 60  ? -13.429 -9.190  1.503   0.50 22.35 ? 60   GLU A CA  1 
ATOM   459  C CA  B GLU A 1 60  ? -13.410 -9.148  1.520   0.50 23.41 ? 60   GLU A CA  1 
ATOM   460  C C   . GLU A 1 60  ? -13.211 -8.020  0.496   1.00 22.83 ? 60   GLU A C   1 
ATOM   461  O O   . GLU A 1 60  ? -14.187 -7.404  -0.004  1.00 22.01 ? 60   GLU A O   1 
ATOM   462  C CB  A GLU A 1 60  ? -13.894 -10.483 0.757   0.50 23.06 ? 60   GLU A CB  1 
ATOM   463  C CB  B GLU A 1 60  ? -13.824 -10.434 0.800   0.50 23.89 ? 60   GLU A CB  1 
ATOM   464  C CG  A GLU A 1 60  ? -14.024 -11.867 1.573   0.50 20.65 ? 60   GLU A CG  1 
ATOM   465  C CG  B GLU A 1 60  ? -12.642 -11.223 0.269   0.50 24.40 ? 60   GLU A CG  1 
ATOM   466  C CD  A GLU A 1 60  ? -14.436 -13.086 0.698   0.50 21.46 ? 60   GLU A CD  1 
ATOM   467  C CD  B GLU A 1 60  ? -12.995 -12.409 -0.617  0.50 24.86 ? 60   GLU A CD  1 
ATOM   468  O OE1 A GLU A 1 60  ? -14.598 -12.883 -0.522  0.50 21.20 ? 60   GLU A OE1 1 
ATOM   469  O OE1 B GLU A 1 60  ? -13.892 -13.223 -0.268  0.50 27.26 ? 60   GLU A OE1 1 
ATOM   470  O OE2 A GLU A 1 60  ? -14.586 -14.253 1.203   0.50 16.86 ? 60   GLU A OE2 1 
ATOM   471  O OE2 B GLU A 1 60  ? -12.333 -12.549 -1.665  0.50 26.61 ? 60   GLU A OE2 1 
ATOM   472  N N   . PHE A 1 61  ? -11.946 -7.728  0.193   1.00 21.04 ? 61   PHE A N   1 
ATOM   473  C CA  . PHE A 1 61  ? -11.578 -6.820  -0.893  1.00 20.40 ? 61   PHE A CA  1 
ATOM   474  C C   . PHE A 1 61  ? -12.032 -7.450  -2.213  1.00 19.42 ? 61   PHE A C   1 
ATOM   475  O O   . PHE A 1 61  ? -11.855 -8.660  -2.425  1.00 19.33 ? 61   PHE A O   1 
ATOM   476  C CB  . PHE A 1 61  ? -10.038 -6.703  -0.989  1.00 20.20 ? 61   PHE A CB  1 
ATOM   477  C CG  . PHE A 1 61  ? -9.434  -5.635  -0.115  1.00 20.15 ? 61   PHE A CG  1 
ATOM   478  C CD1 . PHE A 1 61  ? -10.053 -5.227  1.062   1.00 18.33 ? 61   PHE A CD1 1 
ATOM   479  C CD2 . PHE A 1 61  ? -8.229  -5.030  -0.482  1.00 21.97 ? 61   PHE A CD2 1 
ATOM   480  C CE1 . PHE A 1 61  ? -9.472  -4.221  1.882   1.00 19.10 ? 61   PHE A CE1 1 
ATOM   481  C CE2 . PHE A 1 61  ? -7.661  -4.019  0.312   1.00 21.41 ? 61   PHE A CE2 1 
ATOM   482  C CZ  . PHE A 1 61  ? -8.280  -3.630  1.491   1.00 18.85 ? 61   PHE A CZ  1 
ATOM   483  N N   . THR A 1 62  ? -12.548 -6.613  -3.105  1.00 20.44 ? 62   THR A N   1 
ATOM   484  C CA  . THR A 1 62  ? -12.784 -6.975  -4.505  1.00 21.02 ? 62   THR A CA  1 
ATOM   485  C C   . THR A 1 62  ? -11.818 -6.179  -5.401  1.00 21.43 ? 62   THR A C   1 
ATOM   486  O O   . THR A 1 62  ? -10.971 -5.447  -4.903  1.00 19.38 ? 62   THR A O   1 
ATOM   487  C CB  . THR A 1 62  ? -14.228 -6.653  -4.935  1.00 21.64 ? 62   THR A CB  1 
ATOM   488  O OG1 . THR A 1 62  ? -14.458 -5.249  -4.771  1.00 22.49 ? 62   THR A OG1 1 
ATOM   489  C CG2 . THR A 1 62  ? -15.235 -7.470  -4.080  1.00 23.94 ? 62   THR A CG2 1 
ATOM   490  N N   . SER A 1 63  ? -11.959 -6.292  -6.728  1.00 21.39 ? 63   SER A N   1 
ATOM   491  C CA  . SER A 1 63  ? -10.988 -5.666  -7.627  1.00 21.02 ? 63   SER A CA  1 
ATOM   492  C C   . SER A 1 63  ? -10.912 -4.153  -7.468  1.00 20.06 ? 63   SER A C   1 
ATOM   493  O O   . SER A 1 63  ? -9.856  -3.580  -7.670  1.00 19.61 ? 63   SER A O   1 
ATOM   494  C CB  . SER A 1 63  ? -11.282 -6.021  -9.082  1.00 21.94 ? 63   SER A CB  1 
ATOM   495  O OG  . SER A 1 63  ? -12.639 -5.805  -9.344  1.00 25.73 ? 63   SER A OG  1 
ATOM   496  N N   . SER A 1 64  ? -12.012 -3.509  -7.101  1.00 18.81 ? 64   SER A N   1 
ATOM   497  C CA  . SER A 1 64  ? -12.036 -2.060  -7.050  1.00 20.02 ? 64   SER A CA  1 
ATOM   498  C C   . SER A 1 64  ? -11.810 -1.511  -5.647  1.00 18.63 ? 64   SER A C   1 
ATOM   499  O O   . SER A 1 64  ? -11.847 -0.306  -5.445  1.00 19.08 ? 64   SER A O   1 
ATOM   500  C CB  . SER A 1 64  ? -13.334 -1.497  -7.674  1.00 21.17 ? 64   SER A CB  1 
ATOM   501  O OG  . SER A 1 64  ? -14.486 -1.846  -6.914  1.00 24.18 ? 64   SER A OG  1 
ATOM   502  N N   . THR A 1 65  ? -11.514 -2.383  -4.684  1.00 17.99 ? 65   THR A N   1 
ATOM   503  C CA  . THR A 1 65  ? -11.385 -1.903  -3.309  1.00 18.21 ? 65   THR A CA  1 
ATOM   504  C C   . THR A 1 65  ? -10.085 -1.156  -3.101  1.00 16.64 ? 65   THR A C   1 
ATOM   505  O O   . THR A 1 65  ? -8.998  -1.732  -3.235  1.00 15.57 ? 65   THR A O   1 
ATOM   506  C CB  . THR A 1 65  ? -11.471 -3.039  -2.274  1.00 18.98 ? 65   THR A CB  1 
ATOM   507  O OG1 . THR A 1 65  ? -12.688 -3.742  -2.451  1.00 20.33 ? 65   THR A OG1 1 
ATOM   508  C CG2 . THR A 1 65  ? -11.408 -2.483  -0.856  1.00 21.05 ? 65   THR A CG2 1 
ATOM   509  N N   . PHE A 1 66  ? -10.199 0.126   -2.788  1.00 15.50 ? 66   PHE A N   1 
ATOM   510  C CA  . PHE A 1 66  ? -9.016  0.905   -2.424  1.00 17.18 ? 66   PHE A CA  1 
ATOM   511  C C   . PHE A 1 66  ? -8.875  0.853   -0.888  1.00 16.88 ? 66   PHE A C   1 
ATOM   512  O O   . PHE A 1 66  ? -9.835  1.141   -0.162  1.00 17.26 ? 66   PHE A O   1 
ATOM   513  C CB  . PHE A 1 66  ? -9.075  2.361   -2.926  1.00 17.14 ? 66   PHE A CB  1 
ATOM   514  C CG  . PHE A 1 66  ? -7.791  3.112   -2.686  1.00 16.99 ? 66   PHE A CG  1 
ATOM   515  C CD1 . PHE A 1 66  ? -6.793  3.160   -3.675  1.00 17.35 ? 66   PHE A CD1 1 
ATOM   516  C CD2 . PHE A 1 66  ? -7.549  3.706   -1.450  1.00 17.17 ? 66   PHE A CD2 1 
ATOM   517  C CE1 . PHE A 1 66  ? -5.602  3.827   -3.431  1.00 16.96 ? 66   PHE A CE1 1 
ATOM   518  C CE2 . PHE A 1 66  ? -6.356  4.368   -1.169  1.00 16.65 ? 66   PHE A CE2 1 
ATOM   519  C CZ  . PHE A 1 66  ? -5.351  4.420   -2.165  1.00 16.86 ? 66   PHE A CZ  1 
ATOM   520  N N   . PRO A 1 67  ? -7.677  0.488   -0.398  1.00 16.95 ? 67   PRO A N   1 
ATOM   521  C CA  . PRO A 1 67  ? -7.580  0.269   1.058   1.00 16.70 ? 67   PRO A CA  1 
ATOM   522  C C   . PRO A 1 67  ? -7.776  1.528   1.909   1.00 16.29 ? 67   PRO A C   1 
ATOM   523  O O   . PRO A 1 67  ? -7.406  2.623   1.518   1.00 15.78 ? 67   PRO A O   1 
ATOM   524  C CB  . PRO A 1 67  ? -6.166  -0.269  1.246   1.00 17.31 ? 67   PRO A CB  1 
ATOM   525  C CG  . PRO A 1 67  ? -5.438  0.054   0.020   1.00 18.64 ? 67   PRO A CG  1 
ATOM   526  C CD  . PRO A 1 67  ? -6.404  0.199   -1.090  1.00 16.62 ? 67   PRO A CD  1 
ATOM   527  N N   . PRO A 1 68  ? -8.364  1.354   3.099   1.00 17.24 ? 68   PRO A N   1 
ATOM   528  C CA  . PRO A 1 68  ? -8.624  2.499   3.947   1.00 17.71 ? 68   PRO A CA  1 
ATOM   529  C C   . PRO A 1 68  ? -7.372  2.862   4.732   1.00 18.89 ? 68   PRO A C   1 
ATOM   530  O O   . PRO A 1 68  ? -6.340  2.193   4.592   1.00 19.73 ? 68   PRO A O   1 
ATOM   531  C CB  . PRO A 1 68  ? -9.713  1.970   4.884   1.00 18.31 ? 68   PRO A CB  1 
ATOM   532  C CG  . PRO A 1 68  ? -9.389  0.546   5.073   1.00 17.75 ? 68   PRO A CG  1 
ATOM   533  C CD  . PRO A 1 68  ? -8.824  0.091   3.702   1.00 15.95 ? 68   PRO A CD  1 
ATOM   534  N N   . GLY A 1 69  ? -7.449  3.912   5.543   1.00 19.61 ? 69   GLY A N   1 
ATOM   535  C CA  . GLY A 1 69  ? -6.430  4.095   6.581   1.00 20.38 ? 69   GLY A CA  1 
ATOM   536  C C   . GLY A 1 69  ? -5.341  5.104   6.348   1.00 20.92 ? 69   GLY A C   1 
ATOM   537  O O   . GLY A 1 69  ? -4.550  5.381   7.267   1.00 21.79 ? 69   GLY A O   1 
ATOM   538  N N   . ARG A 1 70  ? -5.270  5.690   5.155   1.00 20.38 ? 70   ARG A N   1 
ATOM   539  C CA  . ARG A 1 70  ? -4.203  6.633   4.896   1.00 20.22 ? 70   ARG A CA  1 
ATOM   540  C C   . ARG A 1 70  ? -4.261  7.892   5.754   1.00 20.49 ? 70   ARG A C   1 
ATOM   541  O O   . ARG A 1 70  ? -5.329  8.339   6.157   1.00 20.40 ? 70   ARG A O   1 
ATOM   542  C CB  . ARG A 1 70  ? -4.125  7.040   3.425   1.00 19.59 ? 70   ARG A CB  1 
ATOM   543  C CG  . ARG A 1 70  ? -5.202  7.992   2.964   1.00 20.19 ? 70   ARG A CG  1 
ATOM   544  C CD  . ARG A 1 70  ? -4.970  8.088   1.472   1.00 22.14 ? 70   ARG A CD  1 
ATOM   545  N NE  . ARG A 1 70  ? -5.641  9.176   0.806   1.00 24.98 ? 70   ARG A NE  1 
ATOM   546  C CZ  . ARG A 1 70  ? -6.828  9.056   0.225   1.00 26.75 ? 70   ARG A CZ  1 
ATOM   547  N NH1 . ARG A 1 70  ? -7.450  7.884   0.310   1.00 25.91 ? 70   ARG A NH1 1 
ATOM   548  N NH2 . ARG A 1 70  ? -7.382  10.112  -0.423  1.00 24.35 ? 70   ARG A NH2 1 
ATOM   549  N N   . THR A 1 71  ? -3.087  8.454   5.997   1.00 19.96 ? 71   THR A N   1 
ATOM   550  C CA  . THR A 1 71  ? -2.943  9.733   6.712   1.00 20.86 ? 71   THR A CA  1 
ATOM   551  C C   . THR A 1 71  ? -2.340  10.815  5.835   1.00 20.71 ? 71   THR A C   1 
ATOM   552  O O   . THR A 1 71  ? -2.091  11.944  6.302   1.00 22.17 ? 71   THR A O   1 
ATOM   553  C CB  . THR A 1 71  ? -2.077  9.585   7.986   1.00 20.02 ? 71   THR A CB  1 
ATOM   554  O OG1 . THR A 1 71  ? -0.751  9.196   7.614   1.00 21.87 ? 71   THR A OG1 1 
ATOM   555  C CG2 . THR A 1 71  ? -2.685  8.586   8.945   1.00 21.07 ? 71   THR A CG2 1 
ATOM   556  N N   . VAL A 1 72  ? -2.066  10.492  4.564   1.00 19.84 ? 72   VAL A N   1 
ATOM   557  C CA  . VAL A 1 72  ? -1.507  11.444  3.636   1.00 18.88 ? 72   VAL A CA  1 
ATOM   558  C C   . VAL A 1 72  ? -2.311  11.375  2.335   1.00 18.58 ? 72   VAL A C   1 
ATOM   559  O O   . VAL A 1 72  ? -3.126  10.469  2.180   1.00 16.72 ? 72   VAL A O   1 
ATOM   560  C CB  . VAL A 1 72  ? -0.017  11.167  3.336   1.00 20.40 ? 72   VAL A CB  1 
ATOM   561  C CG1 . VAL A 1 72  ? 0.844   11.469  4.581   1.00 22.07 ? 72   VAL A CG1 1 
ATOM   562  C CG2 . VAL A 1 72  ? 0.152   9.731   2.893   1.00 19.55 ? 72   VAL A CG2 1 
ATOM   563  N N   . LEU A 1 73  ? -2.061  12.323  1.445   1.00 18.23 ? 73   LEU A N   1 
ATOM   564  C CA  . LEU A 1 73  ? -2.780  12.442  0.158   1.00 19.40 ? 73   LEU A CA  1 
ATOM   565  C C   . LEU A 1 73  ? -4.308  12.525  0.340   1.00 20.26 ? 73   LEU A C   1 
ATOM   566  O O   . LEU A 1 73  ? -5.073  11.909  -0.412  1.00 21.03 ? 73   LEU A O   1 
ATOM   567  C CB  . LEU A 1 73  ? -2.377  11.282  -0.772  1.00 19.22 ? 73   LEU A CB  1 
ATOM   568  C CG  . LEU A 1 73  ? -0.866  11.219  -1.054  1.00 20.71 ? 73   LEU A CG  1 
ATOM   569  C CD1 . LEU A 1 73  ? -0.657  10.072  -2.064  1.00 20.18 ? 73   LEU A CD1 1 
ATOM   570  C CD2 . LEU A 1 73  ? -0.272  12.547  -1.590  1.00 20.01 ? 73   LEU A CD2 1 
ATOM   571  N N   . LYS A 1 74  ? -4.730  13.280  1.363   1.00 21.88 ? 74   LYS A N   1 
ATOM   572  C CA  . LYS A 1 74  ? -6.158  13.398  1.738   1.00 23.84 ? 74   LYS A CA  1 
ATOM   573  C C   . LYS A 1 74  ? -6.695  14.817  1.506   1.00 23.06 ? 74   LYS A C   1 
ATOM   574  O O   . LYS A 1 74  ? -7.877  15.066  1.744   1.00 24.61 ? 74   LYS A O   1 
ATOM   575  C CB  . LYS A 1 74  ? -6.359  13.072  3.236   1.00 23.91 ? 74   LYS A CB  1 
ATOM   576  C CG  . LYS A 1 74  ? -5.938  11.681  3.658   1.00 26.79 ? 74   LYS A CG  1 
ATOM   577  C CD  . LYS A 1 74  ? -6.453  11.313  5.052   1.00 26.71 ? 74   LYS A CD  1 
ATOM   578  C CE  . LYS A 1 74  ? -7.962  11.058  5.020   1.00 31.98 ? 74   LYS A CE  1 
ATOM   579  N NZ  . LYS A 1 74  ? -8.516  10.856  6.380   1.00 34.16 ? 74   LYS A NZ  1 
ATOM   580  N N   . ASN A 1 75  ? -5.842  15.750  1.106   1.00 21.72 ? 75   ASN A N   1 
ATOM   581  C CA  . ASN A 1 75  ? -6.290  17.122  0.970   1.00 21.34 ? 75   ASN A CA  1 
ATOM   582  C C   . ASN A 1 75  ? -7.082  17.292  -0.340  1.00 20.22 ? 75   ASN A C   1 
ATOM   583  O O   . ASN A 1 75  ? -6.521  17.264  -1.428  1.00 19.37 ? 75   ASN A O   1 
ATOM   584  C CB  . ASN A 1 75  ? -5.112  18.077  1.046   1.00 20.70 ? 75   ASN A CB  1 
ATOM   585  C CG  . ASN A 1 75  ? -5.545  19.541  1.205   1.00 24.14 ? 75   ASN A CG  1 
ATOM   586  O OD1 . ASN A 1 75  ? -6.640  19.937  0.770   1.00 22.86 ? 75   ASN A OD1 1 
ATOM   587  N ND2 . ASN A 1 75  ? -4.672  20.355  1.817   1.00 26.09 ? 75   ASN A ND2 1 
ATOM   588  N N   . ASN A 1 76  ? -8.394  17.486  -0.231  1.00 20.62 ? 76   ASN A N   1 
ATOM   589  C CA  . ASN A 1 76  ? -9.213  17.593  -1.453  1.00 20.01 ? 76   ASN A CA  1 
ATOM   590  C C   . ASN A 1 76  ? -8.882  18.782  -2.348  1.00 19.09 ? 76   ASN A C   1 
ATOM   591  O O   . ASN A 1 76  ? -9.184  18.789  -3.538  1.00 17.62 ? 76   ASN A O   1 
ATOM   592  C CB  . ASN A 1 76  ? -10.717 17.502  -1.135  1.00 21.25 ? 76   ASN A CB  1 
ATOM   593  C CG  . ASN A 1 76  ? -11.168 16.077  -0.819  1.00 24.13 ? 76   ASN A CG  1 
ATOM   594  O OD1 . ASN A 1 76  ? -11.981 15.872  0.070   1.00 32.94 ? 76   ASN A OD1 1 
ATOM   595  N ND2 . ASN A 1 76  ? -10.631 15.095  -1.524  1.00 24.71 ? 76   ASN A ND2 1 
ATOM   596  N N   . ALA A 1 77  ? -8.191  19.772  -1.783  1.00 17.91 ? 77   ALA A N   1 
ATOM   597  C CA  . ALA A 1 77  ? -7.758  20.931  -2.516  1.00 17.69 ? 77   ALA A CA  1 
ATOM   598  C C   . ALA A 1 77  ? -6.717  20.635  -3.584  1.00 17.06 ? 77   ALA A C   1 
ATOM   599  O O   . ALA A 1 77  ? -6.409  21.497  -4.409  1.00 16.21 ? 77   ALA A O   1 
ATOM   600  C CB  . ALA A 1 77  ? -7.206  22.006  -1.544  1.00 18.12 ? 77   ALA A CB  1 
ATOM   601  N N   . TYR A 1 78  ? -6.149  19.429  -3.549  1.00 17.70 ? 78   TYR A N   1 
ATOM   602  C CA  . TYR A 1 78  ? -5.142  19.067  -4.549  1.00 18.22 ? 78   TYR A CA  1 
ATOM   603  C C   . TYR A 1 78  ? -5.579  17.897  -5.426  1.00 17.48 ? 78   TYR A C   1 
ATOM   604  O O   . TYR A 1 78  ? -4.743  17.337  -6.141  1.00 17.03 ? 78   TYR A O   1 
ATOM   605  C CB  . TYR A 1 78  ? -3.800  18.752  -3.890  1.00 18.88 ? 78   TYR A CB  1 
ATOM   606  C CG  . TYR A 1 78  ? -3.359  19.883  -2.989  1.00 20.68 ? 78   TYR A CG  1 
ATOM   607  C CD1 . TYR A 1 78  ? -3.345  21.194  -3.460  1.00 24.15 ? 78   TYR A CD1 1 
ATOM   608  C CD2 . TYR A 1 78  ? -3.010  19.635  -1.675  1.00 23.73 ? 78   TYR A CD2 1 
ATOM   609  C CE1 . TYR A 1 78  ? -2.977  22.252  -2.630  1.00 26.98 ? 78   TYR A CE1 1 
ATOM   610  C CE2 . TYR A 1 78  ? -2.641  20.681  -0.844  1.00 28.74 ? 78   TYR A CE2 1 
ATOM   611  C CZ  . TYR A 1 78  ? -2.628  21.971  -1.334  1.00 25.14 ? 78   TYR A CZ  1 
ATOM   612  O OH  . TYR A 1 78  ? -2.239  23.001  -0.510  1.00 29.56 ? 78   TYR A OH  1 
ATOM   613  N N   . GLY A 1 79  ? -6.861  17.553  -5.376  1.00 16.61 ? 79   GLY A N   1 
ATOM   614  C CA  . GLY A 1 79  ? -7.414  16.560  -6.329  1.00 15.77 ? 79   GLY A CA  1 
ATOM   615  C C   . GLY A 1 79  ? -6.912  15.111  -6.216  1.00 14.94 ? 79   GLY A C   1 
ATOM   616  O O   . GLY A 1 79  ? -6.452  14.556  -7.217  1.00 14.91 ? 79   GLY A O   1 
ATOM   617  N N   . PRO A 1 80  ? -7.000  14.491  -5.027  1.00 15.38 ? 80   PRO A N   1 
ATOM   618  C CA  . PRO A 1 80  ? -6.553  13.084  -4.933  1.00 13.99 ? 80   PRO A CA  1 
ATOM   619  C C   . PRO A 1 80  ? -7.445  12.179  -5.799  1.00 14.51 ? 80   PRO A C   1 
ATOM   620  O O   . PRO A 1 80  ? -8.675  12.341  -5.799  1.00 13.36 ? 80   PRO A O   1 
ATOM   621  C CB  . PRO A 1 80  ? -6.747  12.745  -3.444  1.00 14.61 ? 80   PRO A CB  1 
ATOM   622  C CG  . PRO A 1 80  ? -7.794  13.784  -2.950  1.00 15.30 ? 80   PRO A CG  1 
ATOM   623  C CD  . PRO A 1 80  ? -7.521  14.996  -3.730  1.00 14.80 ? 80   PRO A CD  1 
ATOM   624  N N   . ILE A 1 81  ? -6.814  11.277  -6.548  1.00 12.41 ? 81   ILE A N   1 
ATOM   625  C CA  . ILE A 1 81  ? -7.525  10.267  -7.358  1.00 13.47 ? 81   ILE A CA  1 
ATOM   626  C C   . ILE A 1 81  ? -6.995  8.902   -6.943  1.00 13.03 ? 81   ILE A C   1 
ATOM   627  O O   . ILE A 1 81  ? -5.804  8.676   -7.044  1.00 12.44 ? 81   ILE A O   1 
ATOM   628  C CB  . ILE A 1 81  ? -7.221  10.408  -8.883  1.00 13.21 ? 81   ILE A CB  1 
ATOM   629  C CG1 . ILE A 1 81  ? -7.652  11.762  -9.424  1.00 14.59 ? 81   ILE A CG1 1 
ATOM   630  C CG2 . ILE A 1 81  ? -8.021  9.320   -9.692  1.00 14.12 ? 81   ILE A CG2 1 
ATOM   631  C CD1 . ILE A 1 81  ? -7.045  12.062  -10.858 1.00 14.39 ? 81   ILE A CD1 1 
ATOM   632  N N   . GLN A 1 82  ? -7.897  8.027   -6.471  1.00 14.50 ? 82   GLN A N   1 
ATOM   633  C CA  . GLN A 1 82  ? -7.628  6.640   -6.089  1.00 15.36 ? 82   GLN A CA  1 
ATOM   634  C C   . GLN A 1 82  ? -7.972  5.741   -7.280  1.00 15.89 ? 82   GLN A C   1 
ATOM   635  O O   . GLN A 1 82  ? -9.042  5.919   -7.899  1.00 15.41 ? 82   GLN A O   1 
ATOM   636  C CB  . GLN A 1 82  ? -8.597  6.237   -4.973  1.00 15.83 ? 82   GLN A CB  1 
ATOM   637  C CG  . GLN A 1 82  ? -8.451  6.961   -3.659  1.00 19.25 ? 82   GLN A CG  1 
ATOM   638  C CD  . GLN A 1 82  ? -9.567  6.635   -2.628  1.00 18.34 ? 82   GLN A CD  1 
ATOM   639  O OE1 . GLN A 1 82  ? -9.552  7.189   -1.531  1.00 25.65 ? 82   GLN A OE1 1 
ATOM   640  N NE2 . GLN A 1 82  ? -10.516 5.765   -2.977  1.00 19.93 ? 82   GLN A NE2 1 
ATOM   641  N N   . ILE A 1 83  ? -7.127  4.751   -7.555  1.00 15.78 ? 83   ILE A N   1 
ATOM   642  C CA  . ILE A 1 83  ? -7.444  3.689   -8.516  1.00 17.50 ? 83   ILE A CA  1 
ATOM   643  C C   . ILE A 1 83  ? -7.077  2.350   -7.886  1.00 16.85 ? 83   ILE A C   1 
ATOM   644  O O   . ILE A 1 83  ? -5.973  2.207   -7.405  1.00 17.07 ? 83   ILE A O   1 
ATOM   645  C CB  . ILE A 1 83  ? -6.619  3.814   -9.814  1.00 18.35 ? 83   ILE A CB  1 
ATOM   646  C CG1 . ILE A 1 83  ? -6.819  5.191   -10.455 1.00 22.03 ? 83   ILE A CG1 1 
ATOM   647  C CG2 . ILE A 1 83  ? -7.019  2.696   -10.792 1.00 20.27 ? 83   ILE A CG2 1 
ATOM   648  C CD1 . ILE A 1 83  ? -8.206  5.453   -10.936 1.00 25.52 ? 83   ILE A CD1 1 
ATOM   649  N N   . ALA A 1 84  ? -8.001  1.400   -7.856  1.00 15.79 ? 84   ALA A N   1 
ATOM   650  C CA  . ALA A 1 84  ? -7.652  0.029   -7.461  1.00 16.09 ? 84   ALA A CA  1 
ATOM   651  C C   . ALA A 1 84  ? -7.901  -0.926  -8.605  1.00 16.81 ? 84   ALA A C   1 
ATOM   652  O O   . ALA A 1 84  ? -8.891  -0.765  -9.342  1.00 18.26 ? 84   ALA A O   1 
ATOM   653  C CB  . ALA A 1 84  ? -8.451  -0.400  -6.256  1.00 16.96 ? 84   ALA A CB  1 
ATOM   654  N N   . ASP A 1 85  ? -7.012  -1.903  -8.746  1.00 16.51 ? 85   ASP A N   1 
ATOM   655  C CA  . ASP A 1 85  ? -7.121  -2.959  -9.756  1.00 17.73 ? 85   ASP A CA  1 
ATOM   656  C C   . ASP A 1 85  ? -6.557  -4.263  -9.158  1.00 16.56 ? 85   ASP A C   1 
ATOM   657  O O   . ASP A 1 85  ? -5.554  -4.792  -9.619  1.00 16.36 ? 85   ASP A O   1 
ATOM   658  C CB  . ASP A 1 85  ? -6.365  -2.552  -11.032 1.00 18.70 ? 85   ASP A CB  1 
ATOM   659  C CG  . ASP A 1 85  ? -6.583  -3.521  -12.193 1.00 24.25 ? 85   ASP A CG  1 
ATOM   660  O OD1 . ASP A 1 85  ? -5.722  -3.521  -13.107 1.00 29.73 ? 85   ASP A OD1 1 
ATOM   661  O OD2 . ASP A 1 85  ? -7.586  -4.286  -12.203 1.00 28.94 ? 85   ASP A OD2 1 
ATOM   662  N N   . ASN A 1 86  ? -7.210  -4.738  -8.096  1.00 16.51 ? 86   ASN A N   1 
ATOM   663  C CA  . ASN A 1 86  ? -6.748  -5.905  -7.370  1.00 16.37 ? 86   ASN A CA  1 
ATOM   664  C C   . ASN A 1 86  ? -7.208  -7.151  -8.100  1.00 17.58 ? 86   ASN A C   1 
ATOM   665  O O   . ASN A 1 86  ? -8.166  -7.097  -8.900  1.00 18.20 ? 86   ASN A O   1 
ATOM   666  C CB  . ASN A 1 86  ? -7.378  -5.915  -5.961  1.00 15.18 ? 86   ASN A CB  1 
ATOM   667  C CG  . ASN A 1 86  ? -7.154  -4.623  -5.208  1.00 14.73 ? 86   ASN A CG  1 
ATOM   668  O OD1 . ASN A 1 86  ? -6.023  -4.157  -5.111  1.00 15.85 ? 86   ASN A OD1 1 
ATOM   669  N ND2 . ASN A 1 86  ? -8.222  -4.040  -4.662  1.00 14.23 ? 86   ASN A ND2 1 
ATOM   670  N N   . ASP A 1 87  ? -6.566  -8.280  -7.817  1.00 17.32 ? 87   ASP A N   1 
ATOM   671  C CA  . ASP A 1 87  ? -7.095  -9.575  -8.253  1.00 17.70 ? 87   ASP A CA  1 
ATOM   672  C C   . ASP A 1 87  ? -6.998  -10.500 -7.047  1.00 16.88 ? 87   ASP A C   1 
ATOM   673  O O   . ASP A 1 87  ? -6.073  -11.274 -6.952  1.00 15.55 ? 87   ASP A O   1 
ATOM   674  C CB  . ASP A 1 87  ? -6.287  -10.138 -9.425  1.00 18.49 ? 87   ASP A CB  1 
ATOM   675  C CG  . ASP A 1 87  ? -7.015  -11.311 -10.132 1.00 22.95 ? 87   ASP A CG  1 
ATOM   676  O OD1 . ASP A 1 87  ? -7.919  -11.952 -9.535  1.00 24.02 ? 87   ASP A OD1 1 
ATOM   677  O OD2 . ASP A 1 87  ? -6.681  -11.586 -11.298 1.00 26.68 ? 87   ASP A OD2 1 
ATOM   678  N N   . PRO A 1 88  ? -7.937  -10.359 -6.104  1.00 17.81 ? 88   PRO A N   1 
ATOM   679  C CA  . PRO A 1 88  ? -7.802  -11.094 -4.818  1.00 18.07 ? 88   PRO A CA  1 
ATOM   680  C C   . PRO A 1 88  ? -7.788  -12.614 -5.002  1.00 17.79 ? 88   PRO A C   1 
ATOM   681  O O   . PRO A 1 88  ? -7.071  -13.307 -4.262  1.00 17.31 ? 88   PRO A O   1 
ATOM   682  C CB  . PRO A 1 88  ? -9.012  -10.606 -4.019  1.00 17.95 ? 88   PRO A CB  1 
ATOM   683  C CG  . PRO A 1 88  ? -9.387  -9.235  -4.663  1.00 19.70 ? 88   PRO A CG  1 
ATOM   684  C CD  . PRO A 1 88  ? -9.127  -9.488  -6.130  1.00 18.24 ? 88   PRO A CD  1 
ATOM   685  N N   . GLU A 1 89  ? -8.517  -13.132 -6.000  1.00 17.71 ? 89   GLU A N   1 
ATOM   686  C CA  A GLU A 1 89  ? -8.525  -14.579 -6.259  0.50 18.65 ? 89   GLU A CA  1 
ATOM   687  C CA  B GLU A 1 89  ? -8.539  -14.570 -6.240  0.50 18.43 ? 89   GLU A CA  1 
ATOM   688  C C   . GLU A 1 89  ? -7.146  -15.102 -6.620  1.00 17.77 ? 89   GLU A C   1 
ATOM   689  O O   . GLU A 1 89  ? -6.852  -16.281 -6.434  1.00 18.54 ? 89   GLU A O   1 
ATOM   690  C CB  A GLU A 1 89  ? -9.495  -14.991 -7.371  0.50 19.42 ? 89   GLU A CB  1 
ATOM   691  C CB  B GLU A 1 89  ? -9.598  -14.927 -7.294  0.50 18.83 ? 89   GLU A CB  1 
ATOM   692  C CG  A GLU A 1 89  ? -9.629  -16.541 -7.422  0.50 21.93 ? 89   GLU A CG  1 
ATOM   693  C CG  B GLU A 1 89  ? -10.100 -16.382 -7.183  0.50 20.30 ? 89   GLU A CG  1 
ATOM   694  C CD  A GLU A 1 89  ? -9.701  -17.133 -8.816  0.50 24.83 ? 89   GLU A CD  1 
ATOM   695  C CD  B GLU A 1 89  ? -11.173 -16.748 -8.207  0.50 18.71 ? 89   GLU A CD  1 
ATOM   696  O OE1 A GLU A 1 89  ? -8.725  -17.813 -9.239  0.50 26.99 ? 89   GLU A OE1 1 
ATOM   697  O OE1 B GLU A 1 89  ? -11.838 -15.853 -8.759  0.50 19.92 ? 89   GLU A OE1 1 
ATOM   698  O OE2 A GLU A 1 89  ? -10.738 -16.937 -9.480  0.50 26.18 ? 89   GLU A OE2 1 
ATOM   699  O OE2 B GLU A 1 89  ? -11.354 -17.951 -8.448  0.50 19.93 ? 89   GLU A OE2 1 
ATOM   700  N N   . LYS A 1 90  ? -6.291  -14.221 -7.153  1.00 16.92 ? 90   LYS A N   1 
ATOM   701  C CA  A LYS A 1 90  ? -4.937  -14.600 -7.523  0.50 16.58 ? 90   LYS A CA  1 
ATOM   702  C CA  B LYS A 1 90  ? -4.934  -14.583 -7.523  0.50 16.56 ? 90   LYS A CA  1 
ATOM   703  C C   . LYS A 1 90  ? -3.913  -14.110 -6.483  1.00 16.38 ? 90   LYS A C   1 
ATOM   704  O O   . LYS A 1 90  ? -2.696  -14.235 -6.689  1.00 16.92 ? 90   LYS A O   1 
ATOM   705  C CB  A LYS A 1 90  ? -4.588  -14.039 -8.913  0.50 16.79 ? 90   LYS A CB  1 
ATOM   706  C CB  B LYS A 1 90  ? -4.589  -13.965 -8.883  0.50 17.07 ? 90   LYS A CB  1 
ATOM   707  C CG  A LYS A 1 90  ? -5.322  -14.696 -10.088 0.50 16.58 ? 90   LYS A CG  1 
ATOM   708  C CG  B LYS A 1 90  ? -5.448  -14.469 -10.015 0.50 17.99 ? 90   LYS A CG  1 
ATOM   709  C CD  A LYS A 1 90  ? -4.813  -14.117 -11.404 0.50 17.83 ? 90   LYS A CD  1 
ATOM   710  C CD  B LYS A 1 90  ? -4.897  -14.003 -11.344 0.50 22.18 ? 90   LYS A CD  1 
ATOM   711  C CE  A LYS A 1 90  ? -5.668  -14.522 -12.605 0.50 19.49 ? 90   LYS A CE  1 
ATOM   712  C CE  B LYS A 1 90  ? -5.679  -14.637 -12.460 0.50 23.74 ? 90   LYS A CE  1 
ATOM   713  N NZ  A LYS A 1 90  ? -7.105  -14.161 -12.475 0.50 18.12 ? 90   LYS A NZ  1 
ATOM   714  N NZ  B LYS A 1 90  ? -5.821  -16.082 -12.148 0.50 24.27 ? 90   LYS A NZ  1 
ATOM   715  N N   . GLY A 1 91  ? -4.411  -13.569 -5.370  1.00 16.24 ? 91   GLY A N   1 
ATOM   716  C CA  . GLY A 1 91  ? -3.533  -13.025 -4.315  1.00 14.10 ? 91   GLY A CA  1 
ATOM   717  C C   . GLY A 1 91  ? -2.758  -11.787 -4.765  1.00 14.38 ? 91   GLY A C   1 
ATOM   718  O O   . GLY A 1 91  ? -1.549  -11.667 -4.490  1.00 14.89 ? 91   GLY A O   1 
ATOM   719  N N   . ILE A 1 92  ? -3.434  -10.876 -5.463  1.00 13.27 ? 92   ILE A N   1 
ATOM   720  C CA  . ILE A 1 92  ? -2.765  -9.615  -5.911  1.00 14.13 ? 92   ILE A CA  1 
ATOM   721  C C   . ILE A 1 92  ? -3.541  -8.410  -5.475  1.00 13.97 ? 92   ILE A C   1 
ATOM   722  O O   . ILE A 1 92  ? -4.772  -8.304  -5.722  1.00 13.71 ? 92   ILE A O   1 
ATOM   723  C CB  . ILE A 1 92  ? -2.657  -9.514  -7.475  1.00 14.41 ? 92   ILE A CB  1 
ATOM   724  C CG1 . ILE A 1 92  ? -1.787  -10.627 -8.026  1.00 15.27 ? 92   ILE A CG1 1 
ATOM   725  C CG2 . ILE A 1 92  ? -2.126  -8.129  -7.903  1.00 15.42 ? 92   ILE A CG2 1 
ATOM   726  C CD1 . ILE A 1 92  ? -2.012  -10.831 -9.521  1.00 17.61 ? 92   ILE A CD1 1 
ATOM   727  N N   . LEU A 1 93  ? -2.826  -7.477  -4.841  1.00 13.68 ? 93   LEU A N   1 
ATOM   728  C CA  . LEU A 1 93  ? -3.382  -6.153  -4.591  1.00 13.78 ? 93   LEU A CA  1 
ATOM   729  C C   . LEU A 1 93  ? -2.567  -5.180  -5.409  1.00 14.21 ? 93   LEU A C   1 
ATOM   730  O O   . LEU A 1 93  ? -1.342  -5.243  -5.415  1.00 14.98 ? 93   LEU A O   1 
ATOM   731  C CB  . LEU A 1 93  ? -3.277  -5.767  -3.107  1.00 14.17 ? 93   LEU A CB  1 
ATOM   732  C CG  . LEU A 1 93  ? -3.979  -6.744  -2.167  1.00 15.85 ? 93   LEU A CG  1 
ATOM   733  C CD1 . LEU A 1 93  ? -3.744  -6.257  -0.739  1.00 16.55 ? 93   LEU A CD1 1 
ATOM   734  C CD2 . LEU A 1 93  ? -5.479  -6.897  -2.474  1.00 18.31 ? 93   LEU A CD2 1 
ATOM   735  N N   . ASN A 1 94  ? -3.264  -4.309  -6.119  1.00 13.57 ? 94   ASN A N   1 
ATOM   736  C CA  . ASN A 1 94  ? -2.600  -3.310  -6.938  1.00 13.86 ? 94   ASN A CA  1 
ATOM   737  C C   . ASN A 1 94  ? -3.452  -2.050  -6.916  1.00 13.65 ? 94   ASN A C   1 
ATOM   738  O O   . ASN A 1 94  ? -4.611  -2.060  -7.359  1.00 12.77 ? 94   ASN A O   1 
ATOM   739  C CB  . ASN A 1 94  ? -2.413  -3.834  -8.374  1.00 14.49 ? 94   ASN A CB  1 
ATOM   740  C CG  . ASN A 1 94  ? -1.608  -2.882  -9.205  1.00 17.00 ? 94   ASN A CG  1 
ATOM   741  O OD1 . ASN A 1 94  ? -2.063  -1.797  -9.512  1.00 20.47 ? 94   ASN A OD1 1 
ATOM   742  N ND2 . ASN A 1 94  ? -0.397  -3.257  -9.527  1.00 18.46 ? 94   ASN A ND2 1 
ATOM   743  N N   . PHE A 1 95  ? -2.890  -0.966  -6.370  1.00 12.55 ? 95   PHE A N   1 
ATOM   744  C CA  . PHE A 1 95  ? -3.660  0.243   -6.173  1.00 12.64 ? 95   PHE A CA  1 
ATOM   745  C C   . PHE A 1 95  ? -2.734  1.466   -6.220  1.00 11.62 ? 95   PHE A C   1 
ATOM   746  O O   . PHE A 1 95  ? -1.501  1.339   -6.083  1.00 11.80 ? 95   PHE A O   1 
ATOM   747  C CB  . PHE A 1 95  ? -4.486  0.161   -4.875  1.00 12.69 ? 95   PHE A CB  1 
ATOM   748  C CG  . PHE A 1 95  ? -3.661  -0.106  -3.648  1.00 14.47 ? 95   PHE A CG  1 
ATOM   749  C CD1 . PHE A 1 95  ? -3.106  0.961   -2.903  1.00 13.37 ? 95   PHE A CD1 1 
ATOM   750  C CD2 . PHE A 1 95  ? -3.431  -1.430  -3.238  1.00 17.74 ? 95   PHE A CD2 1 
ATOM   751  C CE1 . PHE A 1 95  ? -2.302  0.677   -1.778  1.00 15.71 ? 95   PHE A CE1 1 
ATOM   752  C CE2 . PHE A 1 95  ? -2.639  -1.705  -2.123  1.00 17.39 ? 95   PHE A CE2 1 
ATOM   753  C CZ  . PHE A 1 95  ? -2.099  -0.647  -1.394  1.00 16.36 ? 95   PHE A CZ  1 
ATOM   754  N N   . ALA A 1 96  ? -3.304  2.614   -6.539  1.00 10.97 ? 96   ALA A N   1 
ATOM   755  C CA  . ALA A 1 96  ? -2.520  3.824   -6.771  1.00 11.12 ? 96   ALA A CA  1 
ATOM   756  C C   . ALA A 1 96  ? -3.323  5.030   -6.314  1.00 12.20 ? 96   ALA A C   1 
ATOM   757  O O   . ALA A 1 96  ? -4.558  5.005   -6.293  1.00 11.96 ? 96   ALA A O   1 
ATOM   758  C CB  . ALA A 1 96  ? -2.189  3.962   -8.266  1.00 12.79 ? 96   ALA A CB  1 
ATOM   759  N N   . LEU A 1 97  ? -2.630  6.093   -5.953  1.00 12.10 ? 97   LEU A N   1 
ATOM   760  C CA  . LEU A 1 97  ? -3.332  7.293   -5.527  1.00 12.86 ? 97   LEU A CA  1 
ATOM   761  C C   . LEU A 1 97  ? -2.347  8.414   -5.755  1.00 13.33 ? 97   LEU A C   1 
ATOM   762  O O   . LEU A 1 97  ? -1.155  8.255   -5.432  1.00 12.26 ? 97   LEU A O   1 
ATOM   763  C CB  . LEU A 1 97  ? -3.736  7.174   -4.039  1.00 13.19 ? 97   LEU A CB  1 
ATOM   764  C CG  . LEU A 1 97  ? -3.987  8.479   -3.252  1.00 14.33 ? 97   LEU A CG  1 
ATOM   765  C CD1 . LEU A 1 97  ? -5.150  9.251   -3.834  1.00 12.83 ? 97   LEU A CD1 1 
ATOM   766  C CD2 . LEU A 1 97  ? -4.299  8.108   -1.764  1.00 15.76 ? 97   LEU A CD2 1 
ATOM   767  N N   . ALA A 1 98  ? -2.815  9.526   -6.317  1.00 11.69 ? 98   ALA A N   1 
ATOM   768  C CA  . ALA A 1 98  ? -1.942  10.667  -6.526  1.00 13.06 ? 98   ALA A CA  1 
ATOM   769  C C   . ALA A 1 98  ? -2.801  11.919  -6.536  1.00 14.34 ? 98   ALA A C   1 
ATOM   770  O O   . ALA A 1 98  ? -4.004  11.860  -6.857  1.00 13.55 ? 98   ALA A O   1 
ATOM   771  C CB  . ALA A 1 98  ? -1.181  10.540  -7.838  1.00 13.79 ? 98   ALA A CB  1 
ATOM   772  N N   . TYR A 1 99  ? -2.179  13.043  -6.182  1.00 13.42 ? 99   TYR A N   1 
ATOM   773  C CA  . TYR A 1 99  ? -2.821  14.342  -6.372  1.00 15.25 ? 99   TYR A CA  1 
ATOM   774  C C   . TYR A 1 99  ? -2.774  14.695  -7.856  1.00 15.18 ? 99   TYR A C   1 
ATOM   775  O O   . TYR A 1 99  ? -1.702  14.638  -8.489  1.00 14.94 ? 99   TYR A O   1 
ATOM   776  C CB  . TYR A 1 99  ? -2.059  15.433  -5.561  1.00 15.36 ? 99   TYR A CB  1 
ATOM   777  C CG  . TYR A 1 99  ? -2.335  15.483  -4.065  1.00 16.00 ? 99   TYR A CG  1 
ATOM   778  C CD1 . TYR A 1 99  ? -3.591  15.162  -3.531  1.00 15.28 ? 99   TYR A CD1 1 
ATOM   779  C CD2 . TYR A 1 99  ? -1.326  15.893  -3.175  1.00 15.82 ? 99   TYR A CD2 1 
ATOM   780  C CE1 . TYR A 1 99  ? -3.833  15.233  -2.188  1.00 15.94 ? 99   TYR A CE1 1 
ATOM   781  C CE2 . TYR A 1 99  ? -1.566  15.974  -1.811  1.00 15.02 ? 99   TYR A CE2 1 
ATOM   782  C CZ  . TYR A 1 99  ? -2.824  15.674  -1.329  1.00 16.99 ? 99   TYR A CZ  1 
ATOM   783  O OH  . TYR A 1 99  ? -3.058  15.722  0.025   1.00 17.83 ? 99   TYR A OH  1 
ATOM   784  N N   . SER A 1 100 ? -3.919  15.080  -8.416  1.00 15.27 ? 100  SER A N   1 
ATOM   785  C CA  A SER A 1 100 ? -3.976  15.572  -9.783  0.75 16.16 ? 100  SER A CA  1 
ATOM   786  C CA  B SER A 1 100 ? -3.981  15.586  -9.786  0.25 16.11 ? 100  SER A CA  1 
ATOM   787  C C   . SER A 1 100 ? -3.451  17.009  -9.871  1.00 16.93 ? 100  SER A C   1 
ATOM   788  O O   . SER A 1 100 ? -2.753  17.354  -10.816 1.00 16.78 ? 100  SER A O   1 
ATOM   789  C CB  A SER A 1 100 ? -5.413  15.490  -10.305 0.75 16.05 ? 100  SER A CB  1 
ATOM   790  C CB  B SER A 1 100 ? -5.415  15.584  -10.308 0.25 15.99 ? 100  SER A CB  1 
ATOM   791  O OG  A SER A 1 100 ? -5.499  15.784  -11.690 0.75 15.44 ? 100  SER A OG  1 
ATOM   792  O OG  B SER A 1 100 ? -6.139  14.482  -9.817  0.25 15.04 ? 100  SER A OG  1 
ATOM   793  N N   . TYR A 1 101 ? -3.823  17.836  -8.885  1.00 17.71 ? 101  TYR A N   1 
ATOM   794  C CA  . TYR A 1 101 ? -3.482  19.263  -8.894  1.00 19.71 ? 101  TYR A CA  1 
ATOM   795  C C   . TYR A 1 101 ? -2.118  19.464  -8.247  1.00 20.59 ? 101  TYR A C   1 
ATOM   796  O O   . TYR A 1 101 ? -1.963  20.124  -7.212  1.00 21.38 ? 101  TYR A O   1 
ATOM   797  C CB  . TYR A 1 101 ? -4.566  20.071  -8.167  1.00 20.23 ? 101  TYR A CB  1 
ATOM   798  C CG  . TYR A 1 101 ? -4.494  21.550  -8.460  1.00 21.72 ? 101  TYR A CG  1 
ATOM   799  C CD1 . TYR A 1 101 ? -4.135  22.007  -9.723  1.00 21.59 ? 101  TYR A CD1 1 
ATOM   800  C CD2 . TYR A 1 101 ? -4.811  22.491  -7.465  1.00 23.53 ? 101  TYR A CD2 1 
ATOM   801  C CE1 . TYR A 1 101 ? -4.063  23.410  -10.003 1.00 25.86 ? 101  TYR A CE1 1 
ATOM   802  C CE2 . TYR A 1 101 ? -4.728  23.872  -7.723  1.00 24.22 ? 101  TYR A CE2 1 
ATOM   803  C CZ  . TYR A 1 101 ? -4.375  24.312  -8.988  1.00 25.09 ? 101  TYR A CZ  1 
ATOM   804  O OH  . TYR A 1 101 ? -4.320  25.676  -9.254  1.00 28.48 ? 101  TYR A OH  1 
ATOM   805  N N   . ILE A 1 102 ? -1.125  18.840  -8.868  1.00 20.40 ? 102  ILE A N   1 
ATOM   806  C CA  A ILE A 1 102 ? 0.264   18.943  -8.370  0.75 20.22 ? 102  ILE A CA  1 
ATOM   807  C CA  B ILE A 1 102 ? 0.263   18.919  -8.465  0.25 21.37 ? 102  ILE A CA  1 
ATOM   808  C C   . ILE A 1 102 ? 0.816   20.373  -8.507  1.00 21.52 ? 102  ILE A C   1 
ATOM   809  O O   . ILE A 1 102 ? 1.678   20.769  -7.709  1.00 22.28 ? 102  ILE A O   1 
ATOM   810  C CB  A ILE A 1 102 ? 1.253   17.917  -9.031  0.75 19.31 ? 102  ILE A CB  1 
ATOM   811  C CB  B ILE A 1 102 ? 1.031   17.882  -9.352  0.25 20.94 ? 102  ILE A CB  1 
ATOM   812  C CG1 A ILE A 1 102 ? 1.159   17.946  -10.569 0.75 20.16 ? 102  ILE A CG1 1 
ATOM   813  C CG1 B ILE A 1 102 ? 2.162   17.205  -8.611  0.25 21.65 ? 102  ILE A CG1 1 
ATOM   814  C CG2 A ILE A 1 102 ? 1.021   16.526  -8.444  0.75 17.89 ? 102  ILE A CG2 1 
ATOM   815  C CG2 B ILE A 1 102 ? 1.198   18.315  -10.825 0.25 21.34 ? 102  ILE A CG2 1 
ATOM   816  C CD1 A ILE A 1 102 ? 2.243   17.174  -11.300 0.75 18.49 ? 102  ILE A CD1 1 
ATOM   817  C CD1 B ILE A 1 102 ? 1.626   16.160  -7.660  0.25 19.50 ? 102  ILE A CD1 1 
ATOM   818  N N   . ALA A 1 103 ? 0.311   21.158  -9.452  1.00 23.12 ? 103  ALA A N   1 
ATOM   819  C CA  . ALA A 1 103 ? 0.709   22.580  -9.533  1.00 24.64 ? 103  ALA A CA  1 
ATOM   820  C C   . ALA A 1 103 ? 0.291   23.334  -8.258  1.00 25.45 ? 103  ALA A C   1 
ATOM   821  O O   . ALA A 1 103 ? 1.083   24.106  -7.691  1.00 26.78 ? 103  ALA A O   1 
ATOM   822  C CB  . ALA A 1 103 ? 0.106   23.233  -10.760 1.00 24.94 ? 103  ALA A CB  1 
ATOM   823  N N   . GLY A 1 104 ? -0.948  23.123  -7.809  1.00 25.36 ? 104  GLY A N   1 
ATOM   824  C CA  . GLY A 1 104 ? -1.461  23.799  -6.602  1.00 24.94 ? 104  GLY A CA  1 
ATOM   825  C C   . GLY A 1 104 ? -0.754  23.286  -5.364  1.00 24.98 ? 104  GLY A C   1 
ATOM   826  O O   . GLY A 1 104 ? -0.401  24.042  -4.448  1.00 25.33 ? 104  GLY A O   1 
ATOM   827  N N   . TYR A 1 105 ? -0.504  21.985  -5.346  1.00 23.56 ? 105  TYR A N   1 
ATOM   828  C CA  . TYR A 1 105 ? 0.249   21.358  -4.272  1.00 23.46 ? 105  TYR A CA  1 
ATOM   829  C C   . TYR A 1 105 ? 1.689   21.888  -4.167  1.00 24.00 ? 105  TYR A C   1 
ATOM   830  O O   . TYR A 1 105 ? 2.139   22.196  -3.074  1.00 23.66 ? 105  TYR A O   1 
ATOM   831  C CB  . TYR A 1 105 ? 0.249   19.844  -4.500  1.00 22.11 ? 105  TYR A CB  1 
ATOM   832  C CG  . TYR A 1 105 ? 0.939   18.965  -3.491  1.00 20.32 ? 105  TYR A CG  1 
ATOM   833  C CD1 . TYR A 1 105 ? 0.873   19.209  -2.117  1.00 21.47 ? 105  TYR A CD1 1 
ATOM   834  C CD2 . TYR A 1 105 ? 1.643   17.836  -3.930  1.00 17.88 ? 105  TYR A CD2 1 
ATOM   835  C CE1 . TYR A 1 105 ? 1.489   18.348  -1.195  1.00 21.75 ? 105  TYR A CE1 1 
ATOM   836  C CE2 . TYR A 1 105 ? 2.266   16.977  -3.029  1.00 21.67 ? 105  TYR A CE2 1 
ATOM   837  C CZ  . TYR A 1 105 ? 2.201   17.232  -1.674  1.00 21.14 ? 105  TYR A CZ  1 
ATOM   838  O OH  . TYR A 1 105 ? 2.814   16.367  -0.825  1.00 21.50 ? 105  TYR A OH  1 
ATOM   839  N N   . LYS A 1 106 ? 2.406   21.965  -5.282  1.00 25.46 ? 106  LYS A N   1 
ATOM   840  C CA  . LYS A 1 106 ? 3.795   22.398  -5.240  1.00 27.62 ? 106  LYS A CA  1 
ATOM   841  C C   . LYS A 1 106 ? 3.868   23.873  -4.853  1.00 30.17 ? 106  LYS A C   1 
ATOM   842  O O   . LYS A 1 106 ? 4.740   24.283  -4.061  1.00 30.50 ? 106  LYS A O   1 
ATOM   843  C CB  . LYS A 1 106 ? 4.457   22.216  -6.586  1.00 27.17 ? 106  LYS A CB  1 
ATOM   844  C CG  . LYS A 1 106 ? 5.945   22.491  -6.567  1.00 25.43 ? 106  LYS A CG  1 
ATOM   845  C CD  . LYS A 1 106 ? 6.451   22.608  -7.968  1.00 26.91 ? 106  LYS A CD  1 
ATOM   846  C CE  . LYS A 1 106 ? 7.975   22.721  -7.967  1.00 26.36 ? 106  LYS A CE  1 
ATOM   847  N NZ  . LYS A 1 106 ? 8.460   22.700  -9.341  1.00 28.92 ? 106  LYS A NZ  1 
ATOM   848  N N   . GLU A 1 107 ? 2.941   24.646  -5.414  1.00 32.42 ? 107  GLU A N   1 
ATOM   849  C CA  . GLU A 1 107 ? 2.824   26.073  -5.117  1.00 35.37 ? 107  GLU A CA  1 
ATOM   850  C C   . GLU A 1 107 ? 2.685   26.392  -3.624  1.00 35.89 ? 107  GLU A C   1 
ATOM   851  O O   . GLU A 1 107 ? 3.260   27.376  -3.158  1.00 36.41 ? 107  GLU A O   1 
ATOM   852  C CB  . GLU A 1 107 ? 1.692   26.683  -5.925  1.00 35.91 ? 107  GLU A CB  1 
ATOM   853  C CG  . GLU A 1 107 ? 1.624   28.194  -5.896  1.00 41.43 ? 107  GLU A CG  1 
ATOM   854  C CD  . GLU A 1 107 ? 0.244   28.693  -6.288  1.00 47.19 ? 107  GLU A CD  1 
ATOM   855  O OE1 . GLU A 1 107 ? -0.390  28.087  -7.193  1.00 49.14 ? 107  GLU A OE1 1 
ATOM   856  O OE2 . GLU A 1 107 ? -0.205  29.689  -5.677  1.00 50.49 ? 107  GLU A OE2 1 
ATOM   857  N N   . THR A 1 108 ? 1.940   25.592  -2.865  1.00 36.76 ? 108  THR A N   1 
ATOM   858  C CA  A THR A 1 108 ? 1.892   25.815  -1.423  0.50 37.32 ? 108  THR A CA  1 
ATOM   859  C CA  B THR A 1 108 ? 1.878   25.752  -1.405  0.50 37.30 ? 108  THR A CA  1 
ATOM   860  C C   . THR A 1 108 ? 3.246   25.544  -0.744  1.00 37.65 ? 108  THR A C   1 
ATOM   861  O O   . THR A 1 108 ? 3.538   26.126  0.306   1.00 37.93 ? 108  THR A O   1 
ATOM   862  C CB  A THR A 1 108 ? 0.735   25.063  -0.728  0.50 37.31 ? 108  THR A CB  1 
ATOM   863  C CB  B THR A 1 108 ? 0.806   24.842  -0.719  0.50 37.24 ? 108  THR A CB  1 
ATOM   864  O OG1 A THR A 1 108 ? 0.983   23.651  -0.739  0.50 38.28 ? 108  THR A OG1 1 
ATOM   865  O OG1 B THR A 1 108 ? 0.708   25.185  0.669   0.50 37.16 ? 108  THR A OG1 1 
ATOM   866  C CG2 A THR A 1 108 ? -0.592  25.380  -1.418  0.50 36.90 ? 108  THR A CG2 1 
ATOM   867  C CG2 B THR A 1 108 ? 1.158   23.362  -0.812  0.50 38.04 ? 108  THR A CG2 1 
ATOM   868  N N   . GLY A 1 109 ? 4.075   24.688  -1.353  1.00 38.03 ? 109  GLY A N   1 
ATOM   869  C CA  . GLY A 1 109 ? 5.431   24.445  -0.872  1.00 37.53 ? 109  GLY A CA  1 
ATOM   870  C C   . GLY A 1 109 ? 5.600   23.508  0.306   1.00 37.52 ? 109  GLY A C   1 
ATOM   871  O O   . GLY A 1 109 ? 6.733   23.294  0.749   1.00 38.23 ? 109  GLY A O   1 
ATOM   872  N N   . VAL A 1 110 ? 4.493   22.956  0.817   1.00 36.85 ? 110  VAL A N   1 
ATOM   873  C CA  . VAL A 1 110 ? 4.521   21.994  1.940   1.00 36.22 ? 110  VAL A CA  1 
ATOM   874  C C   . VAL A 1 110 ? 4.231   20.570  1.464   1.00 34.97 ? 110  VAL A C   1 
ATOM   875  O O   . VAL A 1 110 ? 3.109   20.266  1.061   1.00 35.77 ? 110  VAL A O   1 
ATOM   876  C CB  . VAL A 1 110 ? 3.512   22.357  3.067   1.00 36.63 ? 110  VAL A CB  1 
ATOM   877  C CG1 . VAL A 1 110 ? 2.062   22.193  2.587   1.00 37.84 ? 110  VAL A CG1 1 
ATOM   878  C CG2 . VAL A 1 110 ? 3.742   21.491  4.305   1.00 36.55 ? 110  VAL A CG2 1 
ATOM   879  N N   . ALA A 1 111 ? 5.241   19.711  1.540   1.00 33.20 ? 111  ALA A N   1 
ATOM   880  C CA  . ALA A 1 111 ? 5.157   18.336  1.050   1.00 31.01 ? 111  ALA A CA  1 
ATOM   881  C C   . ALA A 1 111 ? 4.817   17.351  2.157   1.00 29.52 ? 111  ALA A C   1 
ATOM   882  O O   . ALA A 1 111 ? 5.324   17.453  3.281   1.00 29.78 ? 111  ALA A O   1 
ATOM   883  C CB  . ALA A 1 111 ? 6.464   17.944  0.384   1.00 30.92 ? 111  ALA A CB  1 
ATOM   884  N N   . GLU A 1 112 ? 3.946   16.395  1.837   1.00 27.79 ? 112  GLU A N   1 
ATOM   885  C CA  A GLU A 1 112 ? 3.563   15.337  2.768   0.50 27.10 ? 112  GLU A CA  1 
ATOM   886  C CA  B GLU A 1 112 ? 3.566   15.348  2.774   0.50 25.80 ? 112  GLU A CA  1 
ATOM   887  C C   . GLU A 1 112 ? 4.497   14.153  2.588   1.00 26.50 ? 112  GLU A C   1 
ATOM   888  O O   . GLU A 1 112 ? 4.224   13.251  1.789   1.00 25.98 ? 112  GLU A O   1 
ATOM   889  C CB  A GLU A 1 112 ? 2.131   14.879  2.499   0.50 27.23 ? 112  GLU A CB  1 
ATOM   890  C CB  B GLU A 1 112 ? 2.105   14.949  2.555   0.50 25.87 ? 112  GLU A CB  1 
ATOM   891  C CG  A GLU A 1 112 ? 1.038   15.720  3.118   0.50 28.41 ? 112  GLU A CG  1 
ATOM   892  C CG  B GLU A 1 112 ? 1.147   16.134  2.455   0.50 23.45 ? 112  GLU A CG  1 
ATOM   893  C CD  A GLU A 1 112 ? -0.330  15.188  2.758   0.50 30.27 ? 112  GLU A CD  1 
ATOM   894  C CD  B GLU A 1 112 ? -0.282  15.714  2.177   0.50 23.16 ? 112  GLU A CD  1 
ATOM   895  O OE1 A GLU A 1 112 ? -0.584  14.974  1.557   0.50 30.69 ? 112  GLU A OE1 1 
ATOM   896  O OE1 B GLU A 1 112 ? -0.683  14.594  2.571   0.50 18.47 ? 112  GLU A OE1 1 
ATOM   897  O OE2 A GLU A 1 112 ? -1.149  14.969  3.675   0.50 32.57 ? 112  GLU A OE2 1 
ATOM   898  O OE2 B GLU A 1 112 ? -1.008  16.511  1.568   0.50 17.46 ? 112  GLU A OE2 1 
ATOM   899  N N   . GLU A 1 113 ? 5.587   14.134  3.351   1.00 25.01 ? 113  GLU A N   1 
ATOM   900  C CA  . GLU A 1 113 ? 6.702   13.231  3.039   1.00 24.61 ? 113  GLU A CA  1 
ATOM   901  C C   . GLU A 1 113 ? 6.775   11.899  3.814   1.00 23.10 ? 113  GLU A C   1 
ATOM   902  O O   . GLU A 1 113 ? 7.569   11.014  3.469   1.00 24.14 ? 113  GLU A O   1 
ATOM   903  C CB  . GLU A 1 113 ? 8.014   14.037  3.130   1.00 23.90 ? 113  GLU A CB  1 
ATOM   904  C CG  . GLU A 1 113 ? 8.071   15.170  2.097   1.00 24.12 ? 113  GLU A CG  1 
ATOM   905  C CD  . GLU A 1 113 ? 9.383   15.929  2.110   1.00 27.49 ? 113  GLU A CD  1 
ATOM   906  O OE1 . GLU A 1 113 ? 10.041  15.940  3.170   1.00 30.04 ? 113  GLU A OE1 1 
ATOM   907  O OE2 . GLU A 1 113 ? 9.733   16.535  1.075   1.00 29.58 ? 113  GLU A OE2 1 
ATOM   908  N N   . SER A 1 114 ? 5.946   11.770  4.850   1.00 22.43 ? 114  SER A N   1 
ATOM   909  C CA  . SER A 1 114 ? 5.858   10.596  5.707   1.00 21.47 ? 114  SER A CA  1 
ATOM   910  C C   . SER A 1 114 ? 4.423   10.373  6.139   1.00 21.17 ? 114  SER A C   1 
ATOM   911  O O   . SER A 1 114 ? 3.672   11.337  6.337   1.00 21.47 ? 114  SER A O   1 
ATOM   912  C CB  . SER A 1 114 ? 6.744   10.765  6.960   1.00 22.58 ? 114  SER A CB  1 
ATOM   913  O OG  . SER A 1 114 ? 8.070   11.045  6.559   1.00 22.88 ? 114  SER A OG  1 
ATOM   914  N N   . GLY A 1 115 ? 4.023   9.118   6.283   1.00 20.45 ? 115  GLY A N   1 
ATOM   915  C CA  . GLY A 1 115 ? 2.670   8.816   6.742   1.00 20.64 ? 115  GLY A CA  1 
ATOM   916  C C   . GLY A 1 115 ? 2.177   7.481   6.231   1.00 20.12 ? 115  GLY A C   1 
ATOM   917  O O   . GLY A 1 115 ? 2.934   6.741   5.573   1.00 19.19 ? 115  GLY A O   1 
ATOM   918  N N   . ILE A 1 116 ? 0.917   7.174   6.534   1.00 18.44 ? 116  ILE A N   1 
ATOM   919  C CA  . ILE A 1 116 ? 0.349   5.874   6.199   1.00 17.85 ? 116  ILE A CA  1 
ATOM   920  C C   . ILE A 1 116 ? -0.317  6.006   4.829   1.00 17.83 ? 116  ILE A C   1 
ATOM   921  O O   . ILE A 1 116 ? -1.020  7.000   4.564   1.00 16.53 ? 116  ILE A O   1 
ATOM   922  C CB  . ILE A 1 116 ? -0.681  5.424   7.246   1.00 18.63 ? 116  ILE A CB  1 
ATOM   923  C CG1 . ILE A 1 116 ? -0.012  5.309   8.635   1.00 19.52 ? 116  ILE A CG1 1 
ATOM   924  C CG2 . ILE A 1 116 ? -1.365  4.104   6.862   1.00 15.02 ? 116  ILE A CG2 1 
ATOM   925  C CD1 . ILE A 1 116 ? -0.995  5.027   9.759   1.00 23.83 ? 116  ILE A CD1 1 
ATOM   926  N N   . ILE A 1 117 ? -0.065  5.056   3.926   1.00 17.40 ? 117  ILE A N   1 
ATOM   927  C CA  . ILE A 1 117 ? -0.811  5.118   2.665   1.00 17.58 ? 117  ILE A CA  1 
ATOM   928  C C   . ILE A 1 117 ? -1.905  4.036   2.534   1.00 17.21 ? 117  ILE A C   1 
ATOM   929  O O   . ILE A 1 117 ? -2.787  4.150   1.675   1.00 17.25 ? 117  ILE A O   1 
ATOM   930  C CB  . ILE A 1 117 ? 0.112   5.220   1.417   1.00 18.34 ? 117  ILE A CB  1 
ATOM   931  C CG1 . ILE A 1 117 ? 1.130   4.076   1.394   1.00 19.34 ? 117  ILE A CG1 1 
ATOM   932  C CG2 . ILE A 1 117 ? 0.828   6.591   1.384   1.00 17.90 ? 117  ILE A CG2 1 
ATOM   933  C CD1 . ILE A 1 117 ? 1.859   3.945   0.035   1.00 16.52 ? 117  ILE A CD1 1 
ATOM   934  N N   . ALA A 1 118 ? -1.853  3.005   3.378   1.00 15.60 ? 118  ALA A N   1 
ATOM   935  C CA  . ALA A 1 118 ? -2.898  1.966   3.388   1.00 15.70 ? 118  ALA A CA  1 
ATOM   936  C C   . ALA A 1 118 ? -2.840  1.143   4.629   1.00 15.81 ? 118  ALA A C   1 
ATOM   937  O O   . ALA A 1 118 ? -1.743  0.876   5.177   1.00 16.20 ? 118  ALA A O   1 
ATOM   938  C CB  . ALA A 1 118 ? -2.719  1.012   2.203   1.00 15.00 ? 118  ALA A CB  1 
ATOM   939  N N   . LYS A 1 119 ? -4.005  0.673   5.037   1.00 15.96 ? 119  LYS A N   1 
ATOM   940  C CA  . LYS A 1 119 ? -4.094  -0.381  6.050   1.00 16.39 ? 119  LYS A CA  1 
ATOM   941  C C   . LYS A 1 119 ? -4.923  -1.489  5.465   1.00 16.63 ? 119  LYS A C   1 
ATOM   942  O O   . LYS A 1 119 ? -6.010  -1.246  4.933   1.00 16.83 ? 119  LYS A O   1 
ATOM   943  C CB  . LYS A 1 119 ? -4.725  0.154   7.334   1.00 17.46 ? 119  LYS A CB  1 
ATOM   944  C CG  . LYS A 1 119 ? -3.785  1.149   8.052   1.00 22.07 ? 119  LYS A CG  1 
ATOM   945  C CD  . LYS A 1 119 ? -4.248  1.356   9.473   1.00 28.56 ? 119  LYS A CD  1 
ATOM   946  C CE  . LYS A 1 119 ? -3.120  1.917   10.364  1.00 31.39 ? 119  LYS A CE  1 
ATOM   947  N NZ  . LYS A 1 119 ? -3.672  2.644   11.562  1.00 34.07 ? 119  LYS A NZ  1 
ATOM   948  N N   . ILE A 1 120 ? -4.420  -2.709  5.565   1.00 14.54 ? 120  ILE A N   1 
ATOM   949  C CA  . ILE A 1 120 ? -5.047  -3.846  4.892   1.00 15.47 ? 120  ILE A CA  1 
ATOM   950  C C   . ILE A 1 120 ? -5.150  -5.010  5.874   1.00 14.91 ? 120  ILE A C   1 
ATOM   951  O O   . ILE A 1 120 ? -4.132  -5.423  6.456   1.00 15.06 ? 120  ILE A O   1 
ATOM   952  C CB  . ILE A 1 120 ? -4.203  -4.307  3.663   1.00 14.67 ? 120  ILE A CB  1 
ATOM   953  C CG1 . ILE A 1 120 ? -3.935  -3.145  2.659   1.00 15.06 ? 120  ILE A CG1 1 
ATOM   954  C CG2 . ILE A 1 120 ? -4.904  -5.483  2.954   1.00 16.10 ? 120  ILE A CG2 1 
ATOM   955  C CD1 . ILE A 1 120 ? -2.713  -3.433  1.733   1.00 17.89 ? 120  ILE A CD1 1 
ATOM   956  N N   . GLY A 1 121 ? -6.354  -5.540  6.046   1.00 14.51 ? 121  GLY A N   1 
ATOM   957  C CA  . GLY A 1 121 ? -6.530  -6.719  6.867   1.00 14.63 ? 121  GLY A CA  1 
ATOM   958  C C   . GLY A 1 121 ? -6.191  -7.954  6.079   1.00 15.92 ? 121  GLY A C   1 
ATOM   959  O O   . GLY A 1 121 ? -6.512  -8.059  4.874   1.00 15.01 ? 121  GLY A O   1 
ATOM   960  N N   . PHE A 1 122 ? -5.536  -8.907  6.729   1.00 14.52 ? 122  PHE A N   1 
ATOM   961  C CA  . PHE A 1 122 ? -5.315  -10.214 6.106   1.00 14.02 ? 122  PHE A CA  1 
ATOM   962  C C   . PHE A 1 122 ? -5.879  -11.267 7.016   1.00 15.63 ? 122  PHE A C   1 
ATOM   963  O O   . PHE A 1 122 ? -5.275  -11.579 8.050   1.00 15.28 ? 122  PHE A O   1 
ATOM   964  C CB  . PHE A 1 122 ? -3.816  -10.461 5.829   1.00 13.63 ? 122  PHE A CB  1 
ATOM   965  C CG  . PHE A 1 122 ? -3.252  -9.593  4.718   1.00 15.03 ? 122  PHE A CG  1 
ATOM   966  C CD1 . PHE A 1 122 ? -3.270  -10.038 3.393   1.00 15.92 ? 122  PHE A CD1 1 
ATOM   967  C CD2 . PHE A 1 122 ? -2.727  -8.336  5.002   1.00 13.59 ? 122  PHE A CD2 1 
ATOM   968  C CE1 . PHE A 1 122 ? -2.749  -9.225  2.363   1.00 16.66 ? 122  PHE A CE1 1 
ATOM   969  C CE2 . PHE A 1 122 ? -2.218  -7.528  3.988   1.00 17.50 ? 122  PHE A CE2 1 
ATOM   970  C CZ  . PHE A 1 122 ? -2.211  -7.979  2.682   1.00 15.17 ? 122  PHE A CZ  1 
ATOM   971  N N   . LYS A 1 123 ? -7.040  -11.811 6.644   1.00 14.73 ? 123  LYS A N   1 
ATOM   972  C CA  . LYS A 1 123 ? -7.674  -12.878 7.440   1.00 15.23 ? 123  LYS A CA  1 
ATOM   973  C C   . LYS A 1 123 ? -7.018  -14.222 7.206   1.00 15.58 ? 123  LYS A C   1 
ATOM   974  O O   . LYS A 1 123 ? -6.773  -14.629 6.055   1.00 16.10 ? 123  LYS A O   1 
ATOM   975  C CB  . LYS A 1 123 ? -9.166  -12.941 7.108   1.00 14.20 ? 123  LYS A CB  1 
ATOM   976  C CG  . LYS A 1 123 ? -9.947  -13.945 7.943   1.00 16.19 ? 123  LYS A CG  1 
ATOM   977  C CD  . LYS A 1 123 ? -11.413 -13.568 7.769   1.00 21.10 ? 123  LYS A CD  1 
ATOM   978  C CE  . LYS A 1 123 ? -12.344 -14.579 8.351   1.00 24.94 ? 123  LYS A CE  1 
ATOM   979  N NZ  . LYS A 1 123 ? -13.615 -14.615 7.534   1.00 28.93 ? 123  LYS A NZ  1 
ATOM   980  N N   . ILE A 1 124 ? -6.689  -14.920 8.304   1.00 15.82 ? 124  ILE A N   1 
ATOM   981  C CA  . ILE A 1 124 ? -5.928  -16.143 8.207   1.00 15.75 ? 124  ILE A CA  1 
ATOM   982  C C   . ILE A 1 124 ? -6.934  -17.250 7.884   1.00 16.55 ? 124  ILE A C   1 
ATOM   983  O O   . ILE A 1 124 ? -7.944  -17.369 8.566   1.00 17.42 ? 124  ILE A O   1 
ATOM   984  C CB  . ILE A 1 124 ? -5.167  -16.482 9.529   1.00 14.98 ? 124  ILE A CB  1 
ATOM   985  C CG1 . ILE A 1 124 ? -4.189  -15.335 9.878   1.00 14.58 ? 124  ILE A CG1 1 
ATOM   986  C CG2 . ILE A 1 124 ? -4.466  -17.865 9.384   1.00 15.65 ? 124  ILE A CG2 1 
ATOM   987  C CD1 . ILE A 1 124 ? -3.563  -15.446 11.268  1.00 17.42 ? 124  ILE A CD1 1 
ATOM   988  N N   . LEU A 1 125 ? -6.646  -17.994 6.805   1.00 16.72 ? 125  LEU A N   1 
ATOM   989  C CA  . LEU A 1 125 ? -7.500  -19.076 6.293   1.00 17.65 ? 125  LEU A CA  1 
ATOM   990  C C   . LEU A 1 125 ? -6.986  -20.478 6.555   1.00 18.42 ? 125  LEU A C   1 
ATOM   991  O O   . LEU A 1 125 ? -7.755  -21.425 6.478   1.00 18.00 ? 125  LEU A O   1 
ATOM   992  C CB  . LEU A 1 125 ? -7.672  -18.956 4.768   1.00 17.43 ? 125  LEU A CB  1 
ATOM   993  C CG  . LEU A 1 125 ? -8.150  -17.609 4.249   1.00 14.32 ? 125  LEU A CG  1 
ATOM   994  C CD1 . LEU A 1 125 ? -8.039  -17.588 2.700   1.00 17.74 ? 125  LEU A CD1 1 
ATOM   995  C CD2 . LEU A 1 125 ? -9.562  -17.306 4.698   1.00 15.58 ? 125  LEU A CD2 1 
ATOM   996  N N   . GLN A 1 126 ? -5.680  -20.609 6.770   1.00 20.41 ? 126  GLN A N   1 
ATOM   997  C CA  . GLN A 1 126 ? -5.048  -21.902 7.049   1.00 23.04 ? 126  GLN A CA  1 
ATOM   998  C C   . GLN A 1 126 ? -3.940  -21.663 8.020   1.00 23.77 ? 126  GLN A C   1 
ATOM   999  O O   . GLN A 1 126 ? -3.372  -20.585 8.054   1.00 24.09 ? 126  GLN A O   1 
ATOM   1000 C CB  . GLN A 1 126 ? -4.402  -22.525 5.789   1.00 22.97 ? 126  GLN A CB  1 
ATOM   1001 C CG  . GLN A 1 126 ? -5.336  -23.182 4.833   1.00 26.02 ? 126  GLN A CG  1 
ATOM   1002 C CD  . GLN A 1 126 ? -4.610  -23.732 3.599   1.00 25.13 ? 126  GLN A CD  1 
ATOM   1003 O OE1 . GLN A 1 126 ? -3.471  -23.409 3.348   1.00 28.90 ? 126  GLN A OE1 1 
ATOM   1004 N NE2 . GLN A 1 126 ? -5.284  -24.579 2.850   1.00 30.60 ? 126  GLN A NE2 1 
ATOM   1005 N N   . LYS A 1 127 ? -3.604  -22.698 8.789   1.00 26.69 ? 127  LYS A N   1 
ATOM   1006 C CA  . LYS A 1 127 ? -2.412  -22.671 9.635   1.00 28.91 ? 127  LYS A CA  1 
ATOM   1007 C C   . LYS A 1 127 ? -1.254  -23.126 8.751   1.00 29.66 ? 127  LYS A C   1 
ATOM   1008 O O   . LYS A 1 127 ? -1.034  -24.330 8.552   1.00 30.79 ? 127  LYS A O   1 
ATOM   1009 C CB  . LYS A 1 127 ? -2.603  -23.605 10.851  1.00 29.42 ? 127  LYS A CB  1 
ATOM   1010 C CG  . LYS A 1 127 ? -1.582  -23.388 11.969  1.00 31.00 ? 127  LYS A CG  1 
ATOM   1011 C CD  . LYS A 1 127 ? -1.828  -24.360 13.144  1.00 30.08 ? 127  LYS A CD  1 
ATOM   1012 N N   . LYS A 1 128 ? -0.524  -22.163 8.199   1.00 30.39 ? 128  LYS A N   1 
ATOM   1013 C CA  . LYS A 1 128 ? 0.521   -22.422 7.205   1.00 30.86 ? 128  LYS A CA  1 
ATOM   1014 C C   . LYS A 1 128 ? 1.423   -21.183 7.098   1.00 30.42 ? 128  LYS A C   1 
ATOM   1015 O O   . LYS A 1 128 ? 0.915   -20.061 6.956   1.00 30.31 ? 128  LYS A O   1 
ATOM   1016 C CB  . LYS A 1 128 ? -0.139  -22.691 5.856   1.00 31.34 ? 128  LYS A CB  1 
ATOM   1017 C CG  . LYS A 1 128 ? 0.785   -23.165 4.769   1.00 35.39 ? 128  LYS A CG  1 
ATOM   1018 C CD  . LYS A 1 128 ? -0.035  -23.602 3.551   1.00 38.58 ? 128  LYS A CD  1 
ATOM   1019 C CE  . LYS A 1 128 ? 0.838   -24.252 2.502   1.00 40.65 ? 128  LYS A CE  1 
ATOM   1020 N NZ  . LYS A 1 128 ? 1.859   -23.308 1.960   1.00 42.56 ? 128  LYS A NZ  1 
ATOM   1021 N N   . SER A 1 129 ? 2.745   -21.367 7.181   1.00 29.58 ? 129  SER A N   1 
ATOM   1022 C CA  A SER A 1 129 ? 3.691   -20.261 7.035   0.50 29.20 ? 129  SER A CA  1 
ATOM   1023 C CA  B SER A 1 129 ? 3.658   -20.239 7.046   0.50 29.06 ? 129  SER A CA  1 
ATOM   1024 C C   . SER A 1 129 ? 3.537   -19.615 5.659   1.00 28.75 ? 129  SER A C   1 
ATOM   1025 O O   . SER A 1 129 ? 3.489   -20.313 4.655   1.00 28.28 ? 129  SER A O   1 
ATOM   1026 C CB  A SER A 1 129 ? 5.129   -20.749 7.214   0.50 29.42 ? 129  SER A CB  1 
ATOM   1027 C CB  B SER A 1 129 ? 5.099   -20.645 7.343   0.50 29.28 ? 129  SER A CB  1 
ATOM   1028 O OG  A SER A 1 129 ? 6.034   -19.658 7.169   0.50 30.45 ? 129  SER A OG  1 
ATOM   1029 O OG  B SER A 1 129 ? 5.377   -20.446 8.717   0.50 29.33 ? 129  SER A OG  1 
ATOM   1030 N N   . THR A 1 130 ? 3.463   -18.286 5.618   1.00 27.82 ? 130  THR A N   1 
ATOM   1031 C CA  . THR A 1 130 ? 3.212   -17.611 4.345   1.00 26.60 ? 130  THR A CA  1 
ATOM   1032 C C   . THR A 1 130 ? 3.839   -16.212 4.334   1.00 26.22 ? 130  THR A C   1 
ATOM   1033 O O   . THR A 1 130 ? 4.233   -15.707 5.376   1.00 27.00 ? 130  THR A O   1 
ATOM   1034 C CB  . THR A 1 130 ? 1.693   -17.559 4.026   1.00 27.36 ? 130  THR A CB  1 
ATOM   1035 O OG1 . THR A 1 130 ? 1.511   -17.211 2.656   1.00 25.51 ? 130  THR A OG1 1 
ATOM   1036 C CG2 . THR A 1 130 ? 0.966   -16.550 4.924   1.00 27.55 ? 130  THR A CG2 1 
ATOM   1037 N N   . ALA A 1 131 ? 3.973   -15.603 3.159   1.00 23.94 ? 131  ALA A N   1 
ATOM   1038 C CA  . ALA A 1 131 ? 4.660   -14.303 3.065   1.00 23.34 ? 131  ALA A CA  1 
ATOM   1039 C C   . ALA A 1 131 ? 3.803   -13.326 2.276   1.00 21.80 ? 131  ALA A C   1 
ATOM   1040 O O   . ALA A 1 131 ? 3.132   -13.734 1.332   1.00 21.94 ? 131  ALA A O   1 
ATOM   1041 C CB  . ALA A 1 131 ? 6.019   -14.463 2.389   1.00 23.98 ? 131  ALA A CB  1 
ATOM   1042 N N   . VAL A 1 132 ? 3.806   -12.061 2.686   1.00 20.35 ? 132  VAL A N   1 
ATOM   1043 C CA  . VAL A 1 132 ? 3.114   -10.995 1.947   1.00 18.30 ? 132  VAL A CA  1 
ATOM   1044 C C   . VAL A 1 132 ? 4.232   -10.025 1.565   1.00 18.04 ? 132  VAL A C   1 
ATOM   1045 O O   . VAL A 1 132 ? 5.113   -9.719  2.398   1.00 17.71 ? 132  VAL A O   1 
ATOM   1046 C CB  . VAL A 1 132 ? 2.037   -10.263 2.810   1.00 17.61 ? 132  VAL A CB  1 
ATOM   1047 C CG1 . VAL A 1 132 ? 1.348   -9.146  2.024   1.00 18.40 ? 132  VAL A CG1 1 
ATOM   1048 C CG2 . VAL A 1 132 ? 0.975   -11.225 3.361   1.00 17.75 ? 132  VAL A CG2 1 
ATOM   1049 N N   . LYS A 1 133 ? 4.247   -9.557  0.319   1.00 16.88 ? 133  LYS A N   1 
ATOM   1050 C CA  . LYS A 1 133 ? 5.381   -8.764  -0.110  1.00 17.60 ? 133  LYS A CA  1 
ATOM   1051 C C   . LYS A 1 133 ? 5.042   -7.842  -1.276  1.00 16.22 ? 133  LYS A C   1 
ATOM   1052 O O   . LYS A 1 133 ? 4.144   -8.139  -2.052  1.00 16.49 ? 133  LYS A O   1 
ATOM   1053 C CB  . LYS A 1 133 ? 6.550   -9.694  -0.509  1.00 18.76 ? 133  LYS A CB  1 
ATOM   1054 C CG  . LYS A 1 133 ? 6.259   -10.604 -1.691  1.00 20.65 ? 133  LYS A CG  1 
ATOM   1055 C CD  . LYS A 1 133 ? 7.442   -11.563 -2.029  1.00 22.95 ? 133  LYS A CD  1 
ATOM   1056 C CE  . LYS A 1 133 ? 6.944   -12.720 -2.888  1.00 28.36 ? 133  LYS A CE  1 
ATOM   1057 N NZ  . LYS A 1 133 ? 7.960   -13.862 -3.011  1.00 30.51 ? 133  LYS A NZ  1 
ATOM   1058 N N   . PHE A 1 134 ? 5.763   -6.737  -1.375  1.00 14.53 ? 134  PHE A N   1 
ATOM   1059 C CA  . PHE A 1 134 ? 5.787   -5.946  -2.615  1.00 14.31 ? 134  PHE A CA  1 
ATOM   1060 C C   . PHE A 1 134 ? 6.497   -6.790  -3.680  1.00 14.92 ? 134  PHE A C   1 
ATOM   1061 O O   . PHE A 1 134 ? 7.518   -7.416  -3.395  1.00 15.93 ? 134  PHE A O   1 
ATOM   1062 C CB  . PHE A 1 134 ? 6.556   -4.668  -2.437  1.00 14.30 ? 134  PHE A CB  1 
ATOM   1063 C CG  . PHE A 1 134 ? 5.978   -3.712  -1.429  1.00 13.84 ? 134  PHE A CG  1 
ATOM   1064 C CD1 . PHE A 1 134 ? 4.822   -2.966  -1.700  1.00 13.85 ? 134  PHE A CD1 1 
ATOM   1065 C CD2 . PHE A 1 134 ? 6.661   -3.505  -0.222  1.00 14.69 ? 134  PHE A CD2 1 
ATOM   1066 C CE1 . PHE A 1 134 ? 4.347   -2.016  -0.764  1.00 16.43 ? 134  PHE A CE1 1 
ATOM   1067 C CE2 . PHE A 1 134 ? 6.181   -2.595  0.736   1.00 16.38 ? 134  PHE A CE2 1 
ATOM   1068 C CZ  . PHE A 1 134 ? 5.033   -1.844  0.475   1.00 14.48 ? 134  PHE A CZ  1 
ATOM   1069 N N   . GLN A 1 135 ? 5.962   -6.836  -4.898  1.00 13.98 ? 135  GLN A N   1 
ATOM   1070 C CA  . GLN A 1 135 ? 6.611   -7.648  -5.929  1.00 15.49 ? 135  GLN A CA  1 
ATOM   1071 C C   . GLN A 1 135 ? 6.437   -6.950  -7.275  1.00 15.69 ? 135  GLN A C   1 
ATOM   1072 O O   . GLN A 1 135 ? 5.352   -6.469  -7.585  1.00 16.06 ? 135  GLN A O   1 
ATOM   1073 C CB  . GLN A 1 135 ? 5.977   -9.040  -5.974  1.00 15.75 ? 135  GLN A CB  1 
ATOM   1074 C CG  . GLN A 1 135 ? 6.720   -10.020 -6.923  1.00 18.01 ? 135  GLN A CG  1 
ATOM   1075 C CD  . GLN A 1 135 ? 6.103   -11.370 -6.909  1.00 21.56 ? 135  GLN A CD  1 
ATOM   1076 O OE1 . GLN A 1 135 ? 5.024   -11.588 -7.466  1.00 20.49 ? 135  GLN A OE1 1 
ATOM   1077 N NE2 . GLN A 1 135 ? 6.779   -12.298 -6.265  1.00 22.64 ? 135  GLN A NE2 1 
ATOM   1078 N N   . ASP A 1 136 ? 7.499   -6.926  -8.086  1.00 16.64 ? 136  ASP A N   1 
ATOM   1079 C CA  . ASP A 1 136 ? 7.397   -6.403  -9.448  1.00 16.74 ? 136  ASP A CA  1 
ATOM   1080 C C   . ASP A 1 136 ? 6.334   -7.134  -10.264 1.00 17.02 ? 136  ASP A C   1 
ATOM   1081 O O   . ASP A 1 136 ? 6.044   -8.313  -10.046 1.00 16.68 ? 136  ASP A O   1 
ATOM   1082 C CB  . ASP A 1 136 ? 8.751   -6.519  -10.182 1.00 18.47 ? 136  ASP A CB  1 
ATOM   1083 C CG  . ASP A 1 136 ? 9.740   -5.443  -9.785  1.00 20.86 ? 136  ASP A CG  1 
ATOM   1084 O OD1 . ASP A 1 136 ? 9.368   -4.256  -9.639  1.00 18.07 ? 136  ASP A OD1 1 
ATOM   1085 O OD2 . ASP A 1 136 ? 10.937  -5.786  -9.638  1.00 22.57 ? 136  ASP A OD2 1 
ATOM   1086 N N   . THR A 1 137 ? 5.781   -6.437  -11.226 1.00 17.37 ? 137  THR A N   1 
ATOM   1087 C CA  . THR A 1 137 ? 4.821   -7.016  -12.126 1.00 17.32 ? 137  THR A CA  1 
ATOM   1088 C C   . THR A 1 137 ? 5.028   -6.400  -13.513 1.00 17.85 ? 137  THR A C   1 
ATOM   1089 O O   . THR A 1 137 ? 5.457   -5.249  -13.620 1.00 17.20 ? 137  THR A O   1 
ATOM   1090 C CB  . THR A 1 137 ? 3.410   -6.797  -11.592 1.00 18.06 ? 137  THR A CB  1 
ATOM   1091 O OG1 . THR A 1 137 ? 2.466   -7.212  -12.574 1.00 20.74 ? 137  THR A OG1 1 
ATOM   1092 C CG2 . THR A 1 137 ? 3.146   -5.332  -11.266 1.00 17.62 ? 137  THR A CG2 1 
ATOM   1093 N N   . LEU A 1 138 ? 4.774   -7.175  -14.571 1.00 16.91 ? 138  LEU A N   1 
ATOM   1094 C CA  . LEU A 1 138 ? 4.988   -6.656  -15.937 1.00 16.58 ? 138  LEU A CA  1 
ATOM   1095 C C   . LEU A 1 138 ? 4.099   -5.461  -16.279 1.00 16.95 ? 138  LEU A C   1 
ATOM   1096 O O   . LEU A 1 138 ? 4.409   -4.680  -17.176 1.00 17.20 ? 138  LEU A O   1 
ATOM   1097 C CB  . LEU A 1 138 ? 4.785   -7.764  -16.976 1.00 16.15 ? 138  LEU A CB  1 
ATOM   1098 C CG  . LEU A 1 138 ? 5.802   -8.893  -16.978 1.00 17.31 ? 138  LEU A CG  1 
ATOM   1099 C CD1 . LEU A 1 138 ? 5.392   -9.985  -17.989 1.00 12.95 ? 138  LEU A CD1 1 
ATOM   1100 C CD2 . LEU A 1 138 ? 7.195   -8.302  -17.309 1.00 18.08 ? 138  LEU A CD2 1 
ATOM   1101 N N   . SER A 1 139 ? 2.996   -5.285  -15.553 1.00 17.27 ? 139  SER A N   1 
ATOM   1102 C CA  . SER A 1 139 ? 2.160   -4.089  -15.792 1.00 18.27 ? 139  SER A CA  1 
ATOM   1103 C C   . SER A 1 139 ? 2.772   -2.803  -15.166 1.00 18.59 ? 139  SER A C   1 
ATOM   1104 O O   . SER A 1 139 ? 2.233   -1.691  -15.363 1.00 17.63 ? 139  SER A O   1 
ATOM   1105 C CB  . SER A 1 139 ? 0.754   -4.299  -15.233 1.00 18.69 ? 139  SER A CB  1 
ATOM   1106 O OG  . SER A 1 139 ? 0.868   -4.419  -13.825 1.00 19.50 ? 139  SER A OG  1 
ATOM   1107 N N   . MET A 1 140 ? 3.869   -2.950  -14.416 1.00 17.57 ? 140  MET A N   1 
ATOM   1108 C CA  . MET A 1 140 ? 4.562   -1.790  -13.812 1.00 17.27 ? 140  MET A CA  1 
ATOM   1109 C C   . MET A 1 140 ? 6.055   -1.758  -14.166 1.00 16.40 ? 140  MET A C   1 
ATOM   1110 O O   . MET A 1 140 ? 6.921   -1.948  -13.314 1.00 16.20 ? 140  MET A O   1 
ATOM   1111 C CB  . MET A 1 140 ? 4.433   -1.757  -12.276 1.00 17.25 ? 140  MET A CB  1 
ATOM   1112 C CG  . MET A 1 140 ? 2.994   -1.679  -11.758 1.00 19.49 ? 140  MET A CG  1 
ATOM   1113 S SD  . MET A 1 140 ? 2.997   -1.686  -9.934  1.00 21.51 ? 140  MET A SD  1 
ATOM   1114 C CE  . MET A 1 140 ? 4.197   -0.432  -9.581  1.00 16.24 ? 140  MET A CE  1 
ATOM   1115 N N   . PRO A 1 141 ? 6.359   -1.487  -15.425 1.00 16.67 ? 141  PRO A N   1 
ATOM   1116 C CA  . PRO A 1 141 ? 7.785   -1.379  -15.803 1.00 17.04 ? 141  PRO A CA  1 
ATOM   1117 C C   . PRO A 1 141 ? 8.403   -0.158  -15.105 1.00 17.35 ? 141  PRO A C   1 
ATOM   1118 O O   . PRO A 1 141 ? 7.718   0.881   -14.889 1.00 16.46 ? 141  PRO A O   1 
ATOM   1119 C CB  . PRO A 1 141 ? 7.710   -1.147  -17.321 1.00 16.90 ? 141  PRO A CB  1 
ATOM   1120 C CG  . PRO A 1 141 ? 6.322   -0.538  -17.568 1.00 17.70 ? 141  PRO A CG  1 
ATOM   1121 C CD  . PRO A 1 141 ? 5.449   -1.228  -16.549 1.00 17.18 ? 141  PRO A CD  1 
ATOM   1122 N N   . GLY A 1 142 ? 9.670   -0.278  -14.740 1.00 16.99 ? 142  GLY A N   1 
ATOM   1123 C CA  . GLY A 1 142 ? 10.356  0.833   -14.098 1.00 18.75 ? 142  GLY A CA  1 
ATOM   1124 C C   . GLY A 1 142 ? 10.039  0.951   -12.615 1.00 19.34 ? 142  GLY A C   1 
ATOM   1125 O O   . GLY A 1 142 ? 10.196  2.035   -12.061 1.00 22.28 ? 142  GLY A O   1 
ATOM   1126 N N   . ALA A 1 143 ? 9.547   -0.114  -11.984 1.00 18.32 ? 143  ALA A N   1 
ATOM   1127 C CA  . ALA A 1 143 ? 9.186   -0.066  -10.561 1.00 18.26 ? 143  ALA A CA  1 
ATOM   1128 C C   . ALA A 1 143 ? 10.356  -0.522  -9.728  1.00 18.89 ? 143  ALA A C   1 
ATOM   1129 O O   . ALA A 1 143 ? 11.299  -1.126  -10.253 1.00 20.26 ? 143  ALA A O   1 
ATOM   1130 C CB  . ALA A 1 143 ? 7.968   -0.919  -10.276 1.00 18.44 ? 143  ALA A CB  1 
ATOM   1131 N N   . ILE A 1 144 ? 10.337  -0.184  -8.451  1.00 16.92 ? 144  ILE A N   1 
ATOM   1132 C CA  . ILE A 1 144 ? 11.312  -0.691  -7.509  1.00 16.66 ? 144  ILE A CA  1 
ATOM   1133 C C   . ILE A 1 144 ? 10.615  -1.680  -6.613  1.00 16.37 ? 144  ILE A C   1 
ATOM   1134 O O   . ILE A 1 144 ? 9.832   -1.289  -5.729  1.00 16.40 ? 144  ILE A O   1 
ATOM   1135 C CB  . ILE A 1 144 ? 11.930  0.436   -6.670  1.00 17.16 ? 144  ILE A CB  1 
ATOM   1136 C CG1 . ILE A 1 144 ? 12.559  1.487   -7.592  1.00 16.60 ? 144  ILE A CG1 1 
ATOM   1137 C CG2 . ILE A 1 144 ? 12.907  -0.162  -5.628  1.00 17.83 ? 144  ILE A CG2 1 
ATOM   1138 C CD1 . ILE A 1 144 ? 12.953  2.777   -6.849  1.00 19.40 ? 144  ILE A CD1 1 
ATOM   1139 N N   . SER A 1 145 ? 10.872  -2.961  -6.894  1.00 16.93 ? 145  SER A N   1 
ATOM   1140 C CA  A SER A 1 145 ? 10.245  -4.079  -6.183  0.50 16.69 ? 145  SER A CA  1 
ATOM   1141 C CA  B SER A 1 145 ? 10.251  -4.071  -6.175  0.50 17.26 ? 145  SER A CA  1 
ATOM   1142 C C   . SER A 1 145 ? 8.736   -3.873  -6.057  1.00 16.92 ? 145  SER A C   1 
ATOM   1143 O O   . SER A 1 145 ? 8.168   -4.005  -4.971  1.00 17.66 ? 145  SER A O   1 
ATOM   1144 C CB  A SER A 1 145 ? 10.885  -4.263  -4.802  0.50 17.57 ? 145  SER A CB  1 
ATOM   1145 C CB  B SER A 1 145 ? 10.881  -4.218  -4.787  0.50 18.17 ? 145  SER A CB  1 
ATOM   1146 O OG  A SER A 1 145 ? 12.245  -4.637  -4.931  0.50 15.71 ? 145  SER A OG  1 
ATOM   1147 O OG  B SER A 1 145 ? 10.433  -5.403  -4.162  0.50 19.84 ? 145  SER A OG  1 
ATOM   1148 N N   . GLY A 1 146 ? 8.096   -3.561  -7.182  1.00 15.89 ? 146  GLY A N   1 
ATOM   1149 C CA  . GLY A 1 146 ? 6.646   -3.442  -7.208  1.00 15.53 ? 146  GLY A CA  1 
ATOM   1150 C C   . GLY A 1 146 ? 6.111   -2.143  -6.638  1.00 14.91 ? 146  GLY A C   1 
ATOM   1151 O O   . GLY A 1 146 ? 4.919   -2.052  -6.354  1.00 14.54 ? 146  GLY A O   1 
ATOM   1152 N N   . THR A 1 147 ? 6.973   -1.136  -6.514  1.00 12.88 ? 147  THR A N   1 
ATOM   1153 C CA  . THR A 1 147 ? 6.529   0.176   -5.989  1.00 13.61 ? 147  THR A CA  1 
ATOM   1154 C C   . THR A 1 147 ? 6.935   1.286   -6.953  1.00 15.00 ? 147  THR A C   1 
ATOM   1155 O O   . THR A 1 147 ? 8.016   1.222   -7.561  1.00 14.07 ? 147  THR A O   1 
ATOM   1156 C CB  . THR A 1 147 ? 7.095   0.484   -4.561  1.00 13.37 ? 147  THR A CB  1 
ATOM   1157 O OG1 . THR A 1 147 ? 8.508   0.779   -4.636  1.00 15.30 ? 147  THR A OG1 1 
ATOM   1158 C CG2 . THR A 1 147 ? 6.866   -0.683  -3.595  1.00 14.21 ? 147  THR A CG2 1 
ATOM   1159 N N   . GLN A 1 148 ? 6.065   2.282   -7.128  1.00 15.23 ? 148  GLN A N   1 
ATOM   1160 C CA  . GLN A 1 148 ? 6.468   3.506   -7.792  1.00 17.33 ? 148  GLN A CA  1 
ATOM   1161 C C   . GLN A 1 148 ? 5.965   4.663   -6.973  1.00 17.43 ? 148  GLN A C   1 
ATOM   1162 O O   . GLN A 1 148 ? 4.783   4.677   -6.610  1.00 17.68 ? 148  GLN A O   1 
ATOM   1163 C CB  . GLN A 1 148 ? 5.871   3.635   -9.187  1.00 18.01 ? 148  GLN A CB  1 
ATOM   1164 C CG  . GLN A 1 148 ? 6.420   2.663   -10.169 1.00 24.00 ? 148  GLN A CG  1 
ATOM   1165 C CD  . GLN A 1 148 ? 5.835   2.903   -11.528 1.00 31.74 ? 148  GLN A CD  1 
ATOM   1166 O OE1 . GLN A 1 148 ? 4.620   2.788   -11.717 1.00 31.06 ? 148  GLN A OE1 1 
ATOM   1167 N NE2 . GLN A 1 148 ? 6.689   3.258   -12.480 1.00 34.57 ? 148  GLN A NE2 1 
ATOM   1168 N N   . LEU A 1 149 ? 6.861   5.610   -6.676  1.00 16.66 ? 149  LEU A N   1 
ATOM   1169 C CA  . LEU A 1 149 ? 6.497   6.841   -5.947  1.00 15.51 ? 149  LEU A CA  1 
ATOM   1170 C C   . LEU A 1 149 ? 6.733   8.012   -6.861  1.00 16.11 ? 149  LEU A C   1 
ATOM   1171 O O   . LEU A 1 149 ? 7.698   8.021   -7.681  1.00 16.03 ? 149  LEU A O   1 
ATOM   1172 C CB  . LEU A 1 149 ? 7.291   6.990   -4.637  1.00 16.30 ? 149  LEU A CB  1 
ATOM   1173 C CG  . LEU A 1 149 ? 7.395   5.743   -3.749  1.00 14.20 ? 149  LEU A CG  1 
ATOM   1174 C CD1 . LEU A 1 149 ? 8.204   6.038   -2.482  1.00 17.86 ? 149  LEU A CD1 1 
ATOM   1175 C CD2 . LEU A 1 149 ? 6.002   5.202   -3.426  1.00 18.32 ? 149  LEU A CD2 1 
ATOM   1176 N N   . PHE A 1 150 ? 5.827   8.997   -6.773  1.00 15.47 ? 150  PHE A N   1 
ATOM   1177 C CA  . PHE A 1 150 ? 5.850   10.153  -7.669  1.00 15.65 ? 150  PHE A CA  1 
ATOM   1178 C C   . PHE A 1 150 ? 5.978   11.425  -6.861  1.00 16.38 ? 150  PHE A C   1 
ATOM   1179 O O   . PHE A 1 150 ? 5.527   11.480  -5.704  1.00 15.59 ? 150  PHE A O   1 
ATOM   1180 C CB  . PHE A 1 150 ? 4.571   10.205  -8.496  1.00 15.67 ? 150  PHE A CB  1 
ATOM   1181 C CG  . PHE A 1 150 ? 4.296   8.920   -9.228  1.00 16.40 ? 150  PHE A CG  1 
ATOM   1182 C CD1 . PHE A 1 150 ? 4.982   8.620   -10.389 1.00 15.04 ? 150  PHE A CD1 1 
ATOM   1183 C CD2 . PHE A 1 150 ? 3.365   8.013   -8.728  1.00 16.47 ? 150  PHE A CD2 1 
ATOM   1184 C CE1 . PHE A 1 150 ? 4.755   7.401   -11.068 1.00 17.44 ? 150  PHE A CE1 1 
ATOM   1185 C CE2 . PHE A 1 150 ? 3.139   6.771   -9.390  1.00 15.92 ? 150  PHE A CE2 1 
ATOM   1186 C CZ  . PHE A 1 150 ? 3.837   6.489   -10.557 1.00 16.47 ? 150  PHE A CZ  1 
ATOM   1187 N N   . ASP A 1 151 ? 6.609   12.427  -7.458  1.00 17.22 ? 151  ASP A N   1 
ATOM   1188 C CA  . ASP A 1 151 ? 6.717   13.721  -6.769  1.00 19.03 ? 151  ASP A CA  1 
ATOM   1189 C C   . ASP A 1 151 ? 5.820   14.804  -7.368  1.00 18.97 ? 151  ASP A C   1 
ATOM   1190 O O   . ASP A 1 151 ? 5.146   14.588  -8.374  1.00 18.75 ? 151  ASP A O   1 
ATOM   1191 C CB  . ASP A 1 151 ? 8.202   14.174  -6.670  1.00 17.74 ? 151  ASP A CB  1 
ATOM   1192 C CG  . ASP A 1 151 ? 8.805   14.572  -7.989  1.00 20.48 ? 151  ASP A CG  1 
ATOM   1193 O OD1 . ASP A 1 151 ? 8.085   14.873  -8.976  1.00 18.66 ? 151  ASP A OD1 1 
ATOM   1194 O OD2 . ASP A 1 151 ? 10.067  14.615  -8.043  1.00 21.93 ? 151  ASP A OD2 1 
ATOM   1195 N N   . TRP A 1 152 ? 5.860   16.015  -6.785  1.00 20.43 ? 152  TRP A N   1 
ATOM   1196 C CA  . TRP A 1 152 ? 4.964   17.077  -7.201  1.00 20.30 ? 152  TRP A CA  1 
ATOM   1197 C C   . TRP A 1 152 ? 5.346   17.779  -8.514  1.00 21.22 ? 152  TRP A C   1 
ATOM   1198 O O   . TRP A 1 152 ? 4.686   18.738  -8.956  1.00 20.12 ? 152  TRP A O   1 
ATOM   1199 C CB  . TRP A 1 152 ? 4.678   18.051  -6.055  1.00 21.40 ? 152  TRP A CB  1 
ATOM   1200 C CG  . TRP A 1 152 ? 5.877   18.822  -5.551  1.00 22.27 ? 152  TRP A CG  1 
ATOM   1201 C CD1 . TRP A 1 152 ? 7.032   19.080  -6.199  1.00 24.33 ? 152  TRP A CD1 1 
ATOM   1202 C CD2 . TRP A 1 152 ? 5.952   19.492  -4.294  1.00 22.50 ? 152  TRP A CD2 1 
ATOM   1203 N NE1 . TRP A 1 152 ? 7.862   19.870  -5.406  1.00 23.59 ? 152  TRP A NE1 1 
ATOM   1204 C CE2 . TRP A 1 152 ? 7.208   20.123  -4.227  1.00 22.80 ? 152  TRP A CE2 1 
ATOM   1205 C CE3 . TRP A 1 152 ? 5.067   19.612  -3.209  1.00 23.75 ? 152  TRP A CE3 1 
ATOM   1206 C CZ2 . TRP A 1 152 ? 7.606   20.865  -3.106  1.00 25.42 ? 152  TRP A CZ2 1 
ATOM   1207 C CZ3 . TRP A 1 152 ? 5.465   20.356  -2.089  1.00 25.89 ? 152  TRP A CZ3 1 
ATOM   1208 C CH2 . TRP A 1 152 ? 6.730   20.956  -2.050  1.00 23.63 ? 152  TRP A CH2 1 
ATOM   1209 N N   . ASP A 1 153 ? 6.408   17.274  -9.138  1.00 21.27 ? 153  ASP A N   1 
ATOM   1210 C CA  . ASP A 1 153 ? 6.745   17.620  -10.505 1.00 22.59 ? 153  ASP A CA  1 
ATOM   1211 C C   . ASP A 1 153 ? 6.243   16.526  -11.454 1.00 22.51 ? 153  ASP A C   1 
ATOM   1212 O O   . ASP A 1 153 ? 6.445   16.610  -12.668 1.00 22.67 ? 153  ASP A O   1 
ATOM   1213 C CB  . ASP A 1 153 ? 8.262   17.800  -10.661 1.00 23.96 ? 153  ASP A CB  1 
ATOM   1214 C CG  . ASP A 1 153 ? 8.790   19.006  -9.894  1.00 26.46 ? 153  ASP A CG  1 
ATOM   1215 O OD1 . ASP A 1 153 ? 8.243   20.106  -10.038 1.00 30.09 ? 153  ASP A OD1 1 
ATOM   1216 O OD2 . ASP A 1 153 ? 9.761   18.838  -9.154  1.00 31.93 ? 153  ASP A OD2 1 
ATOM   1217 N N   . GLY A 1 154 ? 5.579   15.515  -10.909 1.00 21.41 ? 154  GLY A N   1 
ATOM   1218 C CA  . GLY A 1 154 ? 4.974   14.468  -11.754 1.00 21.15 ? 154  GLY A CA  1 
ATOM   1219 C C   . GLY A 1 154 ? 6.032   13.473  -12.222 1.00 20.82 ? 154  GLY A C   1 
ATOM   1220 O O   . GLY A 1 154 ? 5.844   12.777  -13.215 1.00 21.32 ? 154  GLY A O   1 
ATOM   1221 N N   . GLU A 1 155 ? 7.152   13.426  -11.507 1.00 19.70 ? 155  GLU A N   1 
ATOM   1222 C CA  . GLU A 1 155 ? 8.258   12.537  -11.874 1.00 21.19 ? 155  GLU A CA  1 
ATOM   1223 C C   . GLU A 1 155 ? 8.399   11.354  -10.932 1.00 20.07 ? 155  GLU A C   1 
ATOM   1224 O O   . GLU A 1 155 ? 7.991   11.418  -9.781  1.00 19.26 ? 155  GLU A O   1 
ATOM   1225 C CB  . GLU A 1 155 ? 9.568   13.340  -11.944 1.00 21.63 ? 155  GLU A CB  1 
ATOM   1226 C CG  . GLU A 1 155 ? 9.489   14.335  -13.101 1.00 24.73 ? 155  GLU A CG  1 
ATOM   1227 C CD  . GLU A 1 155 ? 10.772  15.014  -13.384 1.00 29.99 ? 155  GLU A CD  1 
ATOM   1228 O OE1 . GLU A 1 155 ? 11.576  15.158  -12.439 1.00 33.95 ? 155  GLU A OE1 1 
ATOM   1229 O OE2 . GLU A 1 155 ? 10.962  15.417  -14.555 1.00 31.96 ? 155  GLU A OE2 1 
ATOM   1230 N N   . VAL A 1 156 ? 8.966   10.262  -11.450 1.00 20.32 ? 156  VAL A N   1 
ATOM   1231 C CA  . VAL A 1 156 ? 9.169   9.048   -10.678 1.00 19.48 ? 156  VAL A CA  1 
ATOM   1232 C C   . VAL A 1 156 ? 10.352  9.269   -9.715  1.00 19.94 ? 156  VAL A C   1 
ATOM   1233 O O   . VAL A 1 156 ? 11.414  9.770   -10.127 1.00 20.30 ? 156  VAL A O   1 
ATOM   1234 C CB  . VAL A 1 156 ? 9.404   7.824   -11.627 1.00 20.01 ? 156  VAL A CB  1 
ATOM   1235 C CG1 . VAL A 1 156 ? 9.776   6.585   -10.837 1.00 20.47 ? 156  VAL A CG1 1 
ATOM   1236 C CG2 . VAL A 1 156 ? 8.140   7.551   -12.475 1.00 19.58 ? 156  VAL A CG2 1 
ATOM   1237 N N   . ILE A 1 157 ? 10.143  8.936   -8.449  1.00 18.79 ? 157  ILE A N   1 
ATOM   1238 C CA  . ILE A 1 157 ? 11.147  9.027   -7.395  1.00 19.27 ? 157  ILE A CA  1 
ATOM   1239 C C   . ILE A 1 157 ? 11.994  7.733   -7.302  1.00 20.24 ? 157  ILE A C   1 
ATOM   1240 O O   . ILE A 1 157 ? 11.485  6.605   -7.374  1.00 19.58 ? 157  ILE A O   1 
ATOM   1241 C CB  . ILE A 1 157 ? 10.484  9.390   -6.027  1.00 19.19 ? 157  ILE A CB  1 
ATOM   1242 C CG1 . ILE A 1 157 ? 9.804   10.764  -6.121  1.00 17.76 ? 157  ILE A CG1 1 
ATOM   1243 C CG2 . ILE A 1 157 ? 11.493  9.353   -4.837  1.00 19.65 ? 157  ILE A CG2 1 
ATOM   1244 C CD1 . ILE A 1 157 ? 8.877   11.042  -4.947  1.00 15.60 ? 157  ILE A CD1 1 
ATOM   1245 N N   . THR A 1 158 ? 13.311  7.889   -7.149  1.00 20.21 ? 158  THR A N   1 
ATOM   1246 C CA  . THR A 1 158 ? 14.154  6.710   -6.927  1.00 21.49 ? 158  THR A CA  1 
ATOM   1247 C C   . THR A 1 158 ? 14.975  6.851   -5.644  1.00 21.39 ? 158  THR A C   1 
ATOM   1248 O O   . THR A 1 158 ? 14.862  7.858   -4.952  1.00 21.06 ? 158  THR A O   1 
ATOM   1249 C CB  . THR A 1 158 ? 15.124  6.456   -8.100  1.00 22.17 ? 158  THR A CB  1 
ATOM   1250 O OG1 . THR A 1 158 ? 15.994  7.581   -8.216  1.00 24.60 ? 158  THR A OG1 1 
ATOM   1251 C CG2 . THR A 1 158 ? 14.359  6.227   -9.417  1.00 23.59 ? 158  THR A CG2 1 
ATOM   1252 N N   . GLY A 1 159 ? 15.771  5.837   -5.323  1.00 21.49 ? 159  GLY A N   1 
ATOM   1253 C CA  . GLY A 1 159 ? 16.709  5.916   -4.179  1.00 22.61 ? 159  GLY A CA  1 
ATOM   1254 C C   . GLY A 1 159 ? 16.203  5.518   -2.793  1.00 23.95 ? 159  GLY A C   1 
ATOM   1255 O O   . GLY A 1 159 ? 16.945  5.608   -1.799  1.00 25.41 ? 159  GLY A O   1 
ATOM   1256 N N   . TYR A 1 160 ? 14.947  5.068   -2.693  1.00 21.70 ? 160  TYR A N   1 
ATOM   1257 C CA  . TYR A 1 160 ? 14.391  4.719   -1.410  1.00 20.75 ? 160  TYR A CA  1 
ATOM   1258 C C   . TYR A 1 160 ? 14.447  3.211   -1.221  1.00 20.69 ? 160  TYR A C   1 
ATOM   1259 O O   . TYR A 1 160 ? 14.546  2.442   -2.196  1.00 21.15 ? 160  TYR A O   1 
ATOM   1260 C CB  . TYR A 1 160 ? 12.945  5.270   -1.269  1.00 20.19 ? 160  TYR A CB  1 
ATOM   1261 C CG  . TYR A 1 160 ? 12.043  4.749   -2.362  1.00 18.76 ? 160  TYR A CG  1 
ATOM   1262 C CD1 . TYR A 1 160 ? 11.380  3.521   -2.200  1.00 20.05 ? 160  TYR A CD1 1 
ATOM   1263 C CD2 . TYR A 1 160 ? 11.884  5.441   -3.558  1.00 20.01 ? 160  TYR A CD2 1 
ATOM   1264 C CE1 . TYR A 1 160 ? 10.590  2.992   -3.211  1.00 18.43 ? 160  TYR A CE1 1 
ATOM   1265 C CE2 . TYR A 1 160 ? 11.040  4.917   -4.598  1.00 17.74 ? 160  TYR A CE2 1 
ATOM   1266 C CZ  . TYR A 1 160 ? 10.410  3.692   -4.386  1.00 18.77 ? 160  TYR A CZ  1 
ATOM   1267 O OH  . TYR A 1 160 ? 9.588   3.155   -5.355  1.00 17.31 ? 160  TYR A OH  1 
ATOM   1268 N N   . GLU A 1 161 ? 14.423  2.776   0.031   1.00 20.71 ? 161  GLU A N   1 
ATOM   1269 C CA  A GLU A 1 161 ? 14.416  1.356   0.347   0.50 20.72 ? 161  GLU A CA  1 
ATOM   1270 C CA  B GLU A 1 161 ? 14.420  1.344   0.294   0.50 21.53 ? 161  GLU A CA  1 
ATOM   1271 C C   . GLU A 1 161 ? 12.997  0.784   0.353   1.00 20.71 ? 161  GLU A C   1 
ATOM   1272 O O   . GLU A 1 161 ? 12.058  1.437   0.851   1.00 20.21 ? 161  GLU A O   1 
ATOM   1273 C CB  A GLU A 1 161 ? 15.066  1.124   1.700   0.50 21.56 ? 161  GLU A CB  1 
ATOM   1274 C CB  B GLU A 1 161 ? 15.236  0.988   1.541   0.50 22.11 ? 161  GLU A CB  1 
ATOM   1275 C CG  A GLU A 1 161 ? 15.186  -0.341  2.063   0.50 22.19 ? 161  GLU A CG  1 
ATOM   1276 C CG  B GLU A 1 161 ? 14.614  1.389   2.846   0.50 24.15 ? 161  GLU A CG  1 
ATOM   1277 C CD  A GLU A 1 161 ? 16.045  -0.557  3.279   0.50 25.76 ? 161  GLU A CD  1 
ATOM   1278 C CD  B GLU A 1 161 ? 15.483  1.055   4.042   0.50 23.98 ? 161  GLU A CD  1 
ATOM   1279 O OE1 A GLU A 1 161 ? 16.713  0.413   3.705   0.50 28.02 ? 161  GLU A OE1 1 
ATOM   1280 O OE1 B GLU A 1 161 ? 15.685  -0.152  4.313   0.50 26.64 ? 161  GLU A OE1 1 
ATOM   1281 O OE2 A GLU A 1 161 ? 16.056  -1.694  3.802   0.50 26.53 ? 161  GLU A OE2 1 
ATOM   1282 O OE2 B GLU A 1 161 ? 15.943  2.006   4.712   0.50 25.88 ? 161  GLU A OE2 1 
ATOM   1283 N N   . VAL A 1 162 ? 12.840  -0.414  -0.194  1.00 19.84 ? 162  VAL A N   1 
ATOM   1284 C CA  . VAL A 1 162 ? 11.552  -1.131  -0.050  1.00 19.41 ? 162  VAL A CA  1 
ATOM   1285 C C   . VAL A 1 162 ? 11.718  -2.113  1.104   1.00 20.12 ? 162  VAL A C   1 
ATOM   1286 O O   . VAL A 1 162 ? 12.530  -3.074  1.022   1.00 20.40 ? 162  VAL A O   1 
ATOM   1287 C CB  . VAL A 1 162 ? 11.122  -1.820  -1.354  1.00 18.49 ? 162  VAL A CB  1 
ATOM   1288 C CG1 . VAL A 1 162 ? 9.882   -2.697  -1.131  1.00 17.11 ? 162  VAL A CG1 1 
ATOM   1289 C CG2 . VAL A 1 162 ? 10.854  -0.772  -2.440  1.00 16.55 ? 162  VAL A CG2 1 
ATOM   1290 N N   . ILE A 1 163 ? 10.988  -1.856  2.192   1.00 19.46 ? 163  ILE A N   1 
ATOM   1291 C CA  . ILE A 1 163 ? 11.061  -2.692  3.409   1.00 19.96 ? 163  ILE A CA  1 
ATOM   1292 C C   . ILE A 1 163 ? 9.888   -3.677  3.456   1.00 21.18 ? 163  ILE A C   1 
ATOM   1293 O O   . ILE A 1 163 ? 8.717   -3.272  3.572   1.00 20.92 ? 163  ILE A O   1 
ATOM   1294 C CB  . ILE A 1 163 ? 11.147  -1.827  4.705   1.00 19.83 ? 163  ILE A CB  1 
ATOM   1295 C CG1 . ILE A 1 163 ? 12.354  -0.870  4.652   1.00 19.81 ? 163  ILE A CG1 1 
ATOM   1296 C CG2 . ILE A 1 163 ? 11.159  -2.702  5.986   1.00 21.55 ? 163  ILE A CG2 1 
ATOM   1297 C CD1 . ILE A 1 163 ? 12.222  0.256   5.613   1.00 21.47 ? 163  ILE A CD1 1 
ATOM   1298 N N   . GLN A 1 164 ? 10.221  -4.965  3.337   1.00 21.68 ? 164  GLN A N   1 
ATOM   1299 C CA  . GLN A 1 164 ? 9.264   -6.058  3.357   1.00 23.11 ? 164  GLN A CA  1 
ATOM   1300 C C   . GLN A 1 164 ? 9.008   -6.520  4.778   1.00 24.46 ? 164  GLN A C   1 
ATOM   1301 O O   . GLN A 1 164 ? 9.885   -6.363  5.645   1.00 24.19 ? 164  GLN A O   1 
ATOM   1302 C CB  . GLN A 1 164 ? 9.806   -7.253  2.548   1.00 23.30 ? 164  GLN A CB  1 
ATOM   1303 C CG  . GLN A 1 164 ? 10.254  -6.864  1.143   1.00 22.05 ? 164  GLN A CG  1 
ATOM   1304 C CD  . GLN A 1 164 ? 9.096   -6.838  0.165   1.00 19.83 ? 164  GLN A CD  1 
ATOM   1305 O OE1 . GLN A 1 164 ? 7.928   -6.705  0.562   1.00 19.56 ? 164  GLN A OE1 1 
ATOM   1306 N NE2 . GLN A 1 164 ? 9.407   -6.957  -1.109  1.00 19.77 ? 164  GLN A NE2 1 
ATOM   1307 N N   . PRO A 1 165 ? 7.832   -7.121  5.022   1.00 25.80 ? 165  PRO A N   1 
ATOM   1308 C CA  . PRO A 1 165 ? 7.540   -7.617  6.368   1.00 28.15 ? 165  PRO A CA  1 
ATOM   1309 C C   . PRO A 1 165 ? 8.438   -8.783  6.731   1.00 31.71 ? 165  PRO A C   1 
ATOM   1310 O O   . PRO A 1 165 ? 8.851   -9.556  5.863   1.00 32.20 ? 165  PRO A O   1 
ATOM   1311 C CB  . PRO A 1 165 ? 6.079   -8.092  6.294   1.00 28.72 ? 165  PRO A CB  1 
ATOM   1312 C CG  . PRO A 1 165 ? 5.595   -7.770  4.929   1.00 25.85 ? 165  PRO A CG  1 
ATOM   1313 C CD  . PRO A 1 165 ? 6.728   -7.359  4.070   1.00 25.82 ? 165  PRO A CD  1 
ATOM   1314 N N   . ASP A 1 166 ? 8.743   -8.894  8.013   1.00 35.33 ? 166  ASP A N   1 
ATOM   1315 C CA  . ASP A 1 166 ? 9.583   -9.969  8.493   1.00 38.92 ? 166  ASP A CA  1 
ATOM   1316 C C   . ASP A 1 166 ? 8.822   -11.290 8.486   1.00 40.25 ? 166  ASP A C   1 
ATOM   1317 O O   . ASP A 1 166 ? 7.582   -11.341 8.596   1.00 41.03 ? 166  ASP A O   1 
ATOM   1318 C CB  . ASP A 1 166 ? 10.122  -9.633  9.884   1.00 39.78 ? 166  ASP A CB  1 
ATOM   1319 C CG  . ASP A 1 166 ? 10.979  -8.372  9.887   1.00 42.73 ? 166  ASP A CG  1 
ATOM   1320 O OD1 . ASP A 1 166 ? 10.970  -7.652  10.910  1.00 46.93 ? 166  ASP A OD1 1 
ATOM   1321 O OD2 . ASP A 1 166 ? 11.654  -8.093  8.865   1.00 45.82 ? 166  ASP A OD2 1 
ATOM   1322 O OXT . ASP A 1 166 ? 9.456   -12.342 8.343   1.00 41.75 ? 166  ASP A OXT 1 
HETATM 1323 C C1  . IPA B 2 .   ? 1.042   11.020  -10.672 1.00 18.64 ? 1167 IPA A C1  1 
HETATM 1324 C C2  . IPA B 2 .   ? 2.017   12.183  -10.455 1.00 18.64 ? 1167 IPA A C2  1 
HETATM 1325 C C3  . IPA B 2 .   ? 1.898   12.724  -9.032  1.00 17.23 ? 1167 IPA A C3  1 
HETATM 1326 O O2  . IPA B 2 .   ? 1.730   13.185  -11.401 1.00 19.88 ? 1167 IPA A O2  1 
HETATM 1327 C C1  . IPA C 2 .   ? 0.704   2.863   12.982  0.50 52.18 ? 1168 IPA A C1  1 
HETATM 1328 C C2  . IPA C 2 .   ? 2.026   2.700   12.245  1.00 53.52 ? 1168 IPA A C2  1 
HETATM 1329 C C3  . IPA C 2 .   ? 2.467   4.050   11.697  1.00 52.98 ? 1168 IPA A C3  1 
HETATM 1330 O O2  . IPA C 2 .   ? 1.870   1.773   11.202  1.00 53.73 ? 1168 IPA A O2  1 
HETATM 1331 C C1  . IPA D 2 .   ? -11.208 21.822  -1.094  0.50 27.46 ? 1169 IPA A C1  1 
HETATM 1332 C C2  . IPA D 2 .   ? -12.520 22.087  -0.367  0.50 27.71 ? 1169 IPA A C2  1 
HETATM 1333 C C3  . IPA D 2 .   ? -12.300 23.369  0.426   0.50 26.50 ? 1169 IPA A C3  1 
HETATM 1334 O O2  . IPA D 2 .   ? -13.575 22.246  -1.296  0.50 27.19 ? 1169 IPA A O2  1 
HETATM 1335 C C1  . IPA E 2 .   ? 6.796   -3.270  -20.424 1.00 32.73 ? 1170 IPA A C1  1 
HETATM 1336 C C2  . IPA E 2 .   ? 6.659   -4.642  -19.794 1.00 34.10 ? 1170 IPA A C2  1 
HETATM 1337 C C3  . IPA E 2 .   ? 7.896   -5.420  -20.220 1.00 33.38 ? 1170 IPA A C3  1 
HETATM 1338 O O2  . IPA E 2 .   ? 6.651   -4.501  -18.373 1.00 32.11 ? 1170 IPA A O2  1 
HETATM 1339 O O   . HOH F 3 .   ? 17.229  6.283   9.264   1.00 52.19 ? 2001 HOH A O   1 
HETATM 1340 O O   . HOH F 3 .   ? 19.402  7.638   7.561   1.00 59.99 ? 2002 HOH A O   1 
HETATM 1341 O O   . HOH F 3 .   ? 16.942  4.629   2.034   1.00 42.38 ? 2003 HOH A O   1 
HETATM 1342 O O   . HOH F 3 .   ? 17.654  7.690   2.247   0.50 27.15 ? 2004 HOH A O   1 
HETATM 1343 O O   . HOH F 3 .   ? 19.452  7.215   2.969   0.50 36.67 ? 2005 HOH A O   1 
HETATM 1344 O O   . HOH F 3 .   ? 13.218  4.027   6.717   1.00 48.94 ? 2006 HOH A O   1 
HETATM 1345 O O   . HOH F 3 .   ? 8.151   -4.308  7.825   1.00 25.27 ? 2007 HOH A O   1 
HETATM 1346 O O   . HOH F 3 .   ? 6.366   0.673   15.321  0.50 21.08 ? 2008 HOH A O   1 
HETATM 1347 O O   . HOH F 3 .   ? 6.191   -6.613  9.894   1.00 26.51 ? 2009 HOH A O   1 
HETATM 1348 O O   . HOH F 3 .   ? -1.242  -1.642  15.885  0.50 22.65 ? 2010 HOH A O   1 
HETATM 1349 O O   . HOH F 3 .   ? -0.097  -0.103  14.651  0.50 27.24 ? 2011 HOH A O   1 
HETATM 1350 O O   . HOH F 3 .   ? 4.091   -2.849  14.098  0.50 31.00 ? 2012 HOH A O   1 
HETATM 1351 O O   . HOH F 3 .   ? 2.098   -1.687  12.496  1.00 34.72 ? 2013 HOH A O   1 
HETATM 1352 O O   . HOH F 3 .   ? -1.412  -13.233 17.695  1.00 37.28 ? 2014 HOH A O   1 
HETATM 1353 O O   . HOH F 3 .   ? 13.443  12.564  -4.809  0.50 27.11 ? 2015 HOH A O   1 
HETATM 1354 O O   . HOH F 3 .   ? 5.285   -8.691  13.316  1.00 52.36 ? 2016 HOH A O   1 
HETATM 1355 O O   . HOH F 3 .   ? 1.199   -12.845 -8.763  1.00 42.55 ? 2017 HOH A O   1 
HETATM 1356 O O   . HOH F 3 .   ? -2.620  -20.191 12.491  1.00 38.96 ? 2018 HOH A O   1 
HETATM 1357 O O   . HOH F 3 .   ? -0.136  -17.401 11.321  1.00 35.20 ? 2019 HOH A O   1 
HETATM 1358 O O   . HOH F 3 .   ? -5.938  -15.859 18.780  0.50 20.54 ? 2020 HOH A O   1 
HETATM 1359 O O   . HOH F 3 .   ? -10.346 -20.681 17.258  1.00 42.16 ? 2021 HOH A O   1 
HETATM 1360 O O   . HOH F 3 .   ? -4.977  -21.779 14.066  1.00 39.10 ? 2022 HOH A O   1 
HETATM 1361 O O   . HOH F 3 .   ? 1.159   -18.084 -3.676  1.00 57.54 ? 2023 HOH A O   1 
HETATM 1362 O O   . HOH F 3 .   ? -8.822  -20.722 14.916  1.00 22.62 ? 2024 HOH A O   1 
HETATM 1363 O O   . HOH F 3 .   ? -12.858 2.951   3.317   1.00 39.52 ? 2025 HOH A O   1 
HETATM 1364 O O   . HOH F 3 .   ? 1.920   22.314  -14.074 1.00 52.02 ? 2026 HOH A O   1 
HETATM 1365 O O   . HOH F 3 .   ? -5.121  -14.681 16.834  0.50 22.01 ? 2027 HOH A O   1 
HETATM 1366 O O   . HOH F 3 .   ? -14.066 -11.476 10.440  1.00 37.90 ? 2028 HOH A O   1 
HETATM 1367 O O   . HOH F 3 .   ? -16.659 -10.711 -2.834  0.50 36.02 ? 2029 HOH A O   1 
HETATM 1368 O O   . HOH F 3 .   ? -4.072  -7.883  14.073  1.00 28.41 ? 2030 HOH A O   1 
HETATM 1369 O O   . HOH F 3 .   ? -14.267 0.271   -0.613  1.00 52.94 ? 2031 HOH A O   1 
HETATM 1370 O O   . HOH F 3 .   ? -10.491 4.911   7.525   1.00 47.66 ? 2032 HOH A O   1 
HETATM 1371 O O   . HOH F 3 .   ? -0.109  -2.495  11.039  1.00 22.18 ? 2033 HOH A O   1 
HETATM 1372 O O   . HOH F 3 .   ? -6.839  18.461  4.197   1.00 45.26 ? 2034 HOH A O   1 
HETATM 1373 O O   . HOH F 3 .   ? 4.313   10.067  9.896   0.50 31.21 ? 2035 HOH A O   1 
HETATM 1374 O O   . HOH F 3 .   ? 2.607   9.314   10.645  0.50 27.66 ? 2036 HOH A O   1 
HETATM 1375 O O   . HOH F 3 .   ? -5.366  25.219  -0.459  1.00 38.53 ? 2037 HOH A O   1 
HETATM 1376 O O   . HOH F 3 .   ? 9.310   8.744   8.503   1.00 43.22 ? 2038 HOH A O   1 
HETATM 1377 O O   . HOH F 3 .   ? 11.403  14.010  -5.360  0.50 16.37 ? 2039 HOH A O   1 
HETATM 1378 O O   . HOH F 3 .   ? 13.020  11.012  -1.615  1.00 28.97 ? 2040 HOH A O   1 
HETATM 1379 O O   . HOH F 3 .   ? -3.773  1.726   -12.316 0.50 36.64 ? 2041 HOH A O   1 
HETATM 1380 O O   . HOH F 3 .   ? -2.374  2.795   -12.005 0.50 29.58 ? 2042 HOH A O   1 
HETATM 1381 O O   . HOH F 3 .   ? 12.118  20.905  -3.413  1.00 44.43 ? 2043 HOH A O   1 
HETATM 1382 O O   . HOH F 3 .   ? 10.342  20.309  -0.470  1.00 39.69 ? 2044 HOH A O   1 
HETATM 1383 O O   . HOH F 3 .   ? -2.615  12.406  -11.933 1.00 26.73 ? 2045 HOH A O   1 
HETATM 1384 O O   . HOH F 3 .   ? -0.228  18.762  -13.600 1.00 32.86 ? 2046 HOH A O   1 
HETATM 1385 O O   . HOH F 3 .   ? -2.014  22.572  -13.208 1.00 46.34 ? 2047 HOH A O   1 
HETATM 1386 O O   . HOH F 3 .   ? 5.438   26.567  -8.036  1.00 39.78 ? 2048 HOH A O   1 
HETATM 1387 O O   . HOH F 3 .   ? 4.291   23.311  -11.134 1.00 32.34 ? 2049 HOH A O   1 
HETATM 1388 O O   . HOH F 3 .   ? 7.336   26.236  -9.789  1.00 48.90 ? 2050 HOH A O   1 
HETATM 1389 O O   . HOH F 3 .   ? -0.232  -2.110  -12.528 1.00 35.29 ? 2051 HOH A O   1 
HETATM 1390 O O   . HOH F 3 .   ? 0.756   18.397  5.298   1.00 50.28 ? 2052 HOH A O   1 
HETATM 1391 O O   . HOH F 3 .   ? 2.513   15.115  6.166   1.00 53.14 ? 2053 HOH A O   1 
HETATM 1392 O O   . HOH F 3 .   ? -4.671  16.469  4.937   1.00 49.21 ? 2054 HOH A O   1 
HETATM 1393 O O   . HOH F 3 .   ? 1.694   -9.910  -9.762  0.50 16.77 ? 2055 HOH A O   1 
HETATM 1394 O O   . HOH F 3 .   ? 0.112   -7.730  -10.723 1.00 28.24 ? 2056 HOH A O   1 
HETATM 1395 O O   . HOH F 3 .   ? -7.984  -12.255 -0.846  1.00 18.86 ? 2057 HOH A O   1 
HETATM 1396 O O   . HOH F 3 .   ? 3.268   -15.060 -2.114  1.00 42.93 ? 2058 HOH A O   1 
HETATM 1397 O O   . HOH F 3 .   ? 1.771   -19.615 1.233   1.00 28.67 ? 2059 HOH A O   1 
HETATM 1398 O O   . HOH F 3 .   ? -0.862  -19.915 -4.695  0.50 22.27 ? 2060 HOH A O   1 
HETATM 1399 O O   . HOH F 3 .   ? -1.990  -20.384 -3.696  0.50 20.86 ? 2061 HOH A O   1 
HETATM 1400 O O   . HOH F 3 .   ? -1.016  -22.579 -0.536  1.00 33.26 ? 2062 HOH A O   1 
HETATM 1401 O O   . HOH F 3 .   ? -8.017  -15.141 -0.199  1.00 23.59 ? 2063 HOH A O   1 
HETATM 1402 O O   . HOH F 3 .   ? 2.846   -12.395 7.015   1.00 48.65 ? 2064 HOH A O   1 
HETATM 1403 O O   . HOH F 3 .   ? 9.969   -10.793 1.456   0.50 20.93 ? 2065 HOH A O   1 
HETATM 1404 O O   . HOH F 3 .   ? 8.991   -12.304 1.834   0.50 29.85 ? 2066 HOH A O   1 
HETATM 1405 O O   . HOH F 3 .   ? 10.048  -7.270  -13.573 1.00 48.39 ? 2067 HOH A O   1 
HETATM 1406 O O   . HOH F 3 .   ? -10.161 -10.464 -0.777  1.00 22.67 ? 2068 HOH A O   1 
HETATM 1407 O O   . HOH F 3 .   ? -11.636 0.581   7.850   1.00 49.85 ? 2069 HOH A O   1 
HETATM 1408 O O   . HOH F 3 .   ? -11.905 -1.973  2.739   1.00 33.30 ? 2070 HOH A O   1 
HETATM 1409 O O   . HOH F 3 .   ? -13.074 1.517   6.045   1.00 40.11 ? 2071 HOH A O   1 
HETATM 1410 O O   . HOH F 3 .   ? -8.837  1.213   8.507   1.00 50.74 ? 2072 HOH A O   1 
HETATM 1411 O O   . HOH F 3 .   ? 2.373   19.999  -13.181 1.00 41.44 ? 2073 HOH A O   1 
HETATM 1412 O O   . HOH F 3 .   ? -16.330 -2.311  5.000   1.00 36.97 ? 2074 HOH A O   1 
HETATM 1413 O O   . HOH F 3 .   ? -16.969 -9.594  8.534   1.00 56.59 ? 2075 HOH A O   1 
HETATM 1414 O O   . HOH F 3 .   ? -13.925 -11.654 7.495   1.00 43.26 ? 2076 HOH A O   1 
HETATM 1415 O O   . HOH F 3 .   ? 18.947  5.069   -7.165  1.00 54.83 ? 2077 HOH A O   1 
HETATM 1416 O O   . HOH F 3 .   ? -13.365 -4.062  1.724   1.00 32.60 ? 2078 HOH A O   1 
HETATM 1417 O O   . HOH F 3 .   ? -16.817 -10.685 2.597   1.00 39.06 ? 2079 HOH A O   1 
HETATM 1418 O O   . HOH F 3 .   ? -17.218 -12.725 -2.630  0.50 24.02 ? 2080 HOH A O   1 
HETATM 1419 O O   . HOH F 3 .   ? -10.550 -14.643 -2.721  0.75 39.53 ? 2081 HOH A O   1 
HETATM 1420 O O   . HOH F 3 .   ? -12.642 -14.606 -1.947  0.25 10.75 ? 2082 HOH A O   1 
HETATM 1421 O O   . HOH F 3 .   ? -13.107 -10.803 -3.636  1.00 36.79 ? 2083 HOH A O   1 
HETATM 1422 O O   . HOH F 3 .   ? -16.744 -8.141  -0.549  1.00 27.01 ? 2084 HOH A O   1 
HETATM 1423 O O   . HOH F 3 .   ? 15.014  -1.830  -3.178  0.50 30.02 ? 2085 HOH A O   1 
HETATM 1424 O O   . HOH F 3 .   ? 13.070  -9.246  -0.779  0.50 24.62 ? 2086 HOH A O   1 
HETATM 1425 O O   . HOH F 3 .   ? -15.759 -5.283  -7.846  0.75 34.84 ? 2087 HOH A O   1 
HETATM 1426 O O   . HOH F 3 .   ? -13.674 -8.358  -7.638  1.00 38.43 ? 2088 HOH A O   1 
HETATM 1427 O O   . HOH F 3 .   ? -15.400 -7.213  -8.936  0.25 18.16 ? 2089 HOH A O   1 
HETATM 1428 O O   . HOH F 3 .   ? -11.973 0.346   1.329   1.00 24.12 ? 2090 HOH A O   1 
HETATM 1429 O O   . HOH F 3 .   ? -12.795 1.535   -2.517  1.00 23.42 ? 2091 HOH A O   1 
HETATM 1430 O O   . HOH F 3 .   ? -10.652 3.777   0.931   1.00 28.43 ? 2092 HOH A O   1 
HETATM 1431 O O   . HOH F 3 .   ? -5.853  4.548   2.317   0.50 16.08 ? 2093 HOH A O   1 
HETATM 1432 O O   . HOH F 3 .   ? -4.810  5.097   9.984   1.00 30.64 ? 2094 HOH A O   1 
HETATM 1433 O O   . HOH F 3 .   ? -9.957  5.934   5.150   1.00 50.65 ? 2095 HOH A O   1 
HETATM 1434 O O   . HOH F 3 .   ? -7.689  5.753   1.985   0.50 20.97 ? 2096 HOH A O   1 
HETATM 1435 O O   . HOH F 3 .   ? -9.688  10.428  -2.087  0.50 24.14 ? 2097 HOH A O   1 
HETATM 1436 O O   . HOH F 3 .   ? -8.012  8.009   5.756   1.00 34.19 ? 2098 HOH A O   1 
HETATM 1437 O O   . HOH F 3 .   ? -9.789  9.704   2.504   1.00 58.62 ? 2099 HOH A O   1 
HETATM 1438 O O   . HOH F 3 .   ? 0.874   9.644   10.185  0.50 20.16 ? 2100 HOH A O   1 
HETATM 1439 O O   . HOH F 3 .   ? 0.788   10.702  9.205   0.50 26.18 ? 2101 HOH A O   1 
HETATM 1440 O O   . HOH F 3 .   ? -10.499 11.314  8.258   1.00 63.75 ? 2102 HOH A O   1 
HETATM 1441 O O   . HOH F 3 .   ? -7.845  21.844  2.038   1.00 30.31 ? 2103 HOH A O   1 
HETATM 1442 O O   . HOH F 3 .   ? -9.687  18.179  2.159   1.00 31.51 ? 2104 HOH A O   1 
HETATM 1443 O O   . HOH F 3 .   ? -10.483 17.109  -5.333  1.00 20.32 ? 2105 HOH A O   1 
HETATM 1444 O O   . HOH F 3 .   ? -9.913  12.586  0.012   1.00 37.33 ? 2106 HOH A O   1 
HETATM 1445 O O   . HOH F 3 .   ? -6.549  24.117  -4.568  1.00 28.28 ? 2107 HOH A O   1 
HETATM 1446 O O   . HOH F 3 .   ? -4.421  23.342  1.291   1.00 52.28 ? 2108 HOH A O   1 
HETATM 1447 O O   . HOH F 3 .   ? -10.638 10.760  -4.269  0.50 19.34 ? 2109 HOH A O   1 
HETATM 1448 O O   . HOH F 3 .   ? -10.967 2.173   -8.747  1.00 36.74 ? 2110 HOH A O   1 
HETATM 1449 O O   . HOH F 3 .   ? -11.056 -2.163  -10.808 1.00 38.55 ? 2111 HOH A O   1 
HETATM 1450 O O   . HOH F 3 .   ? -8.759  -6.005  -11.200 1.00 43.80 ? 2112 HOH A O   1 
HETATM 1451 O O   . HOH F 3 .   ? -4.529  -7.199  -10.894 1.00 39.85 ? 2113 HOH A O   1 
HETATM 1452 O O   . HOH F 3 .   ? -9.232  -13.681 -10.963 1.00 29.48 ? 2114 HOH A O   1 
HETATM 1453 O O   . HOH F 3 .   ? -10.353 -11.833 -8.124  1.00 31.35 ? 2115 HOH A O   1 
HETATM 1454 O O   . HOH F 3 .   ? -14.277 -14.882 -9.995  1.00 44.78 ? 2116 HOH A O   1 
HETATM 1455 O O   . HOH F 3 .   ? -5.792  -18.895 -6.577  1.00 20.84 ? 2117 HOH A O   1 
HETATM 1456 O O   . HOH F 3 .   ? -8.001  -16.444 -11.019 1.00 42.04 ? 2118 HOH A O   1 
HETATM 1457 O O   . HOH F 3 .   ? -0.256  -14.341 -5.491  1.00 29.14 ? 2119 HOH A O   1 
HETATM 1458 O O   . HOH F 3 .   ? -3.930  0.534   -9.804  1.00 41.27 ? 2120 HOH A O   1 
HETATM 1459 O O   . HOH F 3 .   ? -0.757  14.372  -11.024 1.00 18.89 ? 2121 HOH A O   1 
HETATM 1460 O O   . HOH F 3 .   ? -1.268  16.320  -12.931 1.00 34.29 ? 2122 HOH A O   1 
HETATM 1461 O O   . HOH F 3 .   ? -3.653  14.258  -13.514 1.00 39.80 ? 2123 HOH A O   1 
HETATM 1462 O O   . HOH F 3 .   ? -1.456  26.646  -10.847 1.00 59.99 ? 2124 HOH A O   1 
HETATM 1463 O O   . HOH F 3 .   ? -3.948  28.457  -11.456 1.00 57.43 ? 2125 HOH A O   1 
HETATM 1464 O O   . HOH F 3 .   ? -6.622  26.792  -7.300  1.00 50.22 ? 2126 HOH A O   1 
HETATM 1465 O O   . HOH F 3 .   ? 3.373   24.873  -9.049  1.00 33.26 ? 2127 HOH A O   1 
HETATM 1466 O O   . HOH F 3 .   ? -1.415  20.430  -11.639 1.00 25.09 ? 2128 HOH A O   1 
HETATM 1467 O O   . HOH F 3 .   ? -2.384  26.054  -4.021  1.00 46.74 ? 2129 HOH A O   1 
HETATM 1468 O O   . HOH F 3 .   ? 8.071   24.689  -3.942  1.00 56.75 ? 2130 HOH A O   1 
HETATM 1469 O O   . HOH F 3 .   ? 6.879   24.081  -11.384 1.00 45.41 ? 2131 HOH A O   1 
HETATM 1470 O O   . HOH F 3 .   ? 11.443  23.603  -8.640  1.00 56.57 ? 2132 HOH A O   1 
HETATM 1471 O O   . HOH F 3 .   ? 0.775   27.198  -9.445  1.00 58.20 ? 2133 HOH A O   1 
HETATM 1472 O O   . HOH F 3 .   ? 7.705   18.449  4.709   1.00 57.63 ? 2134 HOH A O   1 
HETATM 1473 O O   . HOH F 3 .   ? 3.947   17.942  5.467   1.00 46.75 ? 2135 HOH A O   1 
HETATM 1474 O O   . HOH F 3 .   ? 8.138   20.515  2.030   1.00 58.55 ? 2136 HOH A O   1 
HETATM 1475 O O   . HOH F 3 .   ? -1.264  19.128  1.940   1.00 44.08 ? 2137 HOH A O   1 
HETATM 1476 O O   . HOH F 3 .   ? -3.391  14.793  3.288   1.00 22.90 ? 2138 HOH A O   1 
HETATM 1477 O O   . HOH F 3 .   ? 6.433   15.150  6.110   0.50 32.71 ? 2139 HOH A O   1 
HETATM 1478 O O   . HOH F 3 .   ? 5.151   15.017  6.866   0.50 34.37 ? 2140 HOH A O   1 
HETATM 1479 O O   . HOH F 3 .   ? 8.552   13.623  6.956   1.00 36.94 ? 2141 HOH A O   1 
HETATM 1480 O O   . HOH F 3 .   ? -7.015  3.408   10.895  1.00 46.28 ? 2142 HOH A O   1 
HETATM 1481 O O   . HOH F 3 .   ? -2.145  4.162   13.145  1.00 58.78 ? 2143 HOH A O   1 
HETATM 1482 O O   . HOH F 3 .   ? -16.590 -12.906 8.519   1.00 47.41 ? 2144 HOH A O   1 
HETATM 1483 O O   . HOH F 3 .   ? -12.452 -16.626 6.283   1.00 25.03 ? 2145 HOH A O   1 
HETATM 1484 O O   . HOH F 3 .   ? -2.331  -24.281 0.856   1.00 43.90 ? 2146 HOH A O   1 
HETATM 1485 O O   . HOH F 3 .   ? 2.073   -25.150 10.582  1.00 55.16 ? 2147 HOH A O   1 
HETATM 1486 O O   . HOH F 3 .   ? 0.171   -17.537 8.202   1.00 46.80 ? 2148 HOH A O   1 
HETATM 1487 O O   . HOH F 3 .   ? 4.245   -24.074 7.514   1.00 45.62 ? 2149 HOH A O   1 
HETATM 1488 O O   . HOH F 3 .   ? 7.080   -18.159 3.541   1.00 60.75 ? 2150 HOH A O   1 
HETATM 1489 O O   . HOH F 3 .   ? 3.032   -16.915 8.338   1.00 34.52 ? 2151 HOH A O   1 
HETATM 1490 O O   . HOH F 3 .   ? 0.595   -14.995 1.839   1.00 19.71 ? 2152 HOH A O   1 
HETATM 1491 O O   . HOH F 3 .   ? 4.265   -17.356 0.764   1.00 33.23 ? 2153 HOH A O   1 
HETATM 1492 O O   . HOH F 3 .   ? 7.642   -10.406 3.073   1.00 29.12 ? 2154 HOH A O   1 
HETATM 1493 O O   . HOH F 3 .   ? 4.667   -11.771 5.394   1.00 29.49 ? 2155 HOH A O   1 
HETATM 1494 O O   . HOH F 3 .   ? 7.663   -15.107 -0.698  1.00 46.70 ? 2156 HOH A O   1 
HETATM 1495 O O   . HOH F 3 .   ? 6.725   -15.456 -5.189  1.00 54.96 ? 2157 HOH A O   1 
HETATM 1496 O O   . HOH F 3 .   ? 9.316   -9.006  -4.061  1.00 29.34 ? 2158 HOH A O   1 
HETATM 1497 O O   . HOH F 3 .   ? 9.686   -11.478 -5.237  1.00 38.80 ? 2159 HOH A O   1 
HETATM 1498 O O   . HOH F 3 .   ? 3.844   -9.815  -9.154  0.50 13.99 ? 2160 HOH A O   1 
HETATM 1499 O O   . HOH F 3 .   ? 3.465   -13.756 -8.036  1.00 36.69 ? 2161 HOH A O   1 
HETATM 1500 O O   . HOH F 3 .   ? 12.570  -3.843  -9.027  1.00 25.00 ? 2162 HOH A O   1 
HETATM 1501 O O   . HOH F 3 .   ? 9.989   -7.871  -7.073  1.00 20.31 ? 2163 HOH A O   1 
HETATM 1502 O O   . HOH F 3 .   ? 8.343   -5.403  -14.240 1.00 32.19 ? 2164 HOH A O   1 
HETATM 1503 O O   . HOH F 3 .   ? -1.955  -5.440  -12.364 1.00 52.95 ? 2165 HOH A O   1 
HETATM 1504 O O   . HOH F 3 .   ? 7.372   -3.925  -11.711 1.00 25.99 ? 2166 HOH A O   1 
HETATM 1505 O O   . HOH F 3 .   ? 5.175   1.524   -14.996 1.00 23.74 ? 2167 HOH A O   1 
HETATM 1506 O O   . HOH F 3 .   ? 13.180  3.238   -10.746 1.00 36.82 ? 2168 HOH A O   1 
HETATM 1507 O O   . HOH F 3 .   ? 10.645  3.521   -10.049 1.00 38.72 ? 2169 HOH A O   1 
HETATM 1508 O O   . HOH F 3 .   ? 10.220  -3.074  -12.689 1.00 33.95 ? 2170 HOH A O   1 
HETATM 1509 O O   . HOH F 3 .   ? 11.415  15.708  -9.828  1.00 43.30 ? 2171 HOH A O   1 
HETATM 1510 O O   . HOH F 3 .   ? 3.884   20.619  -10.854 1.00 31.18 ? 2172 HOH A O   1 
HETATM 1511 O O   . HOH F 3 .   ? 11.366  20.690  -8.328  1.00 47.89 ? 2173 HOH A O   1 
HETATM 1512 O O   . HOH F 3 .   ? 10.401  19.148  -12.977 1.00 58.99 ? 2174 HOH A O   1 
HETATM 1513 O O   . HOH F 3 .   ? 9.831   14.733  -16.743 1.00 41.31 ? 2175 HOH A O   1 
HETATM 1514 O O   . HOH F 3 .   ? 9.976   10.417  -14.085 1.00 25.21 ? 2176 HOH A O   1 
HETATM 1515 O O   . HOH F 3 .   ? 13.526  7.987   -12.333 1.00 40.20 ? 2177 HOH A O   1 
HETATM 1516 O O   . HOH F 3 .   ? 13.265  11.582  -9.411  1.00 44.74 ? 2178 HOH A O   1 
HETATM 1517 O O   . HOH F 3 .   ? 9.695   4.741   -7.876  1.00 18.92 ? 2179 HOH A O   1 
HETATM 1518 O O   . HOH F 3 .   ? 14.256  10.620  -7.062  1.00 25.28 ? 2180 HOH A O   1 
HETATM 1519 O O   . HOH F 3 .   ? 14.215  8.543   -2.135  1.00 43.30 ? 2181 HOH A O   1 
HETATM 1520 O O   . HOH F 3 .   ? 18.547  7.597   -6.506  1.00 50.37 ? 2182 HOH A O   1 
HETATM 1521 O O   . HOH F 3 .   ? 16.002  8.638   -11.071 1.00 51.91 ? 2183 HOH A O   1 
HETATM 1522 O O   . HOH F 3 .   ? 16.564  3.464   -6.729  1.00 27.25 ? 2184 HOH A O   1 
HETATM 1523 O O   . HOH F 3 .   ? 16.203  2.104   -4.370  1.00 32.81 ? 2185 HOH A O   1 
HETATM 1524 O O   . HOH F 3 .   ? 15.138  -1.687  -1.430  0.50 14.65 ? 2186 HOH A O   1 
HETATM 1525 O O   . HOH F 3 .   ? 13.508  -4.902  -0.799  1.00 35.91 ? 2187 HOH A O   1 
HETATM 1526 O O   . HOH F 3 .   ? 12.939  -5.839  3.533   1.00 32.32 ? 2188 HOH A O   1 
HETATM 1527 O O   . HOH F 3 .   ? 12.407  -7.130  -1.636  0.50 20.87 ? 2189 HOH A O   1 
HETATM 1528 O O   . HOH F 3 .   ? 12.520  -6.719  6.130   1.00 52.22 ? 2190 HOH A O   1 
HETATM 1529 O O   . HOH F 3 .   ? 11.390  -10.460 4.872   1.00 66.41 ? 2191 HOH A O   1 
HETATM 1530 O O   . HOH F 3 .   ? 5.640   -9.835  9.419   1.00 47.99 ? 2192 HOH A O   1 
HETATM 1531 O O   . HOH F 3 .   ? 2.270   12.274  -13.975 1.00 46.53 ? 2193 HOH A O   1 
HETATM 1532 O O   . HOH F 3 .   ? 8.747   -4.777  -16.770 1.00 20.60 ? 2194 HOH A O   1 
# 
